data_7D9K
# 
_entry.id   7D9K 
# 
_audit_conform.dict_name       mmcif_pdbx.dic 
_audit_conform.dict_version    5.380 
_audit_conform.dict_location   http://mmcif.pdb.org/dictionaries/ascii/mmcif_pdbx.dic 
# 
loop_
_database_2.database_id 
_database_2.database_code 
_database_2.pdbx_database_accession 
_database_2.pdbx_DOI 
PDB   7D9K         pdb_00007d9k 10.2210/pdb7d9k/pdb 
WWPDB D_1300018994 ?            ?                   
# 
_pdbx_database_related.db_name        PDB 
_pdbx_database_related.details        'DBD LIG IV with different crystallisation condition and cell parameters' 
_pdbx_database_related.db_id          4HTO 
_pdbx_database_related.content_type   unspecified 
# 
_pdbx_database_status.status_code                     REL 
_pdbx_database_status.status_code_sf                  REL 
_pdbx_database_status.status_code_mr                  ? 
_pdbx_database_status.entry_id                        7D9K 
_pdbx_database_status.recvd_initial_deposition_date   2020-10-13 
_pdbx_database_status.SG_entry                        N 
_pdbx_database_status.deposit_site                    PDBJ 
_pdbx_database_status.process_site                    PDBJ 
_pdbx_database_status.status_code_cs                  ? 
_pdbx_database_status.status_code_nmr_data            ? 
_pdbx_database_status.methods_development_category    ? 
_pdbx_database_status.pdb_format_compatible           Y 
# 
loop_
_audit_author.name 
_audit_author.pdbx_ordinal 
_audit_author.identifier_ORCID 
'Maddi, E.R.'    1 0000-0002-6423-8486 
'Raghavan, S.C.' 2 0000-0003-3003-1417 
'Natesh, R.'     3 0000-0002-1145-5962 
# 
_citation.abstract                  ? 
_citation.abstract_id_CAS           ? 
_citation.book_id_ISBN              ? 
_citation.book_publisher            ? 
_citation.book_publisher_city       ? 
_citation.book_title                ? 
_citation.coordinate_linkage        ? 
_citation.country                   UK 
_citation.database_id_Medline       ? 
_citation.details                   ? 
_citation.id                        primary 
_citation.journal_abbrev            'Protein Eng.Des.Sel.' 
_citation.journal_id_ASTM           ? 
_citation.journal_id_CSD            ? 
_citation.journal_id_ISSN           1741-0134 
_citation.journal_full              ? 
_citation.journal_issue             ? 
_citation.journal_volume            34 
_citation.language                  ? 
_citation.page_first                ? 
_citation.page_last                 ? 
_citation.title                     
'Hypomorphic mutations in human DNA ligase IV lead to compromised DNA binding efficiency, hydrophobicity and thermal stability.' 
_citation.year                      2021 
_citation.database_id_CSD           ? 
_citation.pdbx_database_id_DOI      10.1093/protein/gzab001 
_citation.pdbx_database_id_PubMed   33586762 
_citation.unpublished_flag          ? 
# 
loop_
_citation_author.citation_id 
_citation_author.name 
_citation_author.ordinal 
_citation_author.identifier_ORCID 
primary 'Maddi, E.R.'    1 ? 
primary 'Raghavan, S.C.' 2 ? 
primary 'Natesh, R.'     3 ? 
# 
_cell.angle_alpha                  90.000 
_cell.angle_alpha_esd              ? 
_cell.angle_beta                   90.000 
_cell.angle_beta_esd               ? 
_cell.angle_gamma                  90.000 
_cell.angle_gamma_esd              ? 
_cell.entry_id                     7D9K 
_cell.details                      ? 
_cell.formula_units_Z              ? 
_cell.length_a                     202.869 
_cell.length_a_esd                 ? 
_cell.length_b                     202.869 
_cell.length_b_esd                 ? 
_cell.length_c                     202.869 
_cell.length_c_esd                 ? 
_cell.volume                       ? 
_cell.volume_esd                   ? 
_cell.Z_PDB                        96 
_cell.reciprocal_angle_alpha       ? 
_cell.reciprocal_angle_beta        ? 
_cell.reciprocal_angle_gamma       ? 
_cell.reciprocal_angle_alpha_esd   ? 
_cell.reciprocal_angle_beta_esd    ? 
_cell.reciprocal_angle_gamma_esd   ? 
_cell.reciprocal_length_a          ? 
_cell.reciprocal_length_b          ? 
_cell.reciprocal_length_c          ? 
_cell.reciprocal_length_a_esd      ? 
_cell.reciprocal_length_b_esd      ? 
_cell.reciprocal_length_c_esd      ? 
_cell.pdbx_unique_axis             ? 
# 
_symmetry.entry_id                         7D9K 
_symmetry.cell_setting                     ? 
_symmetry.Int_Tables_number                210 
_symmetry.space_group_name_Hall            ? 
_symmetry.space_group_name_H-M             'F 41 3 2' 
_symmetry.pdbx_full_space_group_name_H-M   ? 
# 
loop_
_entity.id 
_entity.type 
_entity.src_method 
_entity.pdbx_description 
_entity.formula_weight 
_entity.pdbx_number_of_molecules 
_entity.pdbx_ec 
_entity.pdbx_mutation 
_entity.pdbx_fragment 
_entity.details 
1 polymer man 'DNA ligase 4' 27627.938 1  6.5.1.1 ? 'DNA binding domain' ? 
2 water   nat water          18.015    21 ?       ? ?                    ? 
# 
_entity_name_com.entity_id   1 
_entity_name_com.name        'DNA ligase IV,Polydeoxyribonucleotide synthase [ATP] 4' 
# 
_entity_poly.entity_id                      1 
_entity_poly.type                           'polypeptide(L)' 
_entity_poly.nstd_linkage                   no 
_entity_poly.nstd_monomer                   no 
_entity_poly.pdbx_seq_one_letter_code       
;GSHMAASQTSQTVASHVPFADLCSTLERIQKSKGRAEKIRHFREFLDSWRKFHDALHKNHKDVTDSFYPAMRLILPQLER
ERMAYGIKETMLAKLYIELLNLPRDGKDALKLLNYRTPTGTHGDAGDFAMIAYFVLKPRCLQKGSLTIQQVNDLLDSIAS
NNSAKRKDLIKKSLLQLITQSSALEQKWLIRMIIKDLKLGVSQQTIFSVFHNDAAELHNVTTDLEKVCRQLHDPSVGLSD
ISI
;
_entity_poly.pdbx_seq_one_letter_code_can   
;GSHMAASQTSQTVASHVPFADLCSTLERIQKSKGRAEKIRHFREFLDSWRKFHDALHKNHKDVTDSFYPAMRLILPQLER
ERMAYGIKETMLAKLYIELLNLPRDGKDALKLLNYRTPTGTHGDAGDFAMIAYFVLKPRCLQKGSLTIQQVNDLLDSIAS
NNSAKRKDLIKKSLLQLITQSSALEQKWLIRMIIKDLKLGVSQQTIFSVFHNDAAELHNVTTDLEKVCRQLHDPSVGLSD
ISI
;
_entity_poly.pdbx_strand_id                 A 
_entity_poly.pdbx_target_identifier         ? 
# 
loop_
_entity_poly_seq.entity_id 
_entity_poly_seq.num 
_entity_poly_seq.mon_id 
_entity_poly_seq.hetero 
1 1   GLY n 
1 2   SER n 
1 3   HIS n 
1 4   MET n 
1 5   ALA n 
1 6   ALA n 
1 7   SER n 
1 8   GLN n 
1 9   THR n 
1 10  SER n 
1 11  GLN n 
1 12  THR n 
1 13  VAL n 
1 14  ALA n 
1 15  SER n 
1 16  HIS n 
1 17  VAL n 
1 18  PRO n 
1 19  PHE n 
1 20  ALA n 
1 21  ASP n 
1 22  LEU n 
1 23  CYS n 
1 24  SER n 
1 25  THR n 
1 26  LEU n 
1 27  GLU n 
1 28  ARG n 
1 29  ILE n 
1 30  GLN n 
1 31  LYS n 
1 32  SER n 
1 33  LYS n 
1 34  GLY n 
1 35  ARG n 
1 36  ALA n 
1 37  GLU n 
1 38  LYS n 
1 39  ILE n 
1 40  ARG n 
1 41  HIS n 
1 42  PHE n 
1 43  ARG n 
1 44  GLU n 
1 45  PHE n 
1 46  LEU n 
1 47  ASP n 
1 48  SER n 
1 49  TRP n 
1 50  ARG n 
1 51  LYS n 
1 52  PHE n 
1 53  HIS n 
1 54  ASP n 
1 55  ALA n 
1 56  LEU n 
1 57  HIS n 
1 58  LYS n 
1 59  ASN n 
1 60  HIS n 
1 61  LYS n 
1 62  ASP n 
1 63  VAL n 
1 64  THR n 
1 65  ASP n 
1 66  SER n 
1 67  PHE n 
1 68  TYR n 
1 69  PRO n 
1 70  ALA n 
1 71  MET n 
1 72  ARG n 
1 73  LEU n 
1 74  ILE n 
1 75  LEU n 
1 76  PRO n 
1 77  GLN n 
1 78  LEU n 
1 79  GLU n 
1 80  ARG n 
1 81  GLU n 
1 82  ARG n 
1 83  MET n 
1 84  ALA n 
1 85  TYR n 
1 86  GLY n 
1 87  ILE n 
1 88  LYS n 
1 89  GLU n 
1 90  THR n 
1 91  MET n 
1 92  LEU n 
1 93  ALA n 
1 94  LYS n 
1 95  LEU n 
1 96  TYR n 
1 97  ILE n 
1 98  GLU n 
1 99  LEU n 
1 100 LEU n 
1 101 ASN n 
1 102 LEU n 
1 103 PRO n 
1 104 ARG n 
1 105 ASP n 
1 106 GLY n 
1 107 LYS n 
1 108 ASP n 
1 109 ALA n 
1 110 LEU n 
1 111 LYS n 
1 112 LEU n 
1 113 LEU n 
1 114 ASN n 
1 115 TYR n 
1 116 ARG n 
1 117 THR n 
1 118 PRO n 
1 119 THR n 
1 120 GLY n 
1 121 THR n 
1 122 HIS n 
1 123 GLY n 
1 124 ASP n 
1 125 ALA n 
1 126 GLY n 
1 127 ASP n 
1 128 PHE n 
1 129 ALA n 
1 130 MET n 
1 131 ILE n 
1 132 ALA n 
1 133 TYR n 
1 134 PHE n 
1 135 VAL n 
1 136 LEU n 
1 137 LYS n 
1 138 PRO n 
1 139 ARG n 
1 140 CYS n 
1 141 LEU n 
1 142 GLN n 
1 143 LYS n 
1 144 GLY n 
1 145 SER n 
1 146 LEU n 
1 147 THR n 
1 148 ILE n 
1 149 GLN n 
1 150 GLN n 
1 151 VAL n 
1 152 ASN n 
1 153 ASP n 
1 154 LEU n 
1 155 LEU n 
1 156 ASP n 
1 157 SER n 
1 158 ILE n 
1 159 ALA n 
1 160 SER n 
1 161 ASN n 
1 162 ASN n 
1 163 SER n 
1 164 ALA n 
1 165 LYS n 
1 166 ARG n 
1 167 LYS n 
1 168 ASP n 
1 169 LEU n 
1 170 ILE n 
1 171 LYS n 
1 172 LYS n 
1 173 SER n 
1 174 LEU n 
1 175 LEU n 
1 176 GLN n 
1 177 LEU n 
1 178 ILE n 
1 179 THR n 
1 180 GLN n 
1 181 SER n 
1 182 SER n 
1 183 ALA n 
1 184 LEU n 
1 185 GLU n 
1 186 GLN n 
1 187 LYS n 
1 188 TRP n 
1 189 LEU n 
1 190 ILE n 
1 191 ARG n 
1 192 MET n 
1 193 ILE n 
1 194 ILE n 
1 195 LYS n 
1 196 ASP n 
1 197 LEU n 
1 198 LYS n 
1 199 LEU n 
1 200 GLY n 
1 201 VAL n 
1 202 SER n 
1 203 GLN n 
1 204 GLN n 
1 205 THR n 
1 206 ILE n 
1 207 PHE n 
1 208 SER n 
1 209 VAL n 
1 210 PHE n 
1 211 HIS n 
1 212 ASN n 
1 213 ASP n 
1 214 ALA n 
1 215 ALA n 
1 216 GLU n 
1 217 LEU n 
1 218 HIS n 
1 219 ASN n 
1 220 VAL n 
1 221 THR n 
1 222 THR n 
1 223 ASP n 
1 224 LEU n 
1 225 GLU n 
1 226 LYS n 
1 227 VAL n 
1 228 CYS n 
1 229 ARG n 
1 230 GLN n 
1 231 LEU n 
1 232 HIS n 
1 233 ASP n 
1 234 PRO n 
1 235 SER n 
1 236 VAL n 
1 237 GLY n 
1 238 LEU n 
1 239 SER n 
1 240 ASP n 
1 241 ILE n 
1 242 SER n 
1 243 ILE n 
# 
_entity_src_gen.entity_id                          1 
_entity_src_gen.pdbx_src_id                        1 
_entity_src_gen.pdbx_alt_source_flag               sample 
_entity_src_gen.pdbx_seq_type                      'Biological sequence' 
_entity_src_gen.pdbx_beg_seq_num                   1 
_entity_src_gen.pdbx_end_seq_num                   243 
_entity_src_gen.gene_src_common_name               Human 
_entity_src_gen.gene_src_genus                     ? 
_entity_src_gen.pdbx_gene_src_gene                 LIG4 
_entity_src_gen.gene_src_species                   ? 
_entity_src_gen.gene_src_strain                    ? 
_entity_src_gen.gene_src_tissue                    ? 
_entity_src_gen.gene_src_tissue_fraction           ? 
_entity_src_gen.gene_src_details                   ? 
_entity_src_gen.pdbx_gene_src_fragment             ? 
_entity_src_gen.pdbx_gene_src_scientific_name      'Homo sapiens' 
_entity_src_gen.pdbx_gene_src_ncbi_taxonomy_id     9606 
_entity_src_gen.pdbx_gene_src_variant              ? 
_entity_src_gen.pdbx_gene_src_cell_line            ? 
_entity_src_gen.pdbx_gene_src_atcc                 ? 
_entity_src_gen.pdbx_gene_src_organ                ? 
_entity_src_gen.pdbx_gene_src_organelle            ? 
_entity_src_gen.pdbx_gene_src_cell                 ? 
_entity_src_gen.pdbx_gene_src_cellular_location    ? 
_entity_src_gen.host_org_common_name               ? 
_entity_src_gen.pdbx_host_org_scientific_name      'Escherichia coli' 
_entity_src_gen.pdbx_host_org_ncbi_taxonomy_id     562 
_entity_src_gen.host_org_genus                     ? 
_entity_src_gen.pdbx_host_org_gene                 ? 
_entity_src_gen.pdbx_host_org_organ                ? 
_entity_src_gen.host_org_species                   ? 
_entity_src_gen.pdbx_host_org_tissue               ? 
_entity_src_gen.pdbx_host_org_tissue_fraction      ? 
_entity_src_gen.pdbx_host_org_strain               'BL21DE3 Codon Plus RIPL' 
_entity_src_gen.pdbx_host_org_variant              ? 
_entity_src_gen.pdbx_host_org_cell_line            ? 
_entity_src_gen.pdbx_host_org_atcc                 ? 
_entity_src_gen.pdbx_host_org_culture_collection   ? 
_entity_src_gen.pdbx_host_org_cell                 ? 
_entity_src_gen.pdbx_host_org_organelle            ? 
_entity_src_gen.pdbx_host_org_cellular_location    ? 
_entity_src_gen.pdbx_host_org_vector_type          plasmid 
_entity_src_gen.pdbx_host_org_vector               ? 
_entity_src_gen.host_org_details                   'DBDLigIV cloned at NdeI and BamHI restriction site in pET15b' 
_entity_src_gen.expression_system_id               ? 
_entity_src_gen.plasmid_name                       'pET15b, pENH240' 
_entity_src_gen.plasmid_details                    ? 
_entity_src_gen.pdbx_description                   ? 
# 
_struct_ref.id                         1 
_struct_ref.db_name                    UNP 
_struct_ref.db_code                    DNLI4_HUMAN 
_struct_ref.pdbx_db_accession          P49917 
_struct_ref.pdbx_db_isoform            ? 
_struct_ref.entity_id                  1 
_struct_ref.pdbx_seq_one_letter_code   
;MAASQTSQTVASHVPFADLCSTLERIQKSKGRAEKIRHFREFLDSWRKFHDALHKNHKDVTDSFYPAMRLILPQLERERM
AYGIKETMLAKLYIELLNLPRDGKDALKLLNYRTPTGTHGDAGDFAMIAYFVLKPRCLQKGSLTIQQVNDLLDSIASNNS
AKRKDLIKKSLLQLITQSSALEQKWLIRMIIKDLKLGVSQQTIFSVFHNDAAELHNVTTDLEKVCRQLHDPSVGLSDISI

;
_struct_ref.pdbx_align_begin           1 
# 
_struct_ref_seq.align_id                      1 
_struct_ref_seq.ref_id                        1 
_struct_ref_seq.pdbx_PDB_id_code              7D9K 
_struct_ref_seq.pdbx_strand_id                A 
_struct_ref_seq.seq_align_beg                 4 
_struct_ref_seq.pdbx_seq_align_beg_ins_code   ? 
_struct_ref_seq.seq_align_end                 243 
_struct_ref_seq.pdbx_seq_align_end_ins_code   ? 
_struct_ref_seq.pdbx_db_accession             P49917 
_struct_ref_seq.db_align_beg                  1 
_struct_ref_seq.pdbx_db_align_beg_ins_code    ? 
_struct_ref_seq.db_align_end                  240 
_struct_ref_seq.pdbx_db_align_end_ins_code    ? 
_struct_ref_seq.pdbx_auth_seq_align_beg       1 
_struct_ref_seq.pdbx_auth_seq_align_end       240 
# 
loop_
_struct_ref_seq_dif.align_id 
_struct_ref_seq_dif.pdbx_pdb_id_code 
_struct_ref_seq_dif.mon_id 
_struct_ref_seq_dif.pdbx_pdb_strand_id 
_struct_ref_seq_dif.seq_num 
_struct_ref_seq_dif.pdbx_pdb_ins_code 
_struct_ref_seq_dif.pdbx_seq_db_name 
_struct_ref_seq_dif.pdbx_seq_db_accession_code 
_struct_ref_seq_dif.db_mon_id 
_struct_ref_seq_dif.pdbx_seq_db_seq_num 
_struct_ref_seq_dif.details 
_struct_ref_seq_dif.pdbx_auth_seq_num 
_struct_ref_seq_dif.pdbx_ordinal 
1 7D9K GLY A 1 ? UNP P49917 ? ? 'expression tag' -2 1 
1 7D9K SER A 2 ? UNP P49917 ? ? 'expression tag' -1 2 
1 7D9K HIS A 3 ? UNP P49917 ? ? 'expression tag' 0  3 
# 
loop_
_chem_comp.id 
_chem_comp.type 
_chem_comp.mon_nstd_flag 
_chem_comp.name 
_chem_comp.pdbx_synonyms 
_chem_comp.formula 
_chem_comp.formula_weight 
ALA 'L-peptide linking' y ALANINE         ? 'C3 H7 N O2'     89.093  
ARG 'L-peptide linking' y ARGININE        ? 'C6 H15 N4 O2 1' 175.209 
ASN 'L-peptide linking' y ASPARAGINE      ? 'C4 H8 N2 O3'    132.118 
ASP 'L-peptide linking' y 'ASPARTIC ACID' ? 'C4 H7 N O4'     133.103 
CYS 'L-peptide linking' y CYSTEINE        ? 'C3 H7 N O2 S'   121.158 
GLN 'L-peptide linking' y GLUTAMINE       ? 'C5 H10 N2 O3'   146.144 
GLU 'L-peptide linking' y 'GLUTAMIC ACID' ? 'C5 H9 N O4'     147.129 
GLY 'peptide linking'   y GLYCINE         ? 'C2 H5 N O2'     75.067  
HIS 'L-peptide linking' y HISTIDINE       ? 'C6 H10 N3 O2 1' 156.162 
HOH non-polymer         . WATER           ? 'H2 O'           18.015  
ILE 'L-peptide linking' y ISOLEUCINE      ? 'C6 H13 N O2'    131.173 
LEU 'L-peptide linking' y LEUCINE         ? 'C6 H13 N O2'    131.173 
LYS 'L-peptide linking' y LYSINE          ? 'C6 H15 N2 O2 1' 147.195 
MET 'L-peptide linking' y METHIONINE      ? 'C5 H11 N O2 S'  149.211 
PHE 'L-peptide linking' y PHENYLALANINE   ? 'C9 H11 N O2'    165.189 
PRO 'L-peptide linking' y PROLINE         ? 'C5 H9 N O2'     115.130 
SER 'L-peptide linking' y SERINE          ? 'C3 H7 N O3'     105.093 
THR 'L-peptide linking' y THREONINE       ? 'C4 H9 N O3'     119.119 
TRP 'L-peptide linking' y TRYPTOPHAN      ? 'C11 H12 N2 O2'  204.225 
TYR 'L-peptide linking' y TYROSINE        ? 'C9 H11 N O3'    181.189 
VAL 'L-peptide linking' y VALINE          ? 'C5 H11 N O2'    117.146 
# 
_exptl.absorpt_coefficient_mu     ? 
_exptl.absorpt_correction_T_max   ? 
_exptl.absorpt_correction_T_min   ? 
_exptl.absorpt_correction_type    ? 
_exptl.absorpt_process_details    ? 
_exptl.entry_id                   7D9K 
_exptl.crystals_number            1 
_exptl.details                    ? 
_exptl.method                     'X-RAY DIFFRACTION' 
_exptl.method_details             ? 
# 
_exptl_crystal.colour                      ? 
_exptl_crystal.density_diffrn              ? 
_exptl_crystal.density_Matthews            3.18 
_exptl_crystal.density_method              ? 
_exptl_crystal.density_percent_sol         61.33 
_exptl_crystal.description                 
;Cubic crystals of DBD LigIV-Wt exhibiting a characteristic bipyramidal shape. Actual dimensions of the largest crystal are of the order of 0.25 um to 0.26 mm.
;
_exptl_crystal.F_000                       ? 
_exptl_crystal.id                          1 
_exptl_crystal.preparation                 ? 
_exptl_crystal.size_max                    ? 
_exptl_crystal.size_mid                    ? 
_exptl_crystal.size_min                    ? 
_exptl_crystal.size_rad                    ? 
_exptl_crystal.colour_lustre               ? 
_exptl_crystal.colour_modifier             ? 
_exptl_crystal.colour_primary              ? 
_exptl_crystal.density_meas                ? 
_exptl_crystal.density_meas_esd            ? 
_exptl_crystal.density_meas_gt             ? 
_exptl_crystal.density_meas_lt             ? 
_exptl_crystal.density_meas_temp           ? 
_exptl_crystal.density_meas_temp_esd       ? 
_exptl_crystal.density_meas_temp_gt        ? 
_exptl_crystal.density_meas_temp_lt        ? 
_exptl_crystal.pdbx_crystal_image_url      ? 
_exptl_crystal.pdbx_crystal_image_format   ? 
_exptl_crystal.pdbx_mosaicity              ? 
_exptl_crystal.pdbx_mosaicity_esd          ? 
# 
_exptl_crystal_grow.apparatus       ? 
_exptl_crystal_grow.atmosphere      ? 
_exptl_crystal_grow.crystal_id      1 
_exptl_crystal_grow.details         ? 
_exptl_crystal_grow.method          'VAPOR DIFFUSION, HANGING DROP' 
_exptl_crystal_grow.method_ref      ? 
_exptl_crystal_grow.pH              8.0 
_exptl_crystal_grow.pressure        ? 
_exptl_crystal_grow.pressure_esd    ? 
_exptl_crystal_grow.seeding         ? 
_exptl_crystal_grow.seeding_ref     ? 
_exptl_crystal_grow.temp            277.15 
_exptl_crystal_grow.temp_details    'Rubarth Incubator Vibration Free' 
_exptl_crystal_grow.temp_esd        ? 
_exptl_crystal_grow.time            ? 
_exptl_crystal_grow.pdbx_details    '0.1 M Tris pH 8.0, 20 % SOKALAN CP 42, 5% Methanol' 
_exptl_crystal_grow.pdbx_pH_range   ? 
# 
_diffrn.ambient_environment              ? 
_diffrn.ambient_temp                     100 
_diffrn.ambient_temp_details             LN2 
_diffrn.ambient_temp_esd                 ? 
_diffrn.crystal_id                       1 
_diffrn.crystal_support                  ? 
_diffrn.crystal_treatment                ? 
_diffrn.details                          ? 
_diffrn.id                               1 
_diffrn.ambient_pressure                 ? 
_diffrn.ambient_pressure_esd             ? 
_diffrn.ambient_pressure_gt              ? 
_diffrn.ambient_pressure_lt              ? 
_diffrn.ambient_temp_gt                  ? 
_diffrn.ambient_temp_lt                  ? 
_diffrn.pdbx_serial_crystal_experiment   N 
# 
_diffrn_detector.details                      'Beamline Optics OH1/OH3' 
_diffrn_detector.detector                     PIXEL 
_diffrn_detector.diffrn_id                    1 
_diffrn_detector.type                         'DECTRIS PILATUS 6M' 
_diffrn_detector.area_resol_mean              ? 
_diffrn_detector.dtime                        ? 
_diffrn_detector.pdbx_frames_total            ? 
_diffrn_detector.pdbx_collection_time_total   ? 
_diffrn_detector.pdbx_collection_date         2018-11-23 
_diffrn_detector.pdbx_frequency               ? 
# 
_diffrn_radiation.collimation                      ? 
_diffrn_radiation.diffrn_id                        1 
_diffrn_radiation.filter_edge                      ? 
_diffrn_radiation.inhomogeneity                    ? 
_diffrn_radiation.monochromator                    'Si (111)' 
_diffrn_radiation.polarisn_norm                    ? 
_diffrn_radiation.polarisn_ratio                   ? 
_diffrn_radiation.probe                            ? 
_diffrn_radiation.type                             ? 
_diffrn_radiation.xray_symbol                      ? 
_diffrn_radiation.wavelength_id                    1 
_diffrn_radiation.pdbx_monochromatic_or_laue_m_l   M 
_diffrn_radiation.pdbx_wavelength_list             ? 
_diffrn_radiation.pdbx_wavelength                  ? 
_diffrn_radiation.pdbx_diffrn_protocol             'SINGLE WAVELENGTH' 
_diffrn_radiation.pdbx_analyzer                    ? 
_diffrn_radiation.pdbx_scattering_type             x-ray 
# 
_diffrn_radiation_wavelength.id           1 
_diffrn_radiation_wavelength.wavelength   0.97927 
_diffrn_radiation_wavelength.wt           1.0 
# 
_diffrn_source.current                     ? 
_diffrn_source.details                     ? 
_diffrn_source.diffrn_id                   1 
_diffrn_source.power                       ? 
_diffrn_source.size                        ? 
_diffrn_source.source                      SYNCHROTRON 
_diffrn_source.target                      ? 
_diffrn_source.type                        'ESRF BEAMLINE ID30B' 
_diffrn_source.voltage                     ? 
_diffrn_source.take-off_angle              ? 
_diffrn_source.pdbx_wavelength_list        0.97927 
_diffrn_source.pdbx_wavelength             ? 
_diffrn_source.pdbx_synchrotron_beamline   ID30B 
_diffrn_source.pdbx_synchrotron_site       ESRF 
# 
_reflns.B_iso_Wilson_estimate            61.810 
_reflns.entry_id                         7D9K 
_reflns.data_reduction_details           ? 
_reflns.data_reduction_method            ? 
_reflns.d_resolution_high                2.900 
_reflns.d_resolution_low                 39.042 
_reflns.details                          ? 
_reflns.limit_h_max                      ? 
_reflns.limit_h_min                      ? 
_reflns.limit_k_max                      ? 
_reflns.limit_k_min                      ? 
_reflns.limit_l_max                      ? 
_reflns.limit_l_min                      ? 
_reflns.number_all                       ? 
_reflns.number_obs                       8410 
_reflns.observed_criterion               ? 
_reflns.observed_criterion_F_max         ? 
_reflns.observed_criterion_F_min         ? 
_reflns.observed_criterion_I_max         ? 
_reflns.observed_criterion_I_min         ? 
_reflns.observed_criterion_sigma_F       ? 
_reflns.observed_criterion_sigma_I       ? 
_reflns.percent_possible_obs             99.900 
_reflns.R_free_details                   ? 
_reflns.Rmerge_F_all                     ? 
_reflns.Rmerge_F_obs                     ? 
_reflns.Friedel_coverage                 ? 
_reflns.number_gt                        ? 
_reflns.threshold_expression             ? 
_reflns.pdbx_redundancy                  15.700 
_reflns.pdbx_Rmerge_I_obs                0.349 
_reflns.pdbx_Rmerge_I_all                ? 
_reflns.pdbx_Rsym_value                  ? 
_reflns.pdbx_netI_over_av_sigmaI         ? 
_reflns.pdbx_netI_over_sigmaI            5.800 
_reflns.pdbx_res_netI_over_av_sigmaI_2   ? 
_reflns.pdbx_res_netI_over_sigmaI_2      ? 
_reflns.pdbx_chi_squared                 ? 
_reflns.pdbx_scaling_rejects             ? 
_reflns.pdbx_d_res_high_opt              ? 
_reflns.pdbx_d_res_low_opt               ? 
_reflns.pdbx_d_res_opt_method            ? 
_reflns.phase_calculation_details        ? 
_reflns.pdbx_Rrim_I_all                  0.362 
_reflns.pdbx_Rpim_I_all                  0.092 
_reflns.pdbx_d_opt                       ? 
_reflns.pdbx_number_measured_all         ? 
_reflns.pdbx_diffrn_id                   1 
_reflns.pdbx_ordinal                     1 
_reflns.pdbx_CC_half                     0.948 
_reflns.pdbx_CC_star                     ? 
_reflns.pdbx_R_split                     ? 
# 
loop_
_reflns_shell.d_res_high 
_reflns_shell.d_res_low 
_reflns_shell.meanI_over_sigI_all 
_reflns_shell.meanI_over_sigI_obs 
_reflns_shell.number_measured_all 
_reflns_shell.number_measured_obs 
_reflns_shell.number_possible 
_reflns_shell.number_unique_all 
_reflns_shell.number_unique_obs 
_reflns_shell.percent_possible_all 
_reflns_shell.percent_possible_obs 
_reflns_shell.Rmerge_F_all 
_reflns_shell.Rmerge_F_obs 
_reflns_shell.Rmerge_I_all 
_reflns_shell.Rmerge_I_obs 
_reflns_shell.meanI_over_sigI_gt 
_reflns_shell.meanI_over_uI_all 
_reflns_shell.meanI_over_uI_gt 
_reflns_shell.number_measured_gt 
_reflns_shell.number_unique_gt 
_reflns_shell.percent_possible_gt 
_reflns_shell.Rmerge_F_gt 
_reflns_shell.Rmerge_I_gt 
_reflns_shell.pdbx_redundancy 
_reflns_shell.pdbx_Rsym_value 
_reflns_shell.pdbx_chi_squared 
_reflns_shell.pdbx_netI_over_sigmaI_all 
_reflns_shell.pdbx_netI_over_sigmaI_obs 
_reflns_shell.pdbx_Rrim_I_all 
_reflns_shell.pdbx_Rpim_I_all 
_reflns_shell.pdbx_rejects 
_reflns_shell.pdbx_ordinal 
_reflns_shell.pdbx_diffrn_id 
_reflns_shell.pdbx_CC_half 
_reflns_shell.pdbx_CC_star 
_reflns_shell.pdbx_R_split 
2.900 3.080 ? ? ? ? ? ? 1313 100.000 ? ? ? ? 1.335 ? ? ? ? ? ? ? ? 16.200 ? ? ? ? 1.378 0.341 ? 1 1 0.706 ? ? 
8.7   39.04 ? ? ? ? ? ? 381  99.000  ? ? ? ? 0.130 ? ? ? ? ? ? ? ? 11.000 ? ? ? ? 0.138 0.042 ? 2 1 0.916 ? ? 
# 
_refine.aniso_B[1][1]                            ? 
_refine.aniso_B[1][2]                            ? 
_refine.aniso_B[1][3]                            ? 
_refine.aniso_B[2][2]                            ? 
_refine.aniso_B[2][3]                            ? 
_refine.aniso_B[3][3]                            ? 
_refine.B_iso_max                                136.100 
_refine.B_iso_mean                               63.8416 
_refine.B_iso_min                                27.540 
_refine.correlation_coeff_Fo_to_Fc               ? 
_refine.correlation_coeff_Fo_to_Fc_free          ? 
_refine.details                                  ? 
_refine.diff_density_max                         ? 
_refine.diff_density_max_esd                     ? 
_refine.diff_density_min                         ? 
_refine.diff_density_min_esd                     ? 
_refine.diff_density_rms                         ? 
_refine.diff_density_rms_esd                     ? 
_refine.entry_id                                 7D9K 
_refine.pdbx_refine_id                           'X-RAY DIFFRACTION' 
_refine.ls_abs_structure_details                 ? 
_refine.ls_abs_structure_Flack                   ? 
_refine.ls_abs_structure_Flack_esd               ? 
_refine.ls_abs_structure_Rogers                  ? 
_refine.ls_abs_structure_Rogers_esd              ? 
_refine.ls_d_res_high                            2.90 
_refine.ls_d_res_low                             39.04 
_refine.ls_extinction_coef                       ? 
_refine.ls_extinction_coef_esd                   ? 
_refine.ls_extinction_expression                 ? 
_refine.ls_extinction_method                     ? 
_refine.ls_goodness_of_fit_all                   ? 
_refine.ls_goodness_of_fit_all_esd               ? 
_refine.ls_goodness_of_fit_obs                   ? 
_refine.ls_goodness_of_fit_obs_esd               ? 
_refine.ls_hydrogen_treatment                    ? 
_refine.ls_matrix_type                           ? 
_refine.ls_number_constraints                    ? 
_refine.ls_number_parameters                     ? 
_refine.ls_number_reflns_all                     ? 
_refine.ls_number_reflns_obs                     8344 
_refine.ls_number_reflns_R_free                  433 
_refine.ls_number_reflns_R_work                  7911 
_refine.ls_number_restraints                     ? 
_refine.ls_percent_reflns_obs                    99.3900 
_refine.ls_percent_reflns_R_free                 5.1900 
_refine.ls_R_factor_all                          ? 
_refine.ls_R_factor_obs                          0.2584 
_refine.ls_R_factor_R_free                       0.2988 
_refine.ls_R_factor_R_free_error                 ? 
_refine.ls_R_factor_R_free_error_details         ? 
_refine.ls_R_factor_R_work                       0.2563 
_refine.ls_R_Fsqd_factor_obs                     ? 
_refine.ls_R_I_factor_obs                        ? 
_refine.ls_redundancy_reflns_all                 ? 
_refine.ls_redundancy_reflns_obs                 ? 
_refine.ls_restrained_S_all                      ? 
_refine.ls_restrained_S_obs                      ? 
_refine.ls_shift_over_esd_max                    ? 
_refine.ls_shift_over_esd_mean                   ? 
_refine.ls_structure_factor_coef                 ? 
_refine.ls_weighting_details                     ? 
_refine.ls_weighting_scheme                      ? 
_refine.ls_wR_factor_all                         ? 
_refine.ls_wR_factor_obs                         ? 
_refine.ls_wR_factor_R_free                      ? 
_refine.ls_wR_factor_R_work                      ? 
_refine.occupancy_max                            ? 
_refine.occupancy_min                            ? 
_refine.solvent_model_details                    'FLAT BULK SOLVENT MODEL' 
_refine.solvent_model_param_bsol                 ? 
_refine.solvent_model_param_ksol                 ? 
_refine.pdbx_R_complete                          ? 
_refine.ls_R_factor_gt                           ? 
_refine.ls_goodness_of_fit_gt                    ? 
_refine.ls_goodness_of_fit_ref                   ? 
_refine.ls_shift_over_su_max                     ? 
_refine.ls_shift_over_su_max_lt                  ? 
_refine.ls_shift_over_su_mean                    ? 
_refine.ls_shift_over_su_mean_lt                 ? 
_refine.pdbx_ls_sigma_I                          ? 
_refine.pdbx_ls_sigma_F                          1.340 
_refine.pdbx_ls_sigma_Fsqd                       ? 
_refine.pdbx_data_cutoff_high_absF               ? 
_refine.pdbx_data_cutoff_high_rms_absF           ? 
_refine.pdbx_data_cutoff_low_absF                ? 
_refine.pdbx_isotropic_thermal_model             ? 
_refine.pdbx_ls_cross_valid_method               THROUGHOUT 
_refine.pdbx_method_to_determine_struct          'MOLECULAR REPLACEMENT' 
_refine.pdbx_starting_model                      4HTO 
_refine.pdbx_stereochemistry_target_values       ML 
_refine.pdbx_R_Free_selection_details            ? 
_refine.pdbx_stereochem_target_val_spec_case     ? 
_refine.pdbx_overall_ESU_R                       ? 
_refine.pdbx_overall_ESU_R_Free                  ? 
_refine.pdbx_solvent_vdw_probe_radii             1.1100 
_refine.pdbx_solvent_ion_probe_radii             ? 
_refine.pdbx_solvent_shrinkage_radii             0.9000 
_refine.pdbx_real_space_R                        ? 
_refine.pdbx_density_correlation                 ? 
_refine.pdbx_pd_number_of_powder_patterns        ? 
_refine.pdbx_pd_number_of_points                 ? 
_refine.pdbx_pd_meas_number_of_points            ? 
_refine.pdbx_pd_proc_ls_prof_R_factor            ? 
_refine.pdbx_pd_proc_ls_prof_wR_factor           ? 
_refine.pdbx_pd_Marquardt_correlation_coeff      ? 
_refine.pdbx_pd_Fsqrd_R_factor                   ? 
_refine.pdbx_pd_ls_matrix_band_width             ? 
_refine.pdbx_overall_phase_error                 29.2300 
_refine.pdbx_overall_SU_R_free_Cruickshank_DPI   ? 
_refine.pdbx_overall_SU_R_free_Blow_DPI          ? 
_refine.pdbx_overall_SU_R_Blow_DPI               ? 
_refine.pdbx_TLS_residual_ADP_flag               ? 
_refine.pdbx_diffrn_id                           1 
_refine.overall_SU_B                             ? 
_refine.overall_SU_ML                            0.5100 
_refine.overall_SU_R_Cruickshank_DPI             ? 
_refine.overall_SU_R_free                        ? 
_refine.overall_FOM_free_R_set                   ? 
_refine.overall_FOM_work_R_set                   ? 
_refine.pdbx_average_fsc_overall                 ? 
_refine.pdbx_average_fsc_work                    ? 
_refine.pdbx_average_fsc_free                    ? 
# 
_refine_hist.pdbx_refine_id                   'X-RAY DIFFRACTION' 
_refine_hist.cycle_id                         final 
_refine_hist.details                          ? 
_refine_hist.d_res_high                       2.90 
_refine_hist.d_res_low                        39.04 
_refine_hist.number_atoms_solvent             21 
_refine_hist.number_atoms_total               1713 
_refine_hist.number_reflns_all                ? 
_refine_hist.number_reflns_obs                ? 
_refine_hist.number_reflns_R_free             ? 
_refine_hist.number_reflns_R_work             ? 
_refine_hist.R_factor_all                     ? 
_refine_hist.R_factor_obs                     ? 
_refine_hist.R_factor_R_free                  ? 
_refine_hist.R_factor_R_work                  ? 
_refine_hist.pdbx_number_residues_total       218 
_refine_hist.pdbx_B_iso_mean_ligand           ? 
_refine_hist.pdbx_B_iso_mean_solvent          49.35 
_refine_hist.pdbx_number_atoms_protein        1692 
_refine_hist.pdbx_number_atoms_nucleic_acid   0 
_refine_hist.pdbx_number_atoms_ligand         0 
_refine_hist.pdbx_number_atoms_lipid          ? 
_refine_hist.pdbx_number_atoms_carb           ? 
_refine_hist.pdbx_pseudo_atom_details         ? 
# 
loop_
_refine_ls_restr.pdbx_refine_id 
_refine_ls_restr.criterion 
_refine_ls_restr.dev_ideal 
_refine_ls_restr.dev_ideal_target 
_refine_ls_restr.number 
_refine_ls_restr.rejects 
_refine_ls_restr.type 
_refine_ls_restr.weight 
_refine_ls_restr.pdbx_restraint_function 
'X-RAY DIFFRACTION' ? 0.003  ? 1720 ? f_bond_d           ? ? 
'X-RAY DIFFRACTION' ? 0.567  ? 2326 ? f_angle_d          ? ? 
'X-RAY DIFFRACTION' ? 0.039  ? 274  ? f_chiral_restr     ? ? 
'X-RAY DIFFRACTION' ? 0.003  ? 296  ? f_plane_restr      ? ? 
'X-RAY DIFFRACTION' ? 11.330 ? 1054 ? f_dihedral_angle_d ? ? 
# 
loop_
_refine_ls_shell.pdbx_refine_id 
_refine_ls_shell.d_res_high 
_refine_ls_shell.d_res_low 
_refine_ls_shell.number_reflns_all 
_refine_ls_shell.number_reflns_obs 
_refine_ls_shell.number_reflns_R_free 
_refine_ls_shell.number_reflns_R_work 
_refine_ls_shell.percent_reflns_obs 
_refine_ls_shell.percent_reflns_R_free 
_refine_ls_shell.R_factor_all 
_refine_ls_shell.R_factor_obs 
_refine_ls_shell.R_factor_R_free 
_refine_ls_shell.R_factor_R_free_error 
_refine_ls_shell.R_factor_R_work 
_refine_ls_shell.redundancy_reflns_all 
_refine_ls_shell.redundancy_reflns_obs 
_refine_ls_shell.wR_factor_all 
_refine_ls_shell.wR_factor_obs 
_refine_ls_shell.wR_factor_R_free 
_refine_ls_shell.wR_factor_R_work 
_refine_ls_shell.pdbx_R_complete 
_refine_ls_shell.pdbx_total_number_of_bins_used 
_refine_ls_shell.pdbx_phase_error 
_refine_ls_shell.pdbx_fsc_work 
_refine_ls_shell.pdbx_fsc_free 
'X-RAY DIFFRACTION' 2.90   3.18   . . 151 2555 100.0000 . . . 0.3735 0.0000 0.2975 . . . . . . . . . . . 
'X-RAY DIFFRACTION' 3.3204 4.1825 . . 129 2574 98.0000  . . . 0.3183 0.0000 0.2655 . . . . . . . . . . . 
'X-RAY DIFFRACTION' 4.18   39.04  . . 153 2782 100.00   . . . 0.2634 0.0000 0.2381 . . . . . . . . . . . 
# 
_struct.entry_id                     7D9K 
_struct.title                        'DNA binding domain of human DNA Ligase IV - Wild type' 
_struct.pdbx_model_details           ? 
_struct.pdbx_formula_weight          ? 
_struct.pdbx_formula_weight_method   ? 
_struct.pdbx_model_type_details      ? 
_struct.pdbx_CASP_flag               N 
# 
_struct_keywords.entry_id        7D9K 
_struct_keywords.text            'DBD, Native, ATP dependant ligase., LIGASE' 
_struct_keywords.pdbx_keywords   LIGASE 
# 
loop_
_struct_asym.id 
_struct_asym.pdbx_blank_PDB_chainid_flag 
_struct_asym.pdbx_modified 
_struct_asym.entity_id 
_struct_asym.details 
A N N 1 ? 
B N N 2 ? 
# 
loop_
_struct_conf.conf_type_id 
_struct_conf.id 
_struct_conf.pdbx_PDB_helix_id 
_struct_conf.beg_label_comp_id 
_struct_conf.beg_label_asym_id 
_struct_conf.beg_label_seq_id 
_struct_conf.pdbx_beg_PDB_ins_code 
_struct_conf.end_label_comp_id 
_struct_conf.end_label_asym_id 
_struct_conf.end_label_seq_id 
_struct_conf.pdbx_end_PDB_ins_code 
_struct_conf.beg_auth_comp_id 
_struct_conf.beg_auth_asym_id 
_struct_conf.beg_auth_seq_id 
_struct_conf.end_auth_comp_id 
_struct_conf.end_auth_asym_id 
_struct_conf.end_auth_seq_id 
_struct_conf.pdbx_PDB_helix_class 
_struct_conf.details 
_struct_conf.pdbx_PDB_helix_length 
HELX_P HELX_P1  AA1 PRO A 18  ? SER A 32  ? PRO A 15  SER A 29  1 ? 15 
HELX_P HELX_P2  AA2 GLY A 34  ? ASN A 59  ? GLY A 31  ASN A 56  1 ? 26 
HELX_P HELX_P3  AA3 PHE A 67  ? LEU A 75  ? PHE A 64  LEU A 72  1 ? 9  
HELX_P HELX_P4  AA4 PRO A 76  ? GLU A 79  ? PRO A 73  GLU A 76  5 ? 4  
HELX_P HELX_P5  AA5 LYS A 88  ? LEU A 100 ? LYS A 85  LEU A 97  1 ? 13 
HELX_P HELX_P6  AA6 GLY A 106 ? ASN A 114 ? GLY A 103 ASN A 111 1 ? 9  
HELX_P HELX_P7  AA7 ASP A 127 ? LYS A 137 ? ASP A 124 LYS A 134 1 ? 11 
HELX_P HELX_P8  AA8 THR A 147 ? ALA A 164 ? THR A 144 ALA A 161 1 ? 18 
HELX_P HELX_P9  AA9 ARG A 166 ? THR A 179 ? ARG A 163 THR A 176 1 ? 14 
HELX_P HELX_P10 AB1 SER A 182 ? LYS A 195 ? SER A 179 LYS A 192 1 ? 14 
HELX_P HELX_P11 AB2 SER A 202 ? HIS A 218 ? SER A 199 HIS A 215 1 ? 17 
HELX_P HELX_P12 AB3 ASP A 223 ? HIS A 232 ? ASP A 220 HIS A 229 1 ? 10 
# 
_struct_conf_type.id          HELX_P 
_struct_conf_type.criteria    ? 
_struct_conf_type.reference   ? 
# 
_atom_sites.entry_id                    7D9K 
_atom_sites.Cartn_transf_matrix[1][1]   ? 
_atom_sites.Cartn_transf_matrix[1][2]   ? 
_atom_sites.Cartn_transf_matrix[1][3]   ? 
_atom_sites.Cartn_transf_matrix[2][1]   ? 
_atom_sites.Cartn_transf_matrix[2][2]   ? 
_atom_sites.Cartn_transf_matrix[2][3]   ? 
_atom_sites.Cartn_transf_matrix[3][1]   ? 
_atom_sites.Cartn_transf_matrix[3][2]   ? 
_atom_sites.Cartn_transf_matrix[3][3]   ? 
_atom_sites.Cartn_transf_vector[1]      ? 
_atom_sites.Cartn_transf_vector[2]      ? 
_atom_sites.Cartn_transf_vector[3]      ? 
_atom_sites.fract_transf_matrix[1][1]   0.00302736 
_atom_sites.fract_transf_matrix[1][2]   -0.00379878 
_atom_sites.fract_transf_matrix[1][3]   -0.00083629 
_atom_sites.fract_transf_matrix[2][1]   -0.00281176 
_atom_sites.fract_transf_matrix[2][2]   -0.00286946 
_atom_sites.fract_transf_matrix[2][3]   0.00285574 
_atom_sites.fract_transf_matrix[3][1]   -0.00268777 
_atom_sites.fract_transf_matrix[3][2]   -0.00127691 
_atom_sites.fract_transf_matrix[3][3]   -0.00392943 
_atom_sites.fract_transf_vector[1]      0.214325 
_atom_sites.fract_transf_vector[2]      -0.094081 
_atom_sites.fract_transf_vector[3]      0.081354 
_atom_sites.solution_primary            ? 
_atom_sites.solution_secondary          ? 
_atom_sites.solution_hydrogens          ? 
_atom_sites.special_details             ? 
# 
loop_
_atom_type.symbol 
C 
N 
O 
S 
# 
loop_
_atom_site.group_PDB 
_atom_site.id 
_atom_site.type_symbol 
_atom_site.label_atom_id 
_atom_site.label_alt_id 
_atom_site.label_comp_id 
_atom_site.label_asym_id 
_atom_site.label_entity_id 
_atom_site.label_seq_id 
_atom_site.pdbx_PDB_ins_code 
_atom_site.Cartn_x 
_atom_site.Cartn_y 
_atom_site.Cartn_z 
_atom_site.occupancy 
_atom_site.B_iso_or_equiv 
_atom_site.pdbx_formal_charge 
_atom_site.auth_seq_id 
_atom_site.auth_comp_id 
_atom_site.auth_asym_id 
_atom_site.auth_atom_id 
_atom_site.pdbx_PDB_model_num 
ATOM   1    N N   . SER A 1 10  ? -13.015 3.296   -15.695 1.00 67.67  ? 7   SER A N   1 
ATOM   2    C CA  . SER A 1 10  ? -11.753 3.965   -15.996 1.00 76.20  ? 7   SER A CA  1 
ATOM   3    C C   . SER A 1 10  ? -10.882 3.104   -16.904 1.00 75.32  ? 7   SER A C   1 
ATOM   4    O O   . SER A 1 10  ? -11.390 2.251   -17.635 1.00 66.04  ? 7   SER A O   1 
ATOM   5    C CB  . SER A 1 10  ? -11.000 4.303   -14.707 1.00 74.09  ? 7   SER A CB  1 
ATOM   6    N N   . GLN A 1 11  ? -9.566  3.327   -16.847 1.00 83.10  ? 8   GLN A N   1 
ATOM   7    C CA  . GLN A 1 11  ? -8.624  2.680   -17.751 1.00 81.02  ? 8   GLN A CA  1 
ATOM   8    C C   . GLN A 1 11  ? -7.633  1.748   -17.064 1.00 71.80  ? 8   GLN A C   1 
ATOM   9    O O   . GLN A 1 11  ? -6.869  1.071   -17.762 1.00 59.20  ? 8   GLN A O   1 
ATOM   10   C CB  . GLN A 1 11  ? -7.842  3.736   -18.555 1.00 72.49  ? 8   GLN A CB  1 
ATOM   11   C CG  . GLN A 1 11  ? -6.843  4.552   -17.739 1.00 76.71  ? 8   GLN A CG  1 
ATOM   12   C CD  . GLN A 1 11  ? -7.509  5.549   -16.803 1.00 85.16  ? 8   GLN A CD  1 
ATOM   13   O OE1 . GLN A 1 11  ? -8.705  5.825   -16.918 1.00 84.75  ? 8   GLN A OE1 1 
ATOM   14   N NE2 . GLN A 1 11  ? -6.735  6.093   -15.871 1.00 79.69  ? 8   GLN A NE2 1 
ATOM   15   N N   . THR A 1 12  ? -7.620  1.687   -15.731 1.00 68.83  ? 9   THR A N   1 
ATOM   16   C CA  . THR A 1 12  ? -6.738  0.791   -14.994 1.00 61.06  ? 9   THR A CA  1 
ATOM   17   C C   . THR A 1 12  ? -7.515  0.138   -13.858 1.00 51.39  ? 9   THR A C   1 
ATOM   18   O O   . THR A 1 12  ? -8.500  0.689   -13.363 1.00 56.99  ? 9   THR A O   1 
ATOM   19   C CB  . THR A 1 12  ? -5.516  1.524   -14.417 1.00 58.55  ? 9   THR A CB  1 
ATOM   20   O OG1 . THR A 1 12  ? -5.952  2.661   -13.662 1.00 60.41  ? 9   THR A OG1 1 
ATOM   21   C CG2 . THR A 1 12  ? -4.584  1.985   -15.531 1.00 57.80  ? 9   THR A CG2 1 
ATOM   22   N N   . VAL A 1 13  ? -7.056  -1.047  -13.447 1.00 48.30  ? 10  VAL A N   1 
ATOM   23   C CA  . VAL A 1 13  ? -7.722  -1.760  -12.361 1.00 47.82  ? 10  VAL A CA  1 
ATOM   24   C C   . VAL A 1 13  ? -7.543  -1.017  -11.042 1.00 45.59  ? 10  VAL A C   1 
ATOM   25   O O   . VAL A 1 13  ? -8.452  -0.985  -10.204 1.00 43.22  ? 10  VAL A O   1 
ATOM   26   C CB  . VAL A 1 13  ? -7.202  -3.208  -12.271 1.00 46.44  ? 10  VAL A CB  1 
ATOM   27   C CG1 . VAL A 1 13  ? -7.683  -3.878  -10.991 1.00 33.69  ? 10  VAL A CG1 1 
ATOM   28   C CG2 . VAL A 1 13  ? -7.643  -4.009  -13.485 1.00 49.52  ? 10  VAL A CG2 1 
ATOM   29   N N   . ALA A 1 14  ? -6.377  -0.393  -10.848 1.00 44.24  ? 11  ALA A N   1 
ATOM   30   C CA  . ALA A 1 14  ? -6.084  0.280   -9.585  1.00 37.48  ? 11  ALA A CA  1 
ATOM   31   C C   . ALA A 1 14  ? -7.003  1.470   -9.340  1.00 43.92  ? 11  ALA A C   1 
ATOM   32   O O   . ALA A 1 14  ? -7.229  1.846   -8.184  1.00 40.52  ? 11  ALA A O   1 
ATOM   33   C CB  . ALA A 1 14  ? -4.629  0.733   -9.562  1.00 36.65  ? 11  ALA A CB  1 
ATOM   34   N N   . SER A 1 15  ? -7.530  2.079   -10.404 1.00 47.48  ? 12  SER A N   1 
ATOM   35   C CA  . SER A 1 15  ? -8.467  3.185   -10.247 1.00 43.83  ? 12  SER A CA  1 
ATOM   36   C C   . SER A 1 15  ? -9.790  2.754   -9.631  1.00 46.58  ? 12  SER A C   1 
ATOM   37   O O   . SER A 1 15  ? -10.554 3.617   -9.185  1.00 43.71  ? 12  SER A O   1 
ATOM   38   C CB  . SER A 1 15  ? -8.721  3.849   -11.599 1.00 44.70  ? 12  SER A CB  1 
ATOM   39   O OG  . SER A 1 15  ? -9.039  2.879   -12.578 1.00 52.25  ? 12  SER A OG  1 
ATOM   40   N N   . HIS A 1 16  ? -10.078 1.449   -9.593  1.00 47.88  ? 13  HIS A N   1 
ATOM   41   C CA  . HIS A 1 16  ? -11.313 0.939   -9.016  1.00 46.60  ? 13  HIS A CA  1 
ATOM   42   C C   . HIS A 1 16  ? -11.115 0.139   -7.738  1.00 43.02  ? 13  HIS A C   1 
ATOM   43   O O   . HIS A 1 16  ? -12.079 -0.037  -6.986  1.00 47.02  ? 13  HIS A O   1 
ATOM   44   C CB  . HIS A 1 16  ? -12.056 0.066   -10.036 1.00 45.12  ? 13  HIS A CB  1 
ATOM   45   C CG  . HIS A 1 16  ? -12.454 0.801   -11.277 1.00 54.81  ? 13  HIS A CG  1 
ATOM   46   N ND1 . HIS A 1 16  ? -13.586 1.584   -11.348 1.00 50.16  ? 13  HIS A ND1 1 
ATOM   47   C CD2 . HIS A 1 16  ? -11.863 0.878   -12.494 1.00 49.40  ? 13  HIS A CD2 1 
ATOM   48   C CE1 . HIS A 1 16  ? -13.680 2.106   -12.558 1.00 57.54  ? 13  HIS A CE1 1 
ATOM   49   N NE2 . HIS A 1 16  ? -12.648 1.694   -13.272 1.00 51.73  ? 13  HIS A NE2 1 
ATOM   50   N N   . VAL A 1 17  ? -9.908  -0.346  -7.473  1.00 42.18  ? 14  VAL A N   1 
ATOM   51   C CA  . VAL A 1 17  ? -9.632  -1.074  -6.237  1.00 44.21  ? 14  VAL A CA  1 
ATOM   52   C C   . VAL A 1 17  ? -9.446  -0.070  -5.105  1.00 37.78  ? 14  VAL A C   1 
ATOM   53   O O   . VAL A 1 17  ? -8.572  0.806   -5.190  1.00 37.91  ? 14  VAL A O   1 
ATOM   54   C CB  . VAL A 1 17  ? -8.399  -1.982  -6.384  1.00 42.05  ? 14  VAL A CB  1 
ATOM   55   C CG1 . VAL A 1 17  ? -8.041  -2.610  -5.043  1.00 36.11  ? 14  VAL A CG1 1 
ATOM   56   C CG2 . VAL A 1 17  ? -8.653  -3.051  -7.434  1.00 38.57  ? 14  VAL A CG2 1 
ATOM   57   N N   . PRO A 1 18  ? -10.239 -0.146  -4.043  1.00 43.20  ? 15  PRO A N   1 
ATOM   58   C CA  . PRO A 1 18  ? -10.041 0.772   -2.916  1.00 48.29  ? 15  PRO A CA  1 
ATOM   59   C C   . PRO A 1 18  ? -8.738  0.491   -2.185  1.00 48.58  ? 15  PRO A C   1 
ATOM   60   O O   . PRO A 1 18  ? -8.290  -0.653  -2.071  1.00 49.44  ? 15  PRO A O   1 
ATOM   61   C CB  . PRO A 1 18  ? -11.251 0.499   -2.010  1.00 45.16  ? 15  PRO A CB  1 
ATOM   62   C CG  . PRO A 1 18  ? -12.224 -0.259  -2.856  1.00 37.18  ? 15  PRO A CG  1 
ATOM   63   C CD  . PRO A 1 18  ? -11.417 -1.008  -3.862  1.00 39.48  ? 15  PRO A CD  1 
ATOM   64   N N   . PHE A 1 19  ? -8.127  1.567   -1.686  1.00 48.98  ? 16  PHE A N   1 
ATOM   65   C CA  . PHE A 1 19  ? -6.938  1.436   -0.851  1.00 46.22  ? 16  PHE A CA  1 
ATOM   66   C C   . PHE A 1 19  ? -7.230  0.628   0.410   1.00 43.96  ? 16  PHE A C   1 
ATOM   67   O O   . PHE A 1 19  ? -6.322  0.012   0.984   1.00 43.04  ? 16  PHE A O   1 
ATOM   68   C CB  . PHE A 1 19  ? -6.417  2.833   -0.506  1.00 44.81  ? 16  PHE A CB  1 
ATOM   69   C CG  . PHE A 1 19  ? -5.135  2.841   0.274   1.00 46.04  ? 16  PHE A CG  1 
ATOM   70   C CD1 . PHE A 1 19  ? -4.005  2.196   -0.205  1.00 45.31  ? 16  PHE A CD1 1 
ATOM   71   C CD2 . PHE A 1 19  ? -5.053  3.522   1.477   1.00 47.01  ? 16  PHE A CD2 1 
ATOM   72   C CE1 . PHE A 1 19  ? -2.824  2.216   0.513   1.00 42.38  ? 16  PHE A CE1 1 
ATOM   73   C CE2 . PHE A 1 19  ? -3.878  3.549   2.197   1.00 46.34  ? 16  PHE A CE2 1 
ATOM   74   C CZ  . PHE A 1 19  ? -2.760  2.896   1.716   1.00 46.52  ? 16  PHE A CZ  1 
ATOM   75   N N   . ALA A 1 20  ? -8.496  0.605   0.841   1.00 51.54  ? 17  ALA A N   1 
ATOM   76   C CA  . ALA A 1 20  ? -8.873  -0.154  2.028   1.00 53.09  ? 17  ALA A CA  1 
ATOM   77   C C   . ALA A 1 20  ? -8.747  -1.653  1.804   1.00 51.57  ? 17  ALA A C   1 
ATOM   78   O O   . ALA A 1 20  ? -8.534  -2.403  2.763   1.00 54.05  ? 17  ALA A O   1 
ATOM   79   C CB  . ALA A 1 20  ? -10.301 0.201   2.445   1.00 58.13  ? 17  ALA A CB  1 
ATOM   80   N N   . ASP A 1 21  ? -8.888  -2.110  0.557   1.00 51.37  ? 18  ASP A N   1 
ATOM   81   C CA  . ASP A 1 21  ? -8.672  -3.522  0.258   1.00 52.01  ? 18  ASP A CA  1 
ATOM   82   C C   . ASP A 1 21  ? -7.214  -3.907  0.482   1.00 48.39  ? 18  ASP A C   1 
ATOM   83   O O   . ASP A 1 21  ? -6.919  -4.907  1.149   1.00 54.85  ? 18  ASP A O   1 
ATOM   84   C CB  . ASP A 1 21  ? -9.094  -3.823  -1.184  1.00 53.19  ? 18  ASP A CB  1 
ATOM   85   C CG  . ASP A 1 21  ? -10.598 -3.752  -1.379  1.00 51.00  ? 18  ASP A CG  1 
ATOM   86   O OD1 . ASP A 1 21  ? -11.314 -3.399  -0.417  1.00 52.24  ? 18  ASP A OD1 1 
ATOM   87   O OD2 . ASP A 1 21  ? -11.066 -4.057  -2.497  1.00 48.16  ? 18  ASP A OD2 1 
ATOM   88   N N   . LEU A 1 22  ? -6.289  -3.118  -0.070  1.00 47.30  ? 19  LEU A N   1 
ATOM   89   C CA  . LEU A 1 22  ? -4.867  -3.374  0.134   1.00 44.65  ? 19  LEU A CA  1 
ATOM   90   C C   . LEU A 1 22  ? -4.507  -3.306  1.612   1.00 46.56  ? 19  LEU A C   1 
ATOM   91   O O   . LEU A 1 22  ? -3.815  -4.188  2.135   1.00 50.17  ? 19  LEU A O   1 
ATOM   92   C CB  . LEU A 1 22  ? -4.035  -2.376  -0.672  1.00 45.37  ? 19  LEU A CB  1 
ATOM   93   C CG  . LEU A 1 22  ? -2.513  -2.517  -0.585  1.00 47.83  ? 19  LEU A CG  1 
ATOM   94   C CD1 . LEU A 1 22  ? -2.072  -3.895  -1.053  1.00 44.58  ? 19  LEU A CD1 1 
ATOM   95   C CD2 . LEU A 1 22  ? -1.819  -1.425  -1.387  1.00 40.41  ? 19  LEU A CD2 1 
ATOM   96   N N   . CYS A 1 23  ? -4.976  -2.266  2.308   1.00 47.43  ? 20  CYS A N   1 
ATOM   97   C CA  . CYS A 1 23  ? -4.668  -2.139  3.730   1.00 51.68  ? 20  CYS A CA  1 
ATOM   98   C C   . CYS A 1 23  ? -5.235  -3.304  4.530   1.00 51.68  ? 20  CYS A C   1 
ATOM   99   O O   . CYS A 1 23  ? -4.619  -3.761  5.499   1.00 51.08  ? 20  CYS A O   1 
ATOM   100  C CB  . CYS A 1 23  ? -5.202  -0.816  4.266   1.00 48.57  ? 20  CYS A CB  1 
ATOM   101  S SG  . CYS A 1 23  ? -4.201  0.581   3.774   1.00 52.75  ? 20  CYS A SG  1 
ATOM   102  N N   . SER A 1 24  ? -6.414  -3.792  4.141   1.00 47.61  ? 21  SER A N   1 
ATOM   103  C CA  . SER A 1 24  ? -6.985  -4.970  4.781   1.00 45.59  ? 21  SER A CA  1 
ATOM   104  C C   . SER A 1 24  ? -6.084  -6.183  4.583   1.00 49.36  ? 21  SER A C   1 
ATOM   105  O O   . SER A 1 24  ? -5.717  -6.867  5.550   1.00 52.13  ? 21  SER A O   1 
ATOM   106  C CB  . SER A 1 24  ? -8.385  -5.230  4.222   1.00 47.11  ? 21  SER A CB  1 
ATOM   107  O OG  . SER A 1 24  ? -8.944  -6.419  4.746   1.00 60.45  ? 21  SER A OG  1 
ATOM   108  N N   . THR A 1 25  ? -5.699  -6.449  3.330   1.00 48.86  ? 22  THR A N   1 
ATOM   109  C CA  . THR A 1 25  ? -4.823  -7.580  3.034   1.00 48.54  ? 22  THR A CA  1 
ATOM   110  C C   . THR A 1 25  ? -3.527  -7.505  3.829   1.00 49.58  ? 22  THR A C   1 
ATOM   111  O O   . THR A 1 25  ? -3.067  -8.513  4.378   1.00 50.95  ? 22  THR A O   1 
ATOM   112  C CB  . THR A 1 25  ? -4.519  -7.633  1.538   1.00 45.50  ? 22  THR A CB  1 
ATOM   113  O OG1 . THR A 1 25  ? -5.742  -7.743  0.798   1.00 45.38  ? 22  THR A OG1 1 
ATOM   114  C CG2 . THR A 1 25  ? -3.627  -8.826  1.220   1.00 41.80  ? 22  THR A CG2 1 
ATOM   115  N N   . LEU A 1 26  ? -2.922  -6.319  3.906   1.00 51.13  ? 23  LEU A N   1 
ATOM   116  C CA  . LEU A 1 26  ? -1.684  -6.173  4.665   1.00 50.45  ? 23  LEU A CA  1 
ATOM   117  C C   . LEU A 1 26  ? -1.922  -6.379  6.156   1.00 51.15  ? 23  LEU A C   1 
ATOM   118  O O   . LEU A 1 26  ? -1.082  -6.966  6.850   1.00 53.55  ? 23  LEU A O   1 
ATOM   119  C CB  . LEU A 1 26  ? -1.070  -4.799  4.402   1.00 51.64  ? 23  LEU A CB  1 
ATOM   120  C CG  . LEU A 1 26  ? -0.748  -4.498  2.938   1.00 48.27  ? 23  LEU A CG  1 
ATOM   121  C CD1 . LEU A 1 26  ? -0.437  -3.025  2.748   1.00 46.63  ? 23  LEU A CD1 1 
ATOM   122  C CD2 . LEU A 1 26  ? 0.403   -5.362  2.450   1.00 50.26  ? 23  LEU A CD2 1 
ATOM   123  N N   . GLU A 1 27  ? -3.062  -5.907  6.666   1.00 47.31  ? 24  GLU A N   1 
ATOM   124  C CA  . GLU A 1 27  ? -3.345  -6.052  8.090   1.00 50.60  ? 24  GLU A CA  1 
ATOM   125  C C   . GLU A 1 27  ? -3.508  -7.516  8.476   1.00 56.14  ? 24  GLU A C   1 
ATOM   126  O O   . GLU A 1 27  ? -2.984  -7.947  9.511   1.00 55.63  ? 24  GLU A O   1 
ATOM   127  C CB  . GLU A 1 27  ? -4.593  -5.254  8.471   1.00 53.32  ? 24  GLU A CB  1 
ATOM   128  C CG  . GLU A 1 27  ? -4.834  -5.172  9.975   1.00 56.22  ? 24  GLU A CG  1 
ATOM   129  C CD  . GLU A 1 27  ? -3.786  -4.340  10.694  1.00 61.73  ? 24  GLU A CD  1 
ATOM   130  O OE1 . GLU A 1 27  ? -3.593  -4.541  11.913  1.00 63.61  ? 24  GLU A OE1 1 
ATOM   131  O OE2 . GLU A 1 27  ? -3.155  -3.484  10.039  1.00 61.88  ? 24  GLU A OE2 1 
ATOM   132  N N   . ARG A 1 28  ? -4.223  -8.301  7.663   1.00 52.84  ? 25  ARG A N   1 
ATOM   133  C CA  . ARG A 1 28  ? -4.341  -9.714  8.002   1.00 52.39  ? 25  ARG A CA  1 
ATOM   134  C C   . ARG A 1 28  ? -3.091  -10.507 7.647   1.00 51.44  ? 25  ARG A C   1 
ATOM   135  O O   . ARG A 1 28  ? -2.875  -11.574 8.228   1.00 58.75  ? 25  ARG A O   1 
ATOM   136  C CB  . ARG A 1 28  ? -5.567  -10.350 7.341   1.00 55.75  ? 25  ARG A CB  1 
ATOM   137  C CG  . ARG A 1 28  ? -5.863  -9.931  5.921   1.00 53.11  ? 25  ARG A CG  1 
ATOM   138  C CD  . ARG A 1 28  ? -7.044  -10.735 5.390   1.00 61.22  ? 25  ARG A CD  1 
ATOM   139  N NE  . ARG A 1 28  ? -7.579  -10.197 4.144   1.00 72.74  ? 25  ARG A NE  1 
ATOM   140  C CZ  . ARG A 1 28  ? -8.668  -9.438  4.064   1.00 74.07  ? 25  ARG A CZ  1 
ATOM   141  N NH1 . ARG A 1 28  ? -9.084  -8.991  2.886   1.00 62.00  ? 25  ARG A NH1 1 
ATOM   142  N NH2 . ARG A 1 28  ? -9.341  -9.124  5.164   1.00 76.79  ? 25  ARG A NH2 1 
ATOM   143  N N   . ILE A 1 29  ? -2.262  -10.018 6.721   1.00 44.17  ? 26  ILE A N   1 
ATOM   144  C CA  . ILE A 1 29  ? -0.969  -10.657 6.486   1.00 48.77  ? 26  ILE A CA  1 
ATOM   145  C C   . ILE A 1 29  ? -0.088  -10.517 7.719   1.00 52.55  ? 26  ILE A C   1 
ATOM   146  O O   . ILE A 1 29  ? 0.415   -11.507 8.264   1.00 57.03  ? 26  ILE A O   1 
ATOM   147  C CB  . ILE A 1 29  ? -0.285  -10.068 5.238   1.00 48.33  ? 26  ILE A CB  1 
ATOM   148  C CG1 . ILE A 1 29  ? -0.856  -10.683 3.962   1.00 45.33  ? 26  ILE A CG1 1 
ATOM   149  C CG2 . ILE A 1 29  ? 1.221   -10.310 5.284   1.00 44.30  ? 26  ILE A CG2 1 
ATOM   150  C CD1 . ILE A 1 29  ? -0.217  -10.146 2.701   1.00 41.23  ? 26  ILE A CD1 1 
ATOM   151  N N   . GLN A 1 30  ? 0.100   -9.281  8.189   1.00 50.13  ? 27  GLN A N   1 
ATOM   152  C CA  . GLN A 1 30  ? 0.945   -9.055  9.356   1.00 56.08  ? 27  GLN A CA  1 
ATOM   153  C C   . GLN A 1 30  ? 0.347   -9.703  10.601  1.00 62.85  ? 27  GLN A C   1 
ATOM   154  O O   . GLN A 1 30  ? 1.080   -10.215 11.456  1.00 64.06  ? 27  GLN A O   1 
ATOM   155  C CB  . GLN A 1 30  ? 1.149   -7.555  9.565   1.00 57.99  ? 27  GLN A CB  1 
ATOM   156  C CG  . GLN A 1 30  ? 1.828   -7.187  10.874  1.00 59.43  ? 27  GLN A CG  1 
ATOM   157  C CD  . GLN A 1 30  ? 1.199   -5.975  11.527  1.00 62.86  ? 27  GLN A CD  1 
ATOM   158  O OE1 . GLN A 1 30  ? 1.333   -4.852  11.039  1.00 63.24  ? 27  GLN A OE1 1 
ATOM   159  N NE2 . GLN A 1 30  ? 0.502   -6.196  12.634  1.00 68.32  ? 27  GLN A NE2 1 
ATOM   160  N N   . LYS A 1 31  ? -0.983  -9.697  10.718  1.00 60.44  ? 28  LYS A N   1 
ATOM   161  C CA  . LYS A 1 31  ? -1.620  -10.347 11.857  1.00 56.48  ? 28  LYS A CA  1 
ATOM   162  C C   . LYS A 1 31  ? -1.516  -11.864 11.771  1.00 62.26  ? 28  LYS A C   1 
ATOM   163  O O   . LYS A 1 31  ? -1.555  -12.544 12.803  1.00 64.59  ? 28  LYS A O   1 
ATOM   164  C CB  . LYS A 1 31  ? -3.085  -9.923  11.952  1.00 60.24  ? 28  LYS A CB  1 
ATOM   165  C CG  . LYS A 1 31  ? -3.308  -8.640  12.731  1.00 65.04  ? 28  LYS A CG  1 
ATOM   166  C CD  . LYS A 1 31  ? -4.778  -8.255  12.748  1.00 68.14  ? 28  LYS A CD  1 
ATOM   167  C CE  . LYS A 1 31  ? -5.204  -7.761  14.120  1.00 75.37  ? 28  LYS A CE  1 
ATOM   168  N NZ  . LYS A 1 31  ? -6.549  -7.124  14.088  1.00 76.58  ? 28  LYS A NZ  1 
ATOM   169  N N   . SER A 1 32  ? -1.381  -12.410 10.565  1.00 60.15  ? 29  SER A N   1 
ATOM   170  C CA  . SER A 1 32  ? -1.289  -13.854 10.402  1.00 61.90  ? 29  SER A CA  1 
ATOM   171  C C   . SER A 1 32  ? 0.035   -14.377 10.939  1.00 61.45  ? 29  SER A C   1 
ATOM   172  O O   . SER A 1 32  ? 1.080   -13.735 10.798  1.00 60.39  ? 29  SER A O   1 
ATOM   173  C CB  . SER A 1 32  ? -1.434  -14.242 8.931   1.00 56.95  ? 29  SER A CB  1 
ATOM   174  O OG  . SER A 1 32  ? -2.750  -14.003 8.465   1.00 59.62  ? 29  SER A OG  1 
ATOM   175  N N   . LYS A 1 33  ? -0.018  -15.548 11.562  1.00 66.41  ? 30  LYS A N   1 
ATOM   176  C CA  . LYS A 1 33  ? 1.168   -16.275 11.983  1.00 60.22  ? 30  LYS A CA  1 
ATOM   177  C C   . LYS A 1 33  ? 1.483   -17.360 10.962  1.00 65.04  ? 30  LYS A C   1 
ATOM   178  O O   . LYS A 1 33  ? 0.583   -17.963 10.371  1.00 69.06  ? 30  LYS A O   1 
ATOM   179  C CB  . LYS A 1 33  ? 0.971   -16.906 13.361  1.00 59.40  ? 30  LYS A CB  1 
ATOM   180  C CG  . LYS A 1 33  ? -0.078  -16.220 14.217  1.00 67.53  ? 30  LYS A CG  1 
ATOM   181  C CD  . LYS A 1 33  ? 0.538   -15.106 15.044  1.00 77.61  ? 30  LYS A CD  1 
ATOM   182  C CE  . LYS A 1 33  ? -0.275  -14.836 16.298  1.00 69.60  ? 30  LYS A CE  1 
ATOM   183  N NZ  . LYS A 1 33  ? 0.594   -14.411 17.428  1.00 76.72  ? 30  LYS A NZ  1 
ATOM   184  N N   . GLY A 1 34  ? 2.772   -17.601 10.753  1.00 60.10  ? 31  GLY A N   1 
ATOM   185  C CA  . GLY A 1 34  ? 3.177   -18.603 9.788   1.00 66.09  ? 31  GLY A CA  1 
ATOM   186  C C   . GLY A 1 34  ? 2.975   -18.139 8.362   1.00 58.88  ? 31  GLY A C   1 
ATOM   187  O O   . GLY A 1 34  ? 2.093   -17.323 8.079   1.00 55.37  ? 31  GLY A O   1 
ATOM   188  N N   . ARG A 1 35  ? 3.783   -18.668 7.445   1.00 59.92  ? 32  ARG A N   1 
ATOM   189  C CA  . ARG A 1 35  ? 3.789   -18.135 6.091   1.00 50.16  ? 32  ARG A CA  1 
ATOM   190  C C   . ARG A 1 35  ? 2.564   -18.569 5.299   1.00 54.47  ? 32  ARG A C   1 
ATOM   191  O O   . ARG A 1 35  ? 2.051   -17.787 4.495   1.00 58.57  ? 32  ARG A O   1 
ATOM   192  C CB  . ARG A 1 35  ? 5.064   -18.552 5.368   1.00 57.50  ? 32  ARG A CB  1 
ATOM   193  C CG  . ARG A 1 35  ? 6.261   -17.752 5.804   1.00 74.46  ? 32  ARG A CG  1 
ATOM   194  C CD  . ARG A 1 35  ? 7.497   -18.605 5.776   1.00 78.18  ? 32  ARG A CD  1 
ATOM   195  N NE  . ARG A 1 35  ? 7.882   -18.911 4.404   1.00 75.80  ? 32  ARG A NE  1 
ATOM   196  C CZ  . ARG A 1 35  ? 8.484   -18.050 3.592   1.00 75.41  ? 32  ARG A CZ  1 
ATOM   197  N NH1 . ARG A 1 35  ? 8.782   -16.829 4.017   1.00 77.41  ? 32  ARG A NH1 1 
ATOM   198  N NH2 . ARG A 1 35  ? 8.802   -18.414 2.360   1.00 81.30  ? 32  ARG A NH2 1 
ATOM   199  N N   . ALA A 1 36  ? 2.085   -19.801 5.504   1.00 54.54  ? 33  ALA A N   1 
ATOM   200  C CA  . ALA A 1 36  ? 0.934   -20.307 4.760   1.00 48.29  ? 33  ALA A CA  1 
ATOM   201  C C   . ALA A 1 36  ? -0.210  -19.306 4.733   1.00 52.30  ? 33  ALA A C   1 
ATOM   202  O O   . ALA A 1 36  ? -0.804  -19.043 3.680   1.00 52.72  ? 33  ALA A O   1 
ATOM   203  C CB  . ALA A 1 36  ? 0.457   -21.626 5.371   1.00 50.66  ? 33  ALA A CB  1 
ATOM   204  N N   . GLU A 1 37  ? -0.509  -18.718 5.891   1.00 54.02  ? 34  GLU A N   1 
ATOM   205  C CA  . GLU A 1 37  ? -1.621  -17.782 5.984   1.00 52.68  ? 34  GLU A CA  1 
ATOM   206  C C   . GLU A 1 37  ? -1.305  -16.470 5.276   1.00 51.37  ? 34  GLU A C   1 
ATOM   207  O O   . GLU A 1 37  ? -2.160  -15.920 4.575   1.00 50.73  ? 34  GLU A O   1 
ATOM   208  C CB  . GLU A 1 37  ? -1.966  -17.540 7.451   1.00 57.73  ? 34  GLU A CB  1 
ATOM   209  C CG  . GLU A 1 37  ? -3.399  -17.123 7.694   1.00 63.29  ? 34  GLU A CG  1 
ATOM   210  C CD  . GLU A 1 37  ? -3.752  -17.114 9.167   1.00 73.80  ? 34  GLU A CD  1 
ATOM   211  O OE1 . GLU A 1 37  ? -4.670  -16.361 9.554   1.00 70.82  ? 34  GLU A OE1 1 
ATOM   212  O OE2 . GLU A 1 37  ? -3.110  -17.865 9.936   1.00 75.20  ? 34  GLU A OE2 1 
ATOM   213  N N   . LYS A 1 38  ? -0.086  -15.952 5.449   1.00 46.80  ? 35  LYS A N   1 
ATOM   214  C CA  . LYS A 1 38  ? 0.289   -14.700 4.798   1.00 44.72  ? 35  LYS A CA  1 
ATOM   215  C C   . LYS A 1 38  ? 0.240   -14.838 3.280   1.00 47.09  ? 35  LYS A C   1 
ATOM   216  O O   . LYS A 1 38  ? -0.368  -14.013 2.584   1.00 52.70  ? 35  LYS A O   1 
ATOM   217  C CB  . LYS A 1 38  ? 1.684   -14.271 5.254   1.00 41.58  ? 35  LYS A CB  1 
ATOM   218  C CG  . LYS A 1 38  ? 1.815   -14.058 6.752   1.00 43.80  ? 35  LYS A CG  1 
ATOM   219  C CD  . LYS A 1 38  ? 3.264   -13.815 7.144   1.00 42.66  ? 35  LYS A CD  1 
ATOM   220  C CE  . LYS A 1 38  ? 3.414   -13.608 8.641   1.00 47.79  ? 35  LYS A CE  1 
ATOM   221  N NZ  . LYS A 1 38  ? 3.014   -12.238 9.067   1.00 56.10  ? 35  LYS A NZ  1 
ATOM   222  N N   . ILE A 1 39  ? 0.888   -15.878 2.752   1.00 43.53  ? 36  ILE A N   1 
ATOM   223  C CA  . ILE A 1 39  ? 0.821   -16.187 1.328   1.00 40.65  ? 36  ILE A CA  1 
ATOM   224  C C   . ILE A 1 39  ? -0.626  -16.354 0.883   1.00 42.96  ? 36  ILE A C   1 
ATOM   225  O O   . ILE A 1 39  ? -1.006  -15.934 -0.216  1.00 38.94  ? 36  ILE A O   1 
ATOM   226  C CB  . ILE A 1 39  ? 1.657   -17.447 1.031   1.00 36.25  ? 36  ILE A CB  1 
ATOM   227  C CG1 . ILE A 1 39  ? 3.141   -17.172 1.266   1.00 40.76  ? 36  ILE A CG1 1 
ATOM   228  C CG2 . ILE A 1 39  ? 1.407   -17.951 -0.384  1.00 42.55  ? 36  ILE A CG2 1 
ATOM   229  C CD1 . ILE A 1 39  ? 4.013   -18.406 1.167   1.00 55.69  ? 36  ILE A CD1 1 
ATOM   230  N N   . ARG A 1 40  ? -1.457  -16.958 1.734   1.00 43.55  ? 37  ARG A N   1 
ATOM   231  C CA  . ARG A 1 40  ? -2.850  -17.194 1.365   1.00 41.86  ? 37  ARG A CA  1 
ATOM   232  C C   . ARG A 1 40  ? -3.625  -15.887 1.250   1.00 42.24  ? 37  ARG A C   1 
ATOM   233  O O   . ARG A 1 40  ? -4.469  -15.735 0.358   1.00 41.52  ? 37  ARG A O   1 
ATOM   234  C CB  . ARG A 1 40  ? -3.500  -18.129 2.384   1.00 47.08  ? 37  ARG A CB  1 
ATOM   235  C CG  . ARG A 1 40  ? -4.959  -18.442 2.121   1.00 50.34  ? 37  ARG A CG  1 
ATOM   236  C CD  . ARG A 1 40  ? -5.692  -18.609 3.433   1.00 52.62  ? 37  ARG A CD  1 
ATOM   237  N NE  . ARG A 1 40  ? -4.919  -19.430 4.359   1.00 61.43  ? 37  ARG A NE  1 
ATOM   238  C CZ  . ARG A 1 40  ? -5.159  -19.514 5.663   1.00 69.33  ? 37  ARG A CZ  1 
ATOM   239  N NH1 . ARG A 1 40  ? -4.401  -20.290 6.427   1.00 65.45  ? 37  ARG A NH1 1 
ATOM   240  N NH2 . ARG A 1 40  ? -6.154  -18.823 6.202   1.00 66.78  ? 37  ARG A NH2 1 
ATOM   241  N N   . HIS A 1 41  ? -3.350  -14.928 2.136   1.00 43.52  ? 38  HIS A N   1 
ATOM   242  C CA  . HIS A 1 41  ? -4.031  -13.640 2.066   1.00 46.08  ? 38  HIS A CA  1 
ATOM   243  C C   . HIS A 1 41  ? -3.533  -12.815 0.885   1.00 43.87  ? 38  HIS A C   1 
ATOM   244  O O   . HIS A 1 41  ? -4.333  -12.216 0.154   1.00 42.74  ? 38  HIS A O   1 
ATOM   245  C CB  . HIS A 1 41  ? -3.845  -12.878 3.379   1.00 47.80  ? 38  HIS A CB  1 
ATOM   246  C CG  . HIS A 1 41  ? -4.561  -13.497 4.540   1.00 54.57  ? 38  HIS A CG  1 
ATOM   247  N ND1 . HIS A 1 41  ? -5.918  -13.738 4.534   1.00 53.03  ? 38  HIS A ND1 1 
ATOM   248  C CD2 . HIS A 1 41  ? -4.108  -13.928 5.740   1.00 55.62  ? 38  HIS A CD2 1 
ATOM   249  C CE1 . HIS A 1 41  ? -6.270  -14.290 5.680   1.00 55.20  ? 38  HIS A CE1 1 
ATOM   250  N NE2 . HIS A 1 41  ? -5.191  -14.416 6.430   1.00 59.65  ? 38  HIS A NE2 1 
ATOM   251  N N   . PHE A 1 42  ? -2.213  -12.770 0.687   1.00 39.78  ? 39  PHE A N   1 
ATOM   252  C CA  . PHE A 1 42  ? -1.664  -12.091 -0.483  1.00 39.80  ? 39  PHE A CA  1 
ATOM   253  C C   . PHE A 1 42  ? -2.246  -12.663 -1.773  1.00 39.99  ? 39  PHE A C   1 
ATOM   254  O O   . PHE A 1 42  ? -2.594  -11.917 -2.702  1.00 44.59  ? 39  PHE A O   1 
ATOM   255  C CB  . PHE A 1 42  ? -0.140  -12.204 -0.464  1.00 37.23  ? 39  PHE A CB  1 
ATOM   256  C CG  . PHE A 1 42  ? 0.530   -11.641 -1.682  1.00 45.48  ? 39  PHE A CG  1 
ATOM   257  C CD1 . PHE A 1 42  ? 0.219   -10.370 -2.137  1.00 44.38  ? 39  PHE A CD1 1 
ATOM   258  C CD2 . PHE A 1 42  ? 1.478   -12.384 -2.368  1.00 42.39  ? 39  PHE A CD2 1 
ATOM   259  C CE1 . PHE A 1 42  ? 0.838   -9.851  -3.258  1.00 44.25  ? 39  PHE A CE1 1 
ATOM   260  C CE2 . PHE A 1 42  ? 2.099   -11.870 -3.489  1.00 45.61  ? 39  PHE A CE2 1 
ATOM   261  C CZ  . PHE A 1 42  ? 1.778   -10.602 -3.936  1.00 45.85  ? 39  PHE A CZ  1 
ATOM   262  N N   . ARG A 1 43  ? -2.385  -13.988 -1.839  1.00 40.40  ? 40  ARG A N   1 
ATOM   263  C CA  . ARG A 1 43  ? -2.994  -14.613 -3.005  1.00 39.63  ? 40  ARG A CA  1 
ATOM   264  C C   . ARG A 1 43  ? -4.473  -14.261 -3.110  1.00 39.53  ? 40  ARG A C   1 
ATOM   265  O O   . ARG A 1 43  ? -5.002  -14.115 -4.219  1.00 37.86  ? 40  ARG A O   1 
ATOM   266  C CB  . ARG A 1 43  ? -2.799  -16.127 -2.945  1.00 41.75  ? 40  ARG A CB  1 
ATOM   267  C CG  . ARG A 1 43  ? -2.486  -16.762 -4.284  1.00 37.73  ? 40  ARG A CG  1 
ATOM   268  C CD  . ARG A 1 43  ? -2.271  -18.259 -4.150  1.00 40.66  ? 40  ARG A CD  1 
ATOM   269  N NE  . ARG A 1 43  ? -1.237  -18.738 -5.062  1.00 41.20  ? 40  ARG A NE  1 
ATOM   270  C CZ  . ARG A 1 43  ? -0.001  -19.053 -4.692  1.00 39.70  ? 40  ARG A CZ  1 
ATOM   271  N NH1 . ARG A 1 43  ? 0.361   -18.943 -3.419  1.00 37.30  ? 40  ARG A NH1 1 
ATOM   272  N NH2 . ARG A 1 43  ? 0.871   -19.479 -5.593  1.00 36.62  ? 40  ARG A NH2 1 
ATOM   273  N N   . GLU A 1 44  ? -5.159  -14.131 -1.968  1.00 40.17  ? 41  GLU A N   1 
ATOM   274  C CA  . GLU A 1 44  ? -6.527  -13.615 -1.985  1.00 40.90  ? 41  GLU A CA  1 
ATOM   275  C C   . GLU A 1 44  ? -6.580  -12.245 -2.650  1.00 41.37  ? 41  GLU A C   1 
ATOM   276  O O   . GLU A 1 44  ? -7.514  -11.946 -3.404  1.00 41.75  ? 41  GLU A O   1 
ATOM   277  C CB  . GLU A 1 44  ? -7.087  -13.529 -0.564  1.00 36.80  ? 41  GLU A CB  1 
ATOM   278  C CG  . GLU A 1 44  ? -7.608  -14.834 0.013   1.00 46.91  ? 41  GLU A CG  1 
ATOM   279  C CD  . GLU A 1 44  ? -7.946  -14.725 1.494   1.00 63.62  ? 41  GLU A CD  1 
ATOM   280  O OE1 . GLU A 1 44  ? -8.354  -15.743 2.093   1.00 68.83  ? 41  GLU A OE1 1 
ATOM   281  O OE2 . GLU A 1 44  ? -7.806  -13.618 2.059   1.00 65.16  ? 41  GLU A OE2 1 
ATOM   282  N N   . PHE A 1 45  ? -5.579  -11.402 -2.383  1.00 44.52  ? 42  PHE A N   1 
ATOM   283  C CA  . PHE A 1 45  ? -5.550  -10.079 -2.999  1.00 39.83  ? 42  PHE A CA  1 
ATOM   284  C C   . PHE A 1 45  ? -5.285  -10.164 -4.498  1.00 40.91  ? 42  PHE A C   1 
ATOM   285  O O   . PHE A 1 45  ? -5.865  -9.396  -5.275  1.00 43.67  ? 42  PHE A O   1 
ATOM   286  C CB  . PHE A 1 45  ? -4.502  -9.197  -2.323  1.00 36.96  ? 42  PHE A CB  1 
ATOM   287  C CG  . PHE A 1 45  ? -4.545  -7.768  -2.776  1.00 39.61  ? 42  PHE A CG  1 
ATOM   288  C CD1 . PHE A 1 45  ? -5.667  -6.992  -2.543  1.00 41.87  ? 42  PHE A CD1 1 
ATOM   289  C CD2 . PHE A 1 45  ? -3.472  -7.203  -3.445  1.00 41.00  ? 42  PHE A CD2 1 
ATOM   290  C CE1 . PHE A 1 45  ? -5.718  -5.677  -2.961  1.00 42.81  ? 42  PHE A CE1 1 
ATOM   291  C CE2 . PHE A 1 45  ? -3.517  -5.888  -3.866  1.00 43.06  ? 42  PHE A CE2 1 
ATOM   292  C CZ  . PHE A 1 45  ? -4.641  -5.124  -3.623  1.00 45.10  ? 42  PHE A CZ  1 
ATOM   293  N N   . LEU A 1 46  ? -4.403  -11.074 -4.928  1.00 35.60  ? 43  LEU A N   1 
ATOM   294  C CA  . LEU A 1 46  ? -4.174  -11.229 -6.365  1.00 36.87  ? 43  LEU A CA  1 
ATOM   295  C C   . LEU A 1 46  ? -5.435  -11.710 -7.077  1.00 41.47  ? 43  LEU A C   1 
ATOM   296  O O   . LEU A 1 46  ? -5.761  -11.245 -8.182  1.00 39.45  ? 43  LEU A O   1 
ATOM   297  C CB  . LEU A 1 46  ? -3.010  -12.190 -6.613  1.00 40.88  ? 43  LEU A CB  1 
ATOM   298  C CG  . LEU A 1 46  ? -1.638  -11.760 -6.089  1.00 43.97  ? 43  LEU A CG  1 
ATOM   299  C CD1 . LEU A 1 46  ? -0.595  -12.842 -6.340  1.00 43.92  ? 43  LEU A CD1 1 
ATOM   300  C CD2 . LEU A 1 46  ? -1.208  -10.439 -6.713  1.00 38.70  ? 43  LEU A CD2 1 
ATOM   301  N N   . ASP A 1 47  ? -6.168  -12.635 -6.451  1.00 46.86  ? 44  ASP A N   1 
ATOM   302  C CA  . ASP A 1 47  ? -7.405  -13.124 -7.052  1.00 46.23  ? 44  ASP A CA  1 
ATOM   303  C C   . ASP A 1 47  ? -8.467  -12.033 -7.094  1.00 47.30  ? 44  ASP A C   1 
ATOM   304  O O   . ASP A 1 47  ? -9.221  -11.933 -8.069  1.00 46.01  ? 44  ASP A O   1 
ATOM   305  C CB  . ASP A 1 47  ? -7.909  -14.348 -6.290  1.00 46.97  ? 44  ASP A CB  1 
ATOM   306  C CG  . ASP A 1 47  ? -9.100  -15.003 -6.963  1.00 63.55  ? 44  ASP A CG  1 
ATOM   307  O OD1 . ASP A 1 47  ? -10.242 -14.558 -6.717  1.00 69.71  ? 44  ASP A OD1 1 
ATOM   308  O OD2 . ASP A 1 47  ? -8.896  -15.957 -7.743  1.00 69.21  ? 44  ASP A OD2 1 
ATOM   309  N N   . SER A 1 48  ? -8.547  -11.211 -6.045  1.00 43.66  ? 45  SER A N   1 
ATOM   310  C CA  . SER A 1 48  ? -9.454  -10.068 -6.075  1.00 41.72  ? 45  SER A CA  1 
ATOM   311  C C   . SER A 1 48  ? -9.073  -9.095  -7.185  1.00 42.25  ? 45  SER A C   1 
ATOM   312  O O   . SER A 1 48  ? -9.945  -8.508  -7.839  1.00 40.51  ? 45  SER A O   1 
ATOM   313  C CB  . SER A 1 48  ? -9.453  -9.366  -4.719  1.00 40.81  ? 45  SER A CB  1 
ATOM   314  O OG  . SER A 1 48  ? -10.522 -8.443  -4.622  1.00 53.02  ? 45  SER A OG  1 
ATOM   315  N N   . TRP A 1 49  ? -7.769  -8.916  -7.412  1.00 39.33  ? 46  TRP A N   1 
ATOM   316  C CA  . TRP A 1 49  ? -7.293  -8.045  -8.482  1.00 36.97  ? 46  TRP A CA  1 
ATOM   317  C C   . TRP A 1 49  ? -7.777  -8.532  -9.845  1.00 41.19  ? 46  TRP A C   1 
ATOM   318  O O   . TRP A 1 49  ? -8.421  -7.784  -10.598 1.00 41.49  ? 46  TRP A O   1 
ATOM   319  C CB  . TRP A 1 49  ? -5.765  -7.979  -8.431  1.00 37.20  ? 46  TRP A CB  1 
ATOM   320  C CG  . TRP A 1 49  ? -5.130  -6.883  -9.233  1.00 38.70  ? 46  TRP A CG  1 
ATOM   321  C CD1 . TRP A 1 49  ? -4.669  -6.968  -10.514 1.00 39.25  ? 46  TRP A CD1 1 
ATOM   322  C CD2 . TRP A 1 49  ? -4.861  -5.544  -8.797  1.00 40.49  ? 46  TRP A CD2 1 
ATOM   323  N NE1 . TRP A 1 49  ? -4.138  -5.762  -10.906 1.00 42.67  ? 46  TRP A NE1 1 
ATOM   324  C CE2 . TRP A 1 49  ? -4.243  -4.872  -9.870  1.00 38.51  ? 46  TRP A CE2 1 
ATOM   325  C CE3 . TRP A 1 49  ? -5.087  -4.847  -7.605  1.00 36.07  ? 46  TRP A CE3 1 
ATOM   326  C CZ2 . TRP A 1 49  ? -3.850  -3.539  -9.788  1.00 34.71  ? 46  TRP A CZ2 1 
ATOM   327  C CZ3 . TRP A 1 49  ? -4.694  -3.524  -7.527  1.00 34.70  ? 46  TRP A CZ3 1 
ATOM   328  C CH2 . TRP A 1 49  ? -4.082  -2.884  -8.611  1.00 31.52  ? 46  TRP A CH2 1 
ATOM   329  N N   . ARG A 1 50  ? -7.487  -9.796  -10.179 1.00 42.91  ? 47  ARG A N   1 
ATOM   330  C CA  . ARG A 1 50  ? -7.959  -10.323 -11.458 1.00 43.90  ? 47  ARG A CA  1 
ATOM   331  C C   . ARG A 1 50  ? -9.484  -10.334 -11.529 1.00 43.26  ? 47  ARG A C   1 
ATOM   332  O O   . ARG A 1 50  ? -10.057 -10.208 -12.619 1.00 42.06  ? 47  ARG A O   1 
ATOM   333  C CB  . ARG A 1 50  ? -7.385  -11.722 -11.702 1.00 46.97  ? 47  ARG A CB  1 
ATOM   334  C CG  . ARG A 1 50  ? -8.153  -12.872 -11.064 1.00 56.94  ? 47  ARG A CG  1 
ATOM   335  C CD  . ARG A 1 50  ? -7.461  -14.196 -11.353 1.00 50.07  ? 47  ARG A CD  1 
ATOM   336  N NE  . ARG A 1 50  ? -6.040  -14.129 -11.028 1.00 60.88  ? 47  ARG A NE  1 
ATOM   337  C CZ  . ARG A 1 50  ? -5.492  -14.662 -9.941  1.00 62.36  ? 47  ARG A CZ  1 
ATOM   338  N NH1 . ARG A 1 50  ? -6.240  -15.330 -9.072  1.00 58.87  ? 47  ARG A NH1 1 
ATOM   339  N NH2 . ARG A 1 50  ? -4.188  -14.540 -9.730  1.00 65.53  ? 47  ARG A NH2 1 
ATOM   340  N N   . LYS A 1 51  ? -10.154 -10.458 -10.379 1.00 48.22  ? 48  LYS A N   1 
ATOM   341  C CA  . LYS A 1 51  ? -11.613 -10.398 -10.352 1.00 47.29  ? 48  LYS A CA  1 
ATOM   342  C C   . LYS A 1 51  ? -12.113 -9.022  -10.769 1.00 46.73  ? 48  LYS A C   1 
ATOM   343  O O   . LYS A 1 51  ? -13.060 -8.909  -11.559 1.00 42.89  ? 48  LYS A O   1 
ATOM   344  C CB  . LYS A 1 51  ? -12.119 -10.756 -8.955  1.00 46.90  ? 48  LYS A CB  1 
ATOM   345  C CG  . LYS A 1 51  ? -13.624 -10.942 -8.856  1.00 56.92  ? 48  LYS A CG  1 
ATOM   346  C CD  . LYS A 1 51  ? -14.082 -10.936 -7.403  1.00 58.98  ? 48  LYS A CD  1 
ATOM   347  C CE  . LYS A 1 51  ? -13.734 -9.617  -6.724  1.00 59.65  ? 48  LYS A CE  1 
ATOM   348  N NZ  . LYS A 1 51  ? -13.931 -9.658  -5.247  1.00 61.28  ? 48  LYS A NZ  1 
ATOM   349  N N   . PHE A 1 52  ? -11.491 -7.962  -10.243 1.00 52.44  ? 49  PHE A N   1 
ATOM   350  C CA  . PHE A 1 52  ? -11.829 -6.612  -10.682 1.00 47.70  ? 49  PHE A CA  1 
ATOM   351  C C   . PHE A 1 52  ? -11.557 -6.436  -12.168 1.00 46.18  ? 49  PHE A C   1 
ATOM   352  O O   . PHE A 1 52  ? -12.355 -5.815  -12.883 1.00 47.03  ? 49  PHE A O   1 
ATOM   353  C CB  . PHE A 1 52  ? -11.044 -5.578  -9.875  1.00 39.41  ? 49  PHE A CB  1 
ATOM   354  C CG  . PHE A 1 52  ? -11.724 -5.150  -8.606  1.00 47.36  ? 49  PHE A CG  1 
ATOM   355  C CD1 . PHE A 1 52  ? -12.761 -4.232  -8.633  1.00 49.67  ? 49  PHE A CD1 1 
ATOM   356  C CD2 . PHE A 1 52  ? -11.316 -5.656  -7.381  1.00 50.59  ? 49  PHE A CD2 1 
ATOM   357  C CE1 . PHE A 1 52  ? -13.382 -3.831  -7.463  1.00 45.88  ? 49  PHE A CE1 1 
ATOM   358  C CE2 . PHE A 1 52  ? -11.931 -5.259  -6.209  1.00 44.81  ? 49  PHE A CE2 1 
ATOM   359  C CZ  . PHE A 1 52  ? -12.965 -4.346  -6.251  1.00 46.66  ? 49  PHE A CZ  1 
ATOM   360  N N   . HIS A 1 53  ? -10.435 -6.975  -12.654 1.00 40.95  ? 50  HIS A N   1 
ATOM   361  C CA  . HIS A 1 53  ? -10.146 -6.900  -14.085 1.00 41.88  ? 50  HIS A CA  1 
ATOM   362  C C   . HIS A 1 53  ? -11.275 -7.521  -14.905 1.00 45.97  ? 50  HIS A C   1 
ATOM   363  O O   . HIS A 1 53  ? -11.726 -6.944  -15.904 1.00 44.83  ? 50  HIS A O   1 
ATOM   364  C CB  . HIS A 1 53  ? -8.813  -7.587  -14.383 1.00 44.35  ? 50  HIS A CB  1 
ATOM   365  C CG  . HIS A 1 53  ? -8.567  -7.823  -15.841 1.00 49.10  ? 50  HIS A CG  1 
ATOM   366  N ND1 . HIS A 1 53  ? -7.899  -6.918  -16.639 1.00 51.44  ? 50  HIS A ND1 1 
ATOM   367  C CD2 . HIS A 1 53  ? -8.892  -8.864  -16.644 1.00 50.23  ? 50  HIS A CD2 1 
ATOM   368  C CE1 . HIS A 1 53  ? -7.828  -7.390  -17.871 1.00 52.58  ? 50  HIS A CE1 1 
ATOM   369  N NE2 . HIS A 1 53  ? -8.422  -8.569  -17.902 1.00 59.51  ? 50  HIS A NE2 1 
ATOM   370  N N   . ASP A 1 54  ? -11.757 -8.692  -14.480 1.00 47.25  ? 51  ASP A N   1 
ATOM   371  C CA  . ASP A 1 54  ? -12.793 -9.383  -15.243 1.00 45.44  ? 51  ASP A CA  1 
ATOM   372  C C   . ASP A 1 54  ? -14.127 -8.650  -15.169 1.00 46.45  ? 51  ASP A C   1 
ATOM   373  O O   . ASP A 1 54  ? -14.851 -8.567  -16.169 1.00 45.82  ? 51  ASP A O   1 
ATOM   374  C CB  . ASP A 1 54  ? -12.937 -10.820 -14.743 1.00 50.54  ? 51  ASP A CB  1 
ATOM   375  C CG  . ASP A 1 54  ? -11.676 -11.637 -14.946 1.00 59.77  ? 51  ASP A CG  1 
ATOM   376  O OD1 . ASP A 1 54  ? -10.880 -11.287 -15.849 1.00 51.99  ? 51  ASP A OD1 1 
ATOM   377  O OD2 . ASP A 1 54  ? -11.477 -12.623 -14.202 1.00 60.62  ? 51  ASP A OD2 1 
ATOM   378  N N   . ALA A 1 55  ? -14.473 -8.120  -13.993 1.00 48.55  ? 52  ALA A N   1 
ATOM   379  C CA  . ALA A 1 55  ? -15.704 -7.347  -13.862 1.00 44.60  ? 52  ALA A CA  1 
ATOM   380  C C   . ALA A 1 55  ? -15.673 -6.119  -14.764 1.00 47.23  ? 52  ALA A C   1 
ATOM   381  O O   . ALA A 1 55  ? -16.646 -5.822  -15.472 1.00 49.84  ? 52  ALA A O   1 
ATOM   382  C CB  . ALA A 1 55  ? -15.913 -6.940  -12.404 1.00 42.59  ? 52  ALA A CB  1 
ATOM   383  N N   . LEU A 1 56  ? -14.550 -5.399  -14.758 1.00 44.45  ? 53  LEU A N   1 
ATOM   384  C CA  . LEU A 1 56  ? -14.418 -4.232  -15.622 1.00 44.39  ? 53  LEU A CA  1 
ATOM   385  C C   . LEU A 1 56  ? -14.523 -4.618  -17.091 1.00 44.46  ? 53  LEU A C   1 
ATOM   386  O O   . LEU A 1 56  ? -15.154 -3.906  -17.880 1.00 46.74  ? 53  LEU A O   1 
ATOM   387  C CB  . LEU A 1 56  ? -13.097 -3.517  -15.340 1.00 47.24  ? 53  LEU A CB  1 
ATOM   388  C CG  . LEU A 1 56  ? -12.981 -2.876  -13.955 1.00 41.85  ? 53  LEU A CG  1 
ATOM   389  C CD1 . LEU A 1 56  ? -11.566 -2.385  -13.694 1.00 42.05  ? 53  LEU A CD1 1 
ATOM   390  C CD2 . LEU A 1 56  ? -13.978 -1.744  -13.807 1.00 39.17  ? 53  LEU A CD2 1 
ATOM   391  N N   . HIS A 1 57  ? -13.922 -5.747  -17.478 1.00 49.21  ? 54  HIS A N   1 
ATOM   392  C CA  . HIS A 1 57  ? -14.041 -6.188  -18.865 1.00 49.81  ? 54  HIS A CA  1 
ATOM   393  C C   . HIS A 1 57  ? -15.490 -6.495  -19.224 1.00 50.53  ? 54  HIS A C   1 
ATOM   394  O O   . HIS A 1 57  ? -15.950 -6.161  -20.324 1.00 45.26  ? 54  HIS A O   1 
ATOM   395  C CB  . HIS A 1 57  ? -13.166 -7.413  -19.123 1.00 51.25  ? 54  HIS A CB  1 
ATOM   396  C CG  . HIS A 1 57  ? -13.430 -8.069  -20.445 1.00 62.93  ? 54  HIS A CG  1 
ATOM   397  N ND1 . HIS A 1 57  ? -14.495 -8.919  -20.658 1.00 64.28  ? 54  HIS A ND1 1 
ATOM   398  C CD2 . HIS A 1 57  ? -12.779 -7.980  -21.628 1.00 63.13  ? 54  HIS A CD2 1 
ATOM   399  C CE1 . HIS A 1 57  ? -14.482 -9.332  -21.913 1.00 66.25  ? 54  HIS A CE1 1 
ATOM   400  N NE2 . HIS A 1 57  ? -13.450 -8.778  -22.523 1.00 64.12  ? 54  HIS A NE2 1 
ATOM   401  N N   . LYS A 1 58  ? -16.225 -7.140  -18.318 1.00 51.26  ? 55  LYS A N   1 
ATOM   402  C CA  . LYS A 1 58  ? -17.607 -7.484  -18.623 1.00 50.74  ? 55  LYS A CA  1 
ATOM   403  C C   . LYS A 1 58  ? -18.541 -6.282  -18.543 1.00 51.90  ? 55  LYS A C   1 
ATOM   404  O O   . LYS A 1 58  ? -19.670 -6.357  -19.041 1.00 52.71  ? 55  LYS A O   1 
ATOM   405  C CB  . LYS A 1 58  ? -18.076 -8.624  -17.707 1.00 49.33  ? 55  LYS A CB  1 
ATOM   406  C CG  . LYS A 1 58  ? -19.011 -8.253  -16.569 1.00 58.72  ? 55  LYS A CG  1 
ATOM   407  C CD  . LYS A 1 58  ? -19.516 -9.535  -15.906 1.00 68.29  ? 55  LYS A CD  1 
ATOM   408  C CE  . LYS A 1 58  ? -20.289 -9.261  -14.624 1.00 67.31  ? 55  LYS A CE  1 
ATOM   409  N NZ  . LYS A 1 58  ? -20.483 -10.508 -13.826 1.00 73.53  ? 55  LYS A NZ  1 
ATOM   410  N N   . ASN A 1 59  ? -18.096 -5.169  -17.959 1.00 53.24  ? 56  ASN A N   1 
ATOM   411  C CA  . ASN A 1 59  ? -18.787 -3.895  -18.106 1.00 47.06  ? 56  ASN A CA  1 
ATOM   412  C C   . ASN A 1 59  ? -18.183 -3.038  -19.217 1.00 48.19  ? 56  ASN A C   1 
ATOM   413  O O   . ASN A 1 59  ? -18.358 -1.814  -19.216 1.00 50.17  ? 56  ASN A O   1 
ATOM   414  C CB  . ASN A 1 59  ? -18.790 -3.133  -16.781 1.00 49.33  ? 56  ASN A CB  1 
ATOM   415  C CG  . ASN A 1 59  ? -19.685 -3.780  -15.744 1.00 48.42  ? 56  ASN A CG  1 
ATOM   416  O OD1 . ASN A 1 59  ? -20.767 -3.279  -15.444 1.00 43.03  ? 56  ASN A OD1 1 
ATOM   417  N ND2 . ASN A 1 59  ? -19.240 -4.904  -15.195 1.00 50.10  ? 56  ASN A ND2 1 
ATOM   418  N N   . HIS A 1 60  ? -17.468 -3.664  -20.155 1.00 49.93  ? 57  HIS A N   1 
ATOM   419  C CA  . HIS A 1 60  ? -16.918 -2.995  -21.337 1.00 50.80  ? 57  HIS A CA  1 
ATOM   420  C C   . HIS A 1 60  ? -15.956 -1.873  -20.953 1.00 51.27  ? 57  HIS A C   1 
ATOM   421  O O   . HIS A 1 60  ? -16.068 -0.735  -21.413 1.00 59.71  ? 57  HIS A O   1 
ATOM   422  C CB  . HIS A 1 60  ? -18.038 -2.485  -22.246 1.00 44.64  ? 57  HIS A CB  1 
ATOM   423  C CG  . HIS A 1 60  ? -19.080 -3.516  -22.544 1.00 46.59  ? 57  HIS A CG  1 
ATOM   424  N ND1 . HIS A 1 60  ? -20.216 -3.667  -21.778 1.00 46.87  ? 57  HIS A ND1 1 
ATOM   425  C CD2 . HIS A 1 60  ? -19.148 -4.461  -23.510 1.00 49.20  ? 57  HIS A CD2 1 
ATOM   426  C CE1 . HIS A 1 60  ? -20.945 -4.654  -22.268 1.00 50.72  ? 57  HIS A CE1 1 
ATOM   427  N NE2 . HIS A 1 60  ? -20.319 -5.153  -23.318 1.00 51.94  ? 57  HIS A NE2 1 
ATOM   428  N N   . LYS A 1 61  ? -14.996 -2.212  -20.093 1.00 46.02  ? 58  LYS A N   1 
ATOM   429  C CA  . LYS A 1 61  ? -13.895 -1.327  -19.715 1.00 53.36  ? 58  LYS A CA  1 
ATOM   430  C C   . LYS A 1 61  ? -12.611 -2.128  -19.910 1.00 60.59  ? 58  LYS A C   1 
ATOM   431  O O   . LYS A 1 61  ? -12.137 -2.780  -18.974 1.00 56.15  ? 58  LYS A O   1 
ATOM   432  C CB  . LYS A 1 61  ? -14.037 -0.833  -18.273 1.00 49.01  ? 58  LYS A CB  1 
ATOM   433  C CG  . LYS A 1 61  ? -15.350 -0.142  -17.964 1.00 46.82  ? 58  LYS A CG  1 
ATOM   434  C CD  . LYS A 1 61  ? -15.135 1.313   -17.588 1.00 54.60  ? 58  LYS A CD  1 
ATOM   435  C CE  . LYS A 1 61  ? -16.445 2.083   -17.600 1.00 51.91  ? 58  LYS A CE  1 
ATOM   436  N NZ  . LYS A 1 61  ? -17.104 2.017   -18.935 1.00 56.94  ? 58  LYS A NZ  1 
ATOM   437  N N   . ASP A 1 62  ? -12.054 -2.097  -21.121 1.00 62.54  ? 59  ASP A N   1 
ATOM   438  C CA  . ASP A 1 62  ? -10.801 -2.806  -21.347 1.00 62.98  ? 59  ASP A CA  1 
ATOM   439  C C   . ASP A 1 62  ? -9.674  -2.082  -20.627 1.00 59.78  ? 59  ASP A C   1 
ATOM   440  O O   . ASP A 1 62  ? -9.064  -1.154  -21.169 1.00 64.17  ? 59  ASP A O   1 
ATOM   441  C CB  . ASP A 1 62  ? -10.487 -2.949  -22.837 1.00 79.30  ? 59  ASP A CB  1 
ATOM   442  C CG  . ASP A 1 62  ? -9.381  -3.961  -23.100 1.00 92.33  ? 59  ASP A CG  1 
ATOM   443  O OD1 . ASP A 1 62  ? -8.362  -3.590  -23.719 1.00 99.37  ? 59  ASP A OD1 1 
ATOM   444  O OD2 . ASP A 1 62  ? -9.525  -5.126  -22.668 1.00 92.17  ? 59  ASP A OD2 1 
ATOM   445  N N   . VAL A 1 63  ? -9.402  -2.505  -19.403 1.00 60.53  ? 60  VAL A N   1 
ATOM   446  C CA  . VAL A 1 63  ? -8.382  -1.903  -18.565 1.00 54.43  ? 60  VAL A CA  1 
ATOM   447  C C   . VAL A 1 63  ? -7.177  -2.830  -18.528 1.00 59.54  ? 60  VAL A C   1 
ATOM   448  O O   . VAL A 1 63  ? -7.274  -4.033  -18.795 1.00 68.39  ? 60  VAL A O   1 
ATOM   449  C CB  . VAL A 1 63  ? -8.912  -1.634  -17.144 1.00 58.33  ? 60  VAL A CB  1 
ATOM   450  C CG1 . VAL A 1 63  ? -10.075 -0.662  -17.190 1.00 54.15  ? 60  VAL A CG1 1 
ATOM   451  C CG2 . VAL A 1 63  ? -9.350  -2.940  -16.502 1.00 53.10  ? 60  VAL A CG2 1 
ATOM   452  N N   . THR A 1 64  ? -6.025  -2.260  -18.196 1.00 65.05  ? 61  THR A N   1 
ATOM   453  C CA  . THR A 1 64  ? -4.839  -3.069  -17.974 1.00 67.07  ? 61  THR A CA  1 
ATOM   454  C C   . THR A 1 64  ? -4.887  -3.682  -16.578 1.00 62.16  ? 61  THR A C   1 
ATOM   455  O O   . THR A 1 64  ? -5.450  -3.106  -15.642 1.00 53.66  ? 61  THR A O   1 
ATOM   456  C CB  . THR A 1 64  ? -3.567  -2.236  -18.149 1.00 66.20  ? 61  THR A CB  1 
ATOM   457  O OG1 . THR A 1 64  ? -2.416  -3.061  -17.924 1.00 79.07  ? 61  THR A OG1 1 
ATOM   458  C CG2 . THR A 1 64  ? -3.545  -1.068  -17.174 1.00 60.40  ? 61  THR A CG2 1 
ATOM   459  N N   . ASP A 1 65  ? -4.307  -4.877  -16.451 1.00 59.16  ? 62  ASP A N   1 
ATOM   460  C CA  . ASP A 1 65  ? -4.288  -5.608  -15.190 1.00 58.81  ? 62  ASP A CA  1 
ATOM   461  C C   . ASP A 1 65  ? -2.916  -5.555  -14.524 1.00 56.92  ? 62  ASP A C   1 
ATOM   462  O O   . ASP A 1 65  ? -2.528  -6.484  -13.811 1.00 57.93  ? 62  ASP A O   1 
ATOM   463  C CB  . ASP A 1 65  ? -4.728  -7.057  -15.402 1.00 63.36  ? 62  ASP A CB  1 
ATOM   464  C CG  . ASP A 1 65  ? -3.891  -7.781  -16.440 1.00 66.97  ? 62  ASP A CG  1 
ATOM   465  O OD1 . ASP A 1 65  ? -3.235  -7.101  -17.258 1.00 71.00  ? 62  ASP A OD1 1 
ATOM   466  O OD2 . ASP A 1 65  ? -3.891  -9.031  -16.438 1.00 68.26  ? 62  ASP A OD2 1 
ATOM   467  N N   . SER A 1 66  ? -2.173  -4.472  -14.749 1.00 53.28  ? 63  SER A N   1 
ATOM   468  C CA  . SER A 1 66  ? -0.867  -4.320  -14.126 1.00 48.14  ? 63  SER A CA  1 
ATOM   469  C C   . SER A 1 66  ? -1.011  -4.219  -12.613 1.00 45.24  ? 63  SER A C   1 
ATOM   470  O O   . SER A 1 66  ? -1.814  -3.432  -12.105 1.00 48.99  ? 63  SER A O   1 
ATOM   471  C CB  . SER A 1 66  ? -0.162  -3.080  -14.675 1.00 50.29  ? 63  SER A CB  1 
ATOM   472  O OG  . SER A 1 66  ? 1.042   -2.821  -13.969 1.00 48.99  ? 63  SER A OG  1 
ATOM   473  N N   . PHE A 1 67  ? -0.235  -5.026  -11.896 1.00 41.83  ? 64  PHE A N   1 
ATOM   474  C CA  . PHE A 1 67  ? -0.228  -5.023  -10.439 1.00 38.31  ? 64  PHE A CA  1 
ATOM   475  C C   . PHE A 1 67  ? 0.757   -4.014  -9.860  1.00 36.23  ? 64  PHE A C   1 
ATOM   476  O O   . PHE A 1 67  ? 0.827   -3.868  -8.635  1.00 32.66  ? 64  PHE A O   1 
ATOM   477  C CB  . PHE A 1 67  ? 0.092   -6.433  -9.920  1.00 36.59  ? 64  PHE A CB  1 
ATOM   478  C CG  . PHE A 1 67  ? -0.192  -6.625  -8.457  1.00 35.88  ? 64  PHE A CG  1 
ATOM   479  C CD1 . PHE A 1 67  ? -1.491  -6.596  -7.979  1.00 33.96  ? 64  PHE A CD1 1 
ATOM   480  C CD2 . PHE A 1 67  ? 0.846   -6.834  -7.560  1.00 37.01  ? 64  PHE A CD2 1 
ATOM   481  C CE1 . PHE A 1 67  ? -1.753  -6.773  -6.631  1.00 34.23  ? 64  PHE A CE1 1 
ATOM   482  C CE2 . PHE A 1 67  ? 0.594   -7.010  -6.210  1.00 35.95  ? 64  PHE A CE2 1 
ATOM   483  C CZ  . PHE A 1 67  ? -0.707  -6.980  -5.745  1.00 39.16  ? 64  PHE A CZ  1 
ATOM   484  N N   . TYR A 1 68  ? 1.503   -3.311  -10.713 1.00 39.87  ? 65  TYR A N   1 
ATOM   485  C CA  . TYR A 1 68  ? 2.492   -2.347  -10.231 1.00 41.48  ? 65  TYR A CA  1 
ATOM   486  C C   . TYR A 1 68  ? 1.919   -1.265  -9.321  1.00 36.56  ? 65  TYR A C   1 
ATOM   487  O O   . TYR A 1 68  ? 2.608   -0.896  -8.351  1.00 31.26  ? 65  TYR A O   1 
ATOM   488  C CB  . TYR A 1 68  ? 3.215   -1.715  -11.428 1.00 43.77  ? 65  TYR A CB  1 
ATOM   489  C CG  . TYR A 1 68  ? 4.148   -0.582  -11.058 1.00 44.24  ? 65  TYR A CG  1 
ATOM   490  C CD1 . TYR A 1 68  ? 5.269   -0.808  -10.272 1.00 47.79  ? 65  TYR A CD1 1 
ATOM   491  C CD2 . TYR A 1 68  ? 3.907   0.713   -11.501 1.00 42.80  ? 65  TYR A CD2 1 
ATOM   492  C CE1 . TYR A 1 68  ? 6.125   0.224   -9.934  1.00 49.83  ? 65  TYR A CE1 1 
ATOM   493  C CE2 . TYR A 1 68  ? 4.756   1.751   -11.168 1.00 46.54  ? 65  TYR A CE2 1 
ATOM   494  C CZ  . TYR A 1 68  ? 5.862   1.501   -10.385 1.00 50.25  ? 65  TYR A CZ  1 
ATOM   495  O OH  . TYR A 1 68  ? 6.710   2.531   -10.052 1.00 54.75  ? 65  TYR A OH  1 
ATOM   496  N N   . PRO A 1 69  ? 0.723   -0.707  -9.557  1.00 37.76  ? 66  PRO A N   1 
ATOM   497  C CA  . PRO A 1 69  ? 0.180   0.261   -8.589  1.00 33.40  ? 66  PRO A CA  1 
ATOM   498  C C   . PRO A 1 69  ? 0.060   -0.294  -7.183  1.00 37.11  ? 66  PRO A C   1 
ATOM   499  O O   . PRO A 1 69  ? 0.177   0.465   -6.213  1.00 36.23  ? 66  PRO A O   1 
ATOM   500  C CB  . PRO A 1 69  ? -1.196  0.602   -9.171  1.00 32.94  ? 66  PRO A CB  1 
ATOM   501  C CG  . PRO A 1 69  ? -1.067  0.347   -10.617 1.00 30.92  ? 66  PRO A CG  1 
ATOM   502  C CD  . PRO A 1 69  ? -0.130  -0.806  -10.757 1.00 36.03  ? 66  PRO A CD  1 
ATOM   503  N N   . ALA A 1 70  ? -0.174  -1.598  -7.042  1.00 41.56  ? 67  ALA A N   1 
ATOM   504  C CA  . ALA A 1 70  ? -0.228  -2.224  -5.729  1.00 32.59  ? 67  ALA A CA  1 
ATOM   505  C C   . ALA A 1 70  ? 1.137   -2.723  -5.278  1.00 35.24  ? 67  ALA A C   1 
ATOM   506  O O   . ALA A 1 70  ? 1.475   -2.600  -4.098  1.00 37.47  ? 67  ALA A O   1 
ATOM   507  C CB  . ALA A 1 70  ? -1.231  -3.379  -5.735  1.00 32.84  ? 67  ALA A CB  1 
ATOM   508  N N   . MET A 1 71  ? 1.935   -3.275  -6.197  1.00 37.13  ? 68  MET A N   1 
ATOM   509  C CA  . MET A 1 71  ? 3.240   -3.806  -5.817  1.00 35.61  ? 68  MET A CA  1 
ATOM   510  C C   . MET A 1 71  ? 4.185   -2.709  -5.345  1.00 38.26  ? 68  MET A C   1 
ATOM   511  O O   . MET A 1 71  ? 5.014   -2.951  -4.460  1.00 40.58  ? 68  MET A O   1 
ATOM   512  C CB  . MET A 1 71  ? 3.861   -4.570  -6.985  1.00 39.41  ? 68  MET A CB  1 
ATOM   513  C CG  . MET A 1 71  ? 5.033   -5.453  -6.583  1.00 46.28  ? 68  MET A CG  1 
ATOM   514  S SD  . MET A 1 71  ? 4.520   -6.890  -5.620  1.00 45.15  ? 68  MET A SD  1 
ATOM   515  C CE  . MET A 1 71  ? 4.397   -8.126  -6.909  1.00 43.65  ? 68  MET A CE  1 
ATOM   516  N N   . ARG A 1 72  ? 4.085   -1.508  -5.919  1.00 37.56  ? 69  ARG A N   1 
ATOM   517  C CA  . ARG A 1 72  ? 4.897   -0.394  -5.440  1.00 36.82  ? 69  ARG A CA  1 
ATOM   518  C C   . ARG A 1 72  ? 4.535   0.005   -4.014  1.00 37.54  ? 69  ARG A C   1 
ATOM   519  O O   . ARG A 1 72  ? 5.368   0.588   -3.312  1.00 34.54  ? 69  ARG A O   1 
ATOM   520  C CB  . ARG A 1 72  ? 4.749   0.805   -6.380  1.00 38.01  ? 69  ARG A CB  1 
ATOM   521  C CG  . ARG A 1 72  ? 3.399   1.502   -6.302  1.00 33.51  ? 69  ARG A CG  1 
ATOM   522  C CD  . ARG A 1 72  ? 3.215   2.473   -7.453  1.00 33.74  ? 69  ARG A CD  1 
ATOM   523  N NE  . ARG A 1 72  ? 4.418   3.263   -7.695  1.00 41.79  ? 69  ARG A NE  1 
ATOM   524  C CZ  . ARG A 1 72  ? 4.453   4.360   -8.444  1.00 41.89  ? 69  ARG A CZ  1 
ATOM   525  N NH1 . ARG A 1 72  ? 3.347   4.799   -9.028  1.00 41.47  ? 69  ARG A NH1 1 
ATOM   526  N NH2 . ARG A 1 72  ? 5.594   5.017   -8.606  1.00 36.21  ? 69  ARG A NH2 1 
ATOM   527  N N   . LEU A 1 73  ? 3.315   -0.296  -3.573  1.00 36.83  ? 70  LEU A N   1 
ATOM   528  C CA  . LEU A 1 73  ? 2.908   -0.040  -2.199  1.00 39.47  ? 70  LEU A CA  1 
ATOM   529  C C   . LEU A 1 73  ? 3.198   -1.217  -1.280  1.00 40.10  ? 70  LEU A C   1 
ATOM   530  O O   . LEU A 1 73  ? 3.400   -1.019  -0.076  1.00 43.73  ? 70  LEU A O   1 
ATOM   531  C CB  . LEU A 1 73  ? 1.415   0.296   -2.146  1.00 41.36  ? 70  LEU A CB  1 
ATOM   532  C CG  . LEU A 1 73  ? 1.007   1.595   -2.842  1.00 40.96  ? 70  LEU A CG  1 
ATOM   533  C CD1 . LEU A 1 73  ? -0.505  1.743   -2.872  1.00 39.42  ? 70  LEU A CD1 1 
ATOM   534  C CD2 . LEU A 1 73  ? 1.653   2.784   -2.154  1.00 37.41  ? 70  LEU A CD2 1 
ATOM   535  N N   . ILE A 1 74  ? 3.218   -2.434  -1.823  1.00 39.96  ? 71  ILE A N   1 
ATOM   536  C CA  . ILE A 1 74  ? 3.560   -3.611  -1.033  1.00 43.32  ? 71  ILE A CA  1 
ATOM   537  C C   . ILE A 1 74  ? 5.067   -3.697  -0.819  1.00 47.21  ? 71  ILE A C   1 
ATOM   538  O O   . ILE A 1 74  ? 5.525   -4.157  0.235   1.00 46.08  ? 71  ILE A O   1 
ATOM   539  C CB  . ILE A 1 74  ? 3.006   -4.876  -1.713  1.00 42.83  ? 71  ILE A CB  1 
ATOM   540  C CG1 . ILE A 1 74  ? 1.475   -4.839  -1.734  1.00 43.83  ? 71  ILE A CG1 1 
ATOM   541  C CG2 . ILE A 1 74  ? 3.501   -6.134  -1.016  1.00 40.95  ? 71  ILE A CG2 1 
ATOM   542  C CD1 . ILE A 1 74  ? 0.842   -5.958  -2.541  1.00 39.67  ? 71  ILE A CD1 1 
ATOM   543  N N   . LEU A 1 75  ? 5.859   -3.242  -1.793  1.00 42.05  ? 72  LEU A N   1 
ATOM   544  C CA  . LEU A 1 75  ? 7.315   -3.225  -1.705  1.00 44.36  ? 72  LEU A CA  1 
ATOM   545  C C   . LEU A 1 75  ? 7.808   -1.785  -1.863  1.00 45.80  ? 72  LEU A C   1 
ATOM   546  O O   . LEU A 1 75  ? 8.419   -1.434  -2.878  1.00 45.84  ? 72  LEU A O   1 
ATOM   547  C CB  . LEU A 1 75  ? 7.937   -4.133  -2.764  1.00 41.20  ? 72  LEU A CB  1 
ATOM   548  C CG  . LEU A 1 75  ? 7.503   -5.598  -2.681  1.00 47.58  ? 72  LEU A CG  1 
ATOM   549  C CD1 . LEU A 1 75  ? 7.903   -6.361  -3.937  1.00 48.90  ? 72  LEU A CD1 1 
ATOM   550  C CD2 . LEU A 1 75  ? 8.080   -6.257  -1.435  1.00 47.40  ? 72  LEU A CD2 1 
ATOM   551  N N   . PRO A 1 76  ? 7.564   -0.935  -0.858  1.00 44.17  ? 73  PRO A N   1 
ATOM   552  C CA  . PRO A 1 76  ? 7.910   0.488   -1.015  1.00 45.69  ? 73  PRO A CA  1 
ATOM   553  C C   . PRO A 1 76  ? 9.401   0.742   -1.105  1.00 46.84  ? 73  PRO A C   1 
ATOM   554  O O   . PRO A 1 76  ? 9.808   1.736   -1.716  1.00 44.33  ? 73  PRO A O   1 
ATOM   555  C CB  . PRO A 1 76  ? 7.309   1.140   0.240   1.00 47.66  ? 73  PRO A CB  1 
ATOM   556  C CG  . PRO A 1 76  ? 6.413   0.102   0.847   1.00 46.67  ? 73  PRO A CG  1 
ATOM   557  C CD  . PRO A 1 76  ? 6.999   -1.214  0.468   1.00 43.70  ? 73  PRO A CD  1 
ATOM   558  N N   . GLN A 1 77  ? 10.229  -0.113  -0.505  1.00 51.33  ? 74  GLN A N   1 
ATOM   559  C CA  . GLN A 1 77  ? 11.672  0.070   -0.600  1.00 52.98  ? 74  GLN A CA  1 
ATOM   560  C C   . GLN A 1 77  ? 12.180  -0.102  -2.026  1.00 48.77  ? 74  GLN A C   1 
ATOM   561  O O   . GLN A 1 77  ? 13.277  0.373   -2.340  1.00 48.92  ? 74  GLN A O   1 
ATOM   562  C CB  . GLN A 1 77  ? 12.389  -0.897  0.344   1.00 50.96  ? 74  GLN A CB  1 
ATOM   563  C CG  . GLN A 1 77  ? 12.325  -2.355  -0.079  1.00 58.63  ? 74  GLN A CG  1 
ATOM   564  C CD  . GLN A 1 77  ? 10.959  -2.978  0.149   1.00 57.78  ? 74  GLN A CD  1 
ATOM   565  O OE1 . GLN A 1 77  ? 10.110  -2.409  0.837   1.00 49.51  ? 74  GLN A OE1 1 
ATOM   566  N NE2 . GLN A 1 77  ? 10.743  -4.154  -0.428  1.00 58.09  ? 74  GLN A NE2 1 
ATOM   567  N N   . LEU A 1 78  ? 11.413  -0.762  -2.891  1.00 49.35  ? 75  LEU A N   1 
ATOM   568  C CA  . LEU A 1 78  ? 11.737  -0.867  -4.307  1.00 52.26  ? 75  LEU A CA  1 
ATOM   569  C C   . LEU A 1 78  ? 11.164  0.282   -5.127  1.00 54.28  ? 75  LEU A C   1 
ATOM   570  O O   . LEU A 1 78  ? 11.308  0.276   -6.355  1.00 49.22  ? 75  LEU A O   1 
ATOM   571  C CB  . LEU A 1 78  ? 11.233  -2.200  -4.870  1.00 52.49  ? 75  LEU A CB  1 
ATOM   572  C CG  . LEU A 1 78  ? 11.851  -3.479  -4.302  1.00 51.62  ? 75  LEU A CG  1 
ATOM   573  C CD1 . LEU A 1 78  ? 11.364  -4.684  -5.087  1.00 52.67  ? 75  LEU A CD1 1 
ATOM   574  C CD2 . LEU A 1 78  ? 13.370  -3.402  -4.320  1.00 52.95  ? 75  LEU A CD2 1 
ATOM   575  N N   . GLU A 1 79  ? 10.515  1.252   -4.480  1.00 54.39  ? 76  GLU A N   1 
ATOM   576  C CA  . GLU A 1 79  ? 9.963   2.402   -5.184  1.00 52.71  ? 76  GLU A CA  1 
ATOM   577  C C   . GLU A 1 79  ? 11.081  3.188   -5.847  1.00 57.32  ? 76  GLU A C   1 
ATOM   578  O O   . GLU A 1 79  ? 12.030  3.620   -5.185  1.00 65.36  ? 76  GLU A O   1 
ATOM   579  C CB  . GLU A 1 79  ? 9.188   3.305   -4.228  1.00 54.65  ? 76  GLU A CB  1 
ATOM   580  C CG  . GLU A 1 79  ? 8.550   4.508   -4.903  1.00 46.23  ? 76  GLU A CG  1 
ATOM   581  C CD  . GLU A 1 79  ? 7.652   4.115   -6.065  1.00 46.42  ? 76  GLU A CD  1 
ATOM   582  O OE1 . GLU A 1 79  ? 7.988   4.426   -7.228  1.00 44.92  ? 76  GLU A OE1 1 
ATOM   583  O OE2 . GLU A 1 79  ? 6.607   3.486   -5.806  1.00 39.05  ? 76  GLU A OE2 1 
ATOM   584  N N   . ARG A 1 80  ? 10.966  3.365   -7.159  1.00 55.84  ? 77  ARG A N   1 
ATOM   585  C CA  . ARG A 1 80  ? 12.000  4.030   -7.938  1.00 58.20  ? 77  ARG A CA  1 
ATOM   586  C C   . ARG A 1 80  ? 11.492  5.036   -8.941  1.00 48.10  ? 77  ARG A C   1 
ATOM   587  O O   . ARG A 1 80  ? 12.283  5.879   -9.383  1.00 48.64  ? 77  ARG A O   1 
ATOM   588  C CB  . ARG A 1 80  ? 12.885  3.001   -8.660  1.00 64.99  ? 77  ARG A CB  1 
ATOM   589  C CG  . ARG A 1 80  ? 13.898  2.450   -7.677  1.00 75.91  ? 77  ARG A CG  1 
ATOM   590  C CD  . ARG A 1 80  ? 15.265  2.346   -8.269  1.00 90.73  ? 77  ARG A CD  1 
ATOM   591  N NE  . ARG A 1 80  ? 15.632  1.035   -8.769  1.00 116.67 ? 77  ARG A NE  1 
ATOM   592  C CZ  . ARG A 1 80  ? 16.515  0.849   -9.732  1.00 116.21 ? 77  ARG A CZ  1 
ATOM   593  N NH1 . ARG A 1 80  ? 16.803  -0.393  -10.094 1.00 120.75 ? 77  ARG A NH1 1 
ATOM   594  N NH2 . ARG A 1 80  ? 17.037  1.910   -10.354 1.00 110.65 ? 77  ARG A NH2 1 
ATOM   595  N N   . GLU A 1 81  ? 10.211  5.011   -9.287  1.00 49.56  ? 78  GLU A N   1 
ATOM   596  C CA  . GLU A 1 81  ? 9.657   6.031   -10.157 1.00 48.48  ? 78  GLU A CA  1 
ATOM   597  C C   . GLU A 1 81  ? 9.379   7.318   -9.393  1.00 44.20  ? 78  GLU A C   1 
ATOM   598  O O   . GLU A 1 81  ? 9.493   8.409   -9.961  1.00 44.15  ? 78  GLU A O   1 
ATOM   599  C CB  . GLU A 1 81  ? 8.387   5.505   -10.818 1.00 49.54  ? 78  GLU A CB  1 
ATOM   600  C CG  . GLU A 1 81  ? 7.911   6.328   -11.991 1.00 54.24  ? 78  GLU A CG  1 
ATOM   601  C CD  . GLU A 1 81  ? 6.520   5.940   -12.440 1.00 57.02  ? 78  GLU A CD  1 
ATOM   602  O OE1 . GLU A 1 81  ? 6.390   5.366   -13.539 1.00 63.69  ? 78  GLU A OE1 1 
ATOM   603  O OE2 . GLU A 1 81  ? 5.557   6.202   -11.690 1.00 56.07  ? 78  GLU A OE2 1 
ATOM   604  N N   . ARG A 1 82  ? 9.037   7.210   -8.114  1.00 47.50  ? 79  ARG A N   1 
ATOM   605  C CA  . ARG A 1 82  ? 8.959   8.362   -7.232  1.00 43.09  ? 79  ARG A CA  1 
ATOM   606  C C   . ARG A 1 82  ? 10.328  8.651   -6.629  1.00 43.57  ? 79  ARG A C   1 
ATOM   607  O O   . ARG A 1 82  ? 11.199  7.781   -6.556  1.00 48.96  ? 79  ARG A O   1 
ATOM   608  C CB  . ARG A 1 82  ? 7.952   8.130   -6.105  1.00 36.08  ? 79  ARG A CB  1 
ATOM   609  C CG  . ARG A 1 82  ? 6.517   7.990   -6.555  1.00 39.96  ? 79  ARG A CG  1 
ATOM   610  C CD  . ARG A 1 82  ? 5.566   8.239   -5.397  1.00 38.15  ? 79  ARG A CD  1 
ATOM   611  N NE  . ARG A 1 82  ? 5.217   7.014   -4.683  1.00 36.68  ? 79  ARG A NE  1 
ATOM   612  C CZ  . ARG A 1 82  ? 4.201   6.222   -5.012  1.00 32.43  ? 79  ARG A CZ  1 
ATOM   613  N NH1 . ARG A 1 82  ? 3.438   6.521   -6.054  1.00 34.38  ? 79  ARG A NH1 1 
ATOM   614  N NH2 . ARG A 1 82  ? 3.949   5.130   -4.302  1.00 29.62  ? 79  ARG A NH2 1 
ATOM   615  N N   . MET A 1 83  ? 10.510  9.891   -6.193  1.00 43.08  ? 80  MET A N   1 
ATOM   616  C CA  . MET A 1 83  ? 11.703  10.256  -5.453  1.00 44.74  ? 80  MET A CA  1 
ATOM   617  C C   . MET A 1 83  ? 11.431  10.124  -3.957  1.00 44.00  ? 80  MET A C   1 
ATOM   618  O O   . MET A 1 83  ? 10.371  9.659   -3.530  1.00 47.92  ? 80  MET A O   1 
ATOM   619  C CB  . MET A 1 83  ? 12.155  11.667  -5.822  1.00 45.88  ? 80  MET A CB  1 
ATOM   620  C CG  . MET A 1 83  ? 12.773  11.773  -7.207  1.00 54.05  ? 80  MET A CG  1 
ATOM   621  S SD  . MET A 1 83  ? 14.064  10.544  -7.489  1.00 51.60  ? 80  MET A SD  1 
ATOM   622  C CE  . MET A 1 83  ? 13.242  9.430   -8.628  1.00 46.27  ? 80  MET A CE  1 
ATOM   623  N N   . ALA A 1 84  ? 12.405  10.528  -3.149  1.00 43.70  ? 81  ALA A N   1 
ATOM   624  C CA  . ALA A 1 84  ? 12.230  10.486  -1.706  1.00 46.35  ? 81  ALA A CA  1 
ATOM   625  C C   . ALA A 1 84  ? 11.095  11.411  -1.287  1.00 45.22  ? 81  ALA A C   1 
ATOM   626  O O   . ALA A 1 84  ? 10.959  12.527  -1.794  1.00 44.48  ? 81  ALA A O   1 
ATOM   627  C CB  . ALA A 1 84  ? 13.528  10.883  -1.004  1.00 49.40  ? 81  ALA A CB  1 
ATOM   628  N N   . TYR A 1 85  ? 10.261  10.930  -0.363  1.00 45.35  ? 82  TYR A N   1 
ATOM   629  C CA  . TYR A 1 85  ? 9.145   11.735  0.115   1.00 44.11  ? 82  TYR A CA  1 
ATOM   630  C C   . TYR A 1 85  ? 9.601   12.897  0.983   1.00 47.84  ? 82  TYR A C   1 
ATOM   631  O O   . TYR A 1 85  ? 8.873   13.888  1.103   1.00 48.64  ? 82  TYR A O   1 
ATOM   632  C CB  . TYR A 1 85  ? 8.162   10.865  0.898   1.00 43.37  ? 82  TYR A CB  1 
ATOM   633  C CG  . TYR A 1 85  ? 7.586   9.710   0.113   1.00 45.75  ? 82  TYR A CG  1 
ATOM   634  C CD1 . TYR A 1 85  ? 6.724   9.931   -0.956  1.00 44.57  ? 82  TYR A CD1 1 
ATOM   635  C CD2 . TYR A 1 85  ? 7.894   8.396   0.446   1.00 47.57  ? 82  TYR A CD2 1 
ATOM   636  C CE1 . TYR A 1 85  ? 6.192   8.876   -1.675  1.00 41.65  ? 82  TYR A CE1 1 
ATOM   637  C CE2 . TYR A 1 85  ? 7.367   7.337   -0.266  1.00 48.47  ? 82  TYR A CE2 1 
ATOM   638  C CZ  . TYR A 1 85  ? 6.515   7.583   -1.326  1.00 43.37  ? 82  TYR A CZ  1 
ATOM   639  O OH  . TYR A 1 85  ? 5.985   6.533   -2.038  1.00 40.25  ? 82  TYR A OH  1 
ATOM   640  N N   . GLY A 1 86  ? 10.784  12.802  1.587   1.00 52.15  ? 83  GLY A N   1 
ATOM   641  C CA  . GLY A 1 86  ? 11.227  13.827  2.509   1.00 59.04  ? 83  GLY A CA  1 
ATOM   642  C C   . GLY A 1 86  ? 10.428  13.906  3.788   1.00 61.58  ? 83  GLY A C   1 
ATOM   643  O O   . GLY A 1 86  ? 10.444  14.945  4.454   1.00 61.58  ? 83  GLY A O   1 
ATOM   644  N N   . ILE A 1 87  ? 9.728   12.836  4.155   1.00 60.99  ? 84  ILE A N   1 
ATOM   645  C CA  . ILE A 1 87  ? 8.883   12.805  5.342   1.00 67.83  ? 84  ILE A CA  1 
ATOM   646  C C   . ILE A 1 87  ? 9.580   11.966  6.403   1.00 71.15  ? 84  ILE A C   1 
ATOM   647  O O   . ILE A 1 87  ? 9.809   10.766  6.206   1.00 68.94  ? 84  ILE A O   1 
ATOM   648  C CB  . ILE A 1 87  ? 7.488   12.243  5.038   1.00 59.33  ? 84  ILE A CB  1 
ATOM   649  C CG1 . ILE A 1 87  ? 6.817   13.029  3.914   1.00 52.36  ? 84  ILE A CG1 1 
ATOM   650  C CG2 . ILE A 1 87  ? 6.627   12.269  6.283   1.00 60.99  ? 84  ILE A CG2 1 
ATOM   651  C CD1 . ILE A 1 87  ? 5.488   12.450  3.510   1.00 49.11  ? 84  ILE A CD1 1 
ATOM   652  N N   . LYS A 1 88  ? 9.907   12.594  7.524   1.00 79.09  ? 85  LYS A N   1 
ATOM   653  C CA  . LYS A 1 88  ? 10.478  11.911  8.674   1.00 79.56  ? 85  LYS A CA  1 
ATOM   654  C C   . LYS A 1 88  ? 9.404   11.704  9.738   1.00 80.58  ? 85  LYS A C   1 
ATOM   655  O O   . LYS A 1 88  ? 8.330   12.308  9.693   1.00 82.45  ? 85  LYS A O   1 
ATOM   656  C CB  . LYS A 1 88  ? 11.655  12.708  9.244   1.00 83.17  ? 85  LYS A CB  1 
ATOM   657  C CG  . LYS A 1 88  ? 12.515  13.379  8.178   1.00 83.65  ? 85  LYS A CG  1 
ATOM   658  C CD  . LYS A 1 88  ? 13.932  13.631  8.672   1.00 83.47  ? 85  LYS A CD  1 
ATOM   659  C CE  . LYS A 1 88  ? 14.665  12.327  8.943   1.00 88.27  ? 85  LYS A CE  1 
ATOM   660  N NZ  . LYS A 1 88  ? 16.128  12.540  9.137   1.00 92.22  ? 85  LYS A NZ  1 
ATOM   661  N N   . GLU A 1 89  ? 9.711   10.831  10.701  1.00 80.39  ? 86  GLU A N   1 
ATOM   662  C CA  . GLU A 1 89  ? 8.723   10.463  11.713  1.00 79.22  ? 86  GLU A CA  1 
ATOM   663  C C   . GLU A 1 89  ? 8.333   11.658  12.578  1.00 82.67  ? 86  GLU A C   1 
ATOM   664  O O   . GLU A 1 89  ? 7.173   11.780  12.999  1.00 79.67  ? 86  GLU A O   1 
ATOM   665  C CB  . GLU A 1 89  ? 9.264   9.323   12.580  1.00 80.16  ? 86  GLU A CB  1 
ATOM   666  C CG  . GLU A 1 89  ? 9.520   8.018   11.826  1.00 78.77  ? 86  GLU A CG  1 
ATOM   667  C CD  . GLU A 1 89  ? 10.908  7.948   11.209  1.00 86.05  ? 86  GLU A CD  1 
ATOM   668  O OE1 . GLU A 1 89  ? 11.612  8.979   11.199  1.00 93.86  ? 86  GLU A OE1 1 
ATOM   669  O OE2 . GLU A 1 89  ? 11.293  6.858   10.733  1.00 79.58  ? 86  GLU A OE2 1 
ATOM   670  N N   . THR A 1 90  ? 9.287   12.553  12.853  1.00 83.37  ? 87  THR A N   1 
ATOM   671  C CA  . THR A 1 90  ? 8.990   13.745  13.644  1.00 82.89  ? 87  THR A CA  1 
ATOM   672  C C   . THR A 1 90  ? 7.953   14.621  12.952  1.00 84.46  ? 87  THR A C   1 
ATOM   673  O O   . THR A 1 90  ? 7.037   15.150  13.599  1.00 85.71  ? 87  THR A O   1 
ATOM   674  C CB  . THR A 1 90  ? 10.272  14.538  13.893  1.00 81.18  ? 87  THR A CB  1 
ATOM   675  O OG1 . THR A 1 90  ? 11.376  13.634  14.029  1.00 84.16  ? 87  THR A OG1 1 
ATOM   676  C CG2 . THR A 1 90  ? 10.147  15.375  15.155  1.00 86.98  ? 87  THR A CG2 1 
ATOM   677  N N   . MET A 1 91  ? 8.091   14.786  11.634  1.00 79.48  ? 88  MET A N   1 
ATOM   678  C CA  . MET A 1 91  ? 7.130   15.563  10.859  1.00 73.22  ? 88  MET A CA  1 
ATOM   679  C C   . MET A 1 91  ? 5.712   15.046  11.062  1.00 79.03  ? 88  MET A C   1 
ATOM   680  O O   . MET A 1 91  ? 4.796   15.814  11.382  1.00 82.52  ? 88  MET A O   1 
ATOM   681  C CB  . MET A 1 91  ? 7.514   15.517  9.381   1.00 80.32  ? 88  MET A CB  1 
ATOM   682  C CG  . MET A 1 91  ? 6.511   16.168  8.459   1.00 84.16  ? 88  MET A CG  1 
ATOM   683  S SD  . MET A 1 91  ? 7.097   16.211  6.759   1.00 90.69  ? 88  MET A SD  1 
ATOM   684  C CE  . MET A 1 91  ? 5.658   16.894  5.948   1.00 74.19  ? 88  MET A CE  1 
ATOM   685  N N   . LEU A 1 92  ? 5.516   13.735  10.889  1.00 79.68  ? 89  LEU A N   1 
ATOM   686  C CA  . LEU A 1 92  ? 4.196   13.148  11.094  1.00 82.40  ? 89  LEU A CA  1 
ATOM   687  C C   . LEU A 1 92  ? 3.733   13.290  12.537  1.00 79.82  ? 89  LEU A C   1 
ATOM   688  O O   . LEU A 1 92  ? 2.532   13.446  12.789  1.00 77.15  ? 89  LEU A O   1 
ATOM   689  C CB  . LEU A 1 92  ? 4.204   11.677  10.682  1.00 77.68  ? 89  LEU A CB  1 
ATOM   690  C CG  . LEU A 1 92  ? 4.781   11.390  9.298   1.00 79.72  ? 89  LEU A CG  1 
ATOM   691  C CD1 . LEU A 1 92  ? 5.362   9.988   9.228   1.00 74.41  ? 89  LEU A CD1 1 
ATOM   692  C CD2 . LEU A 1 92  ? 3.704   11.579  8.247   1.00 75.42  ? 89  LEU A CD2 1 
ATOM   693  N N   . ALA A 1 93  ? 4.663   13.231  13.494  1.00 80.71  ? 90  ALA A N   1 
ATOM   694  C CA  . ALA A 1 93  ? 4.300   13.468  14.888  1.00 84.75  ? 90  ALA A CA  1 
ATOM   695  C C   . ALA A 1 93  ? 3.661   14.841  15.059  1.00 87.42  ? 90  ALA A C   1 
ATOM   696  O O   . ALA A 1 93  ? 2.562   14.964  15.620  1.00 87.44  ? 90  ALA A O   1 
ATOM   697  C CB  . ALA A 1 93  ? 5.533   13.327  15.782  1.00 87.18  ? 90  ALA A CB  1 
ATOM   698  N N   . LYS A 1 94  ? 4.331   15.888  14.566  1.00 83.88  ? 91  LYS A N   1 
ATOM   699  C CA  . LYS A 1 94  ? 3.747   17.227  14.610  1.00 82.08  ? 91  LYS A CA  1 
ATOM   700  C C   . LYS A 1 94  ? 2.400   17.260  13.897  1.00 83.66  ? 91  LYS A C   1 
ATOM   701  O O   . LYS A 1 94  ? 1.406   17.769  14.439  1.00 88.48  ? 91  LYS A O   1 
ATOM   702  C CB  . LYS A 1 94  ? 4.704   18.240  13.979  1.00 75.69  ? 91  LYS A CB  1 
ATOM   703  C CG  . LYS A 1 94  ? 6.030   18.401  14.697  1.00 79.04  ? 91  LYS A CG  1 
ATOM   704  C CD  . LYS A 1 94  ? 6.970   19.284  13.893  1.00 79.71  ? 91  LYS A CD  1 
ATOM   705  C CE  . LYS A 1 94  ? 8.290   19.502  14.613  1.00 85.32  ? 91  LYS A CE  1 
ATOM   706  N NZ  . LYS A 1 94  ? 9.099   20.576  13.970  1.00 86.85  ? 91  LYS A NZ  1 
ATOM   707  N N   . LEU A 1 95  ? 2.356   16.712  12.678  1.00 76.39  ? 92  LEU A N   1 
ATOM   708  C CA  . LEU A 1 95  ? 1.142   16.718  11.868  1.00 81.03  ? 92  LEU A CA  1 
ATOM   709  C C   . LEU A 1 95  ? -0.047  16.165  12.639  1.00 89.35  ? 92  LEU A C   1 
ATOM   710  O O   . LEU A 1 95  ? -1.136  16.750  12.635  1.00 90.12  ? 92  LEU A O   1 
ATOM   711  C CB  . LEU A 1 95  ? 1.366   15.903  10.594  1.00 85.60  ? 92  LEU A CB  1 
ATOM   712  C CG  . LEU A 1 95  ? 1.938   16.600  9.359   1.00 89.84  ? 92  LEU A CG  1 
ATOM   713  C CD1 . LEU A 1 95  ? 2.731   15.610  8.523   1.00 78.12  ? 92  LEU A CD1 1 
ATOM   714  C CD2 . LEU A 1 95  ? 0.825   17.226  8.535   1.00 84.50  ? 92  LEU A CD2 1 
ATOM   715  N N   . TYR A 1 96  ? 0.145   15.029  13.311  1.00 91.82  ? 93  TYR A N   1 
ATOM   716  C CA  . TYR A 1 96  ? -0.964  14.397  14.013  1.00 85.74  ? 93  TYR A CA  1 
ATOM   717  C C   . TYR A 1 96  ? -1.270  15.078  15.338  1.00 90.80  ? 93  TYR A C   1 
ATOM   718  O O   . TYR A 1 96  ? -2.418  15.037  15.796  1.00 92.53  ? 93  TYR A O   1 
ATOM   719  C CB  . TYR A 1 96  ? -0.671  12.914  14.227  1.00 86.00  ? 93  TYR A CB  1 
ATOM   720  C CG  . TYR A 1 96  ? -1.137  12.055  13.074  1.00 82.64  ? 93  TYR A CG  1 
ATOM   721  C CD1 . TYR A 1 96  ? -2.483  11.986  12.739  1.00 77.58  ? 93  TYR A CD1 1 
ATOM   722  C CD2 . TYR A 1 96  ? -0.233  11.323  12.315  1.00 72.77  ? 93  TYR A CD2 1 
ATOM   723  C CE1 . TYR A 1 96  ? -2.917  11.212  11.685  1.00 72.57  ? 93  TYR A CE1 1 
ATOM   724  C CE2 . TYR A 1 96  ? -0.658  10.541  11.258  1.00 69.20  ? 93  TYR A CE2 1 
ATOM   725  C CZ  . TYR A 1 96  ? -2.001  10.489  10.947  1.00 71.95  ? 93  TYR A CZ  1 
ATOM   726  O OH  . TYR A 1 96  ? -2.432  9.712   9.895   1.00 61.87  ? 93  TYR A OH  1 
ATOM   727  N N   . ILE A 1 97  ? -0.275  15.710  15.967  1.00 92.15  ? 94  ILE A N   1 
ATOM   728  C CA  . ILE A 1 97  ? -0.553  16.473  17.182  1.00 95.36  ? 94  ILE A CA  1 
ATOM   729  C C   . ILE A 1 97  ? -1.466  17.650  16.868  1.00 98.07  ? 94  ILE A C   1 
ATOM   730  O O   . ILE A 1 97  ? -2.482  17.867  17.540  1.00 101.46 ? 94  ILE A O   1 
ATOM   731  C CB  . ILE A 1 97  ? 0.755   16.939  17.842  1.00 94.67  ? 94  ILE A CB  1 
ATOM   732  C CG1 . ILE A 1 97  ? 1.438   15.769  18.537  1.00 93.85  ? 94  ILE A CG1 1 
ATOM   733  C CG2 . ILE A 1 97  ? 0.481   18.055  18.840  1.00 96.24  ? 94  ILE A CG2 1 
ATOM   734  C CD1 . ILE A 1 97  ? 2.843   16.071  18.918  1.00 90.16  ? 94  ILE A CD1 1 
ATOM   735  N N   . GLU A 1 98  ? -1.124  18.425  15.837  1.00 93.29  ? 95  GLU A N   1 
ATOM   736  C CA  . GLU A 1 98  ? -1.934  19.597  15.524  1.00 94.22  ? 95  GLU A CA  1 
ATOM   737  C C   . GLU A 1 98  ? -3.223  19.234  14.795  1.00 95.85  ? 95  GLU A C   1 
ATOM   738  O O   . GLU A 1 98  ? -4.204  19.982  14.877  1.00 99.34  ? 95  GLU A O   1 
ATOM   739  C CB  . GLU A 1 98  ? -1.122  20.597  14.700  1.00 90.92  ? 95  GLU A CB  1 
ATOM   740  C CG  . GLU A 1 98  ? -0.777  20.126  13.299  1.00 97.75  ? 95  GLU A CG  1 
ATOM   741  C CD  . GLU A 1 98  ? -0.388  21.269  12.383  1.00 99.14  ? 95  GLU A CD  1 
ATOM   742  O OE1 . GLU A 1 98  ? 0.085   20.997  11.260  1.00 95.88  ? 95  GLU A OE1 1 
ATOM   743  O OE2 . GLU A 1 98  ? -0.558  22.440  12.786  1.00 99.06  ? 95  GLU A OE2 1 
ATOM   744  N N   . LEU A 1 99  ? -3.251  18.098  14.089  1.00 97.85  ? 96  LEU A N   1 
ATOM   745  C CA  . LEU A 1 99  ? -4.438  17.738  13.318  1.00 99.21  ? 96  LEU A CA  1 
ATOM   746  C C   . LEU A 1 99  ? -5.594  17.339  14.226  1.00 98.59  ? 96  LEU A C   1 
ATOM   747  O O   . LEU A 1 99  ? -6.740  17.745  13.997  1.00 99.43  ? 96  LEU A O   1 
ATOM   748  C CB  . LEU A 1 99  ? -4.111  16.606  12.342  1.00 91.66  ? 96  LEU A CB  1 
ATOM   749  C CG  . LEU A 1 99  ? -5.315  15.831  11.796  1.00 85.01  ? 96  LEU A CG  1 
ATOM   750  C CD1 . LEU A 1 99  ? -6.021  16.622  10.707  1.00 83.86  ? 96  LEU A CD1 1 
ATOM   751  C CD2 . LEU A 1 99  ? -4.890  14.467  11.283  1.00 85.37  ? 96  LEU A CD2 1 
ATOM   752  N N   . LEU A 1 100 ? -5.318  16.542  15.255  1.00 99.43  ? 97  LEU A N   1 
ATOM   753  C CA  . LEU A 1 100 ? -6.336  16.125  16.209  1.00 106.41 ? 97  LEU A CA  1 
ATOM   754  C C   . LEU A 1 100 ? -6.438  17.063  17.406  1.00 109.14 ? 97  LEU A C   1 
ATOM   755  O O   . LEU A 1 100 ? -7.076  16.704  18.403  1.00 105.61 ? 97  LEU A O   1 
ATOM   756  C CB  . LEU A 1 100 ? -6.058  14.698  16.687  1.00 105.81 ? 97  LEU A CB  1 
ATOM   757  C CG  . LEU A 1 100 ? -5.848  13.614  15.629  1.00 98.27  ? 97  LEU A CG  1 
ATOM   758  C CD1 . LEU A 1 100 ? -4.968  12.504  16.182  1.00 99.40  ? 97  LEU A CD1 1 
ATOM   759  C CD2 . LEU A 1 100 ? -7.181  13.057  15.158  1.00 97.33  ? 97  LEU A CD2 1 
ATOM   760  N N   . ASN A 1 101 ? -5.826  18.246  17.327  1.00 107.53 ? 98  ASN A N   1 
ATOM   761  C CA  . ASN A 1 101 ? -5.853  19.230  18.411  1.00 107.22 ? 98  ASN A CA  1 
ATOM   762  C C   . ASN A 1 101 ? -5.354  18.623  19.718  1.00 111.78 ? 98  ASN A C   1 
ATOM   763  O O   . ASN A 1 101 ? -5.944  18.811  20.784  1.00 114.34 ? 98  ASN A O   1 
ATOM   764  C CB  . ASN A 1 101 ? -7.253  19.825  18.580  1.00 105.60 ? 98  ASN A CB  1 
ATOM   765  N N   . LEU A 1 102 ? -4.254  17.882  19.633  1.00 109.67 ? 99  LEU A N   1 
ATOM   766  C CA  . LEU A 1 102 ? -3.718  17.217  20.811  1.00 110.22 ? 99  LEU A CA  1 
ATOM   767  C C   . LEU A 1 102 ? -2.955  18.214  21.679  1.00 118.30 ? 99  LEU A C   1 
ATOM   768  O O   . LEU A 1 102 ? -2.249  19.082  21.158  1.00 114.15 ? 99  LEU A O   1 
ATOM   769  C CB  . LEU A 1 102 ? -2.796  16.069  20.410  1.00 105.47 ? 99  LEU A CB  1 
ATOM   770  C CG  . LEU A 1 102 ? -3.409  14.674  20.526  1.00 105.48 ? 99  LEU A CG  1 
ATOM   771  C CD1 . LEU A 1 102 ? -4.809  14.678  19.953  1.00 104.85 ? 99  LEU A CD1 1 
ATOM   772  C CD2 . LEU A 1 102 ? -2.546  13.638  19.826  1.00 100.24 ? 99  LEU A CD2 1 
ATOM   773  N N   . PRO A 1 103 ? -3.082  18.116  23.006  1.00 123.24 ? 100 PRO A N   1 
ATOM   774  C CA  . PRO A 1 103 ? -2.355  19.031  23.896  1.00 120.67 ? 100 PRO A CA  1 
ATOM   775  C C   . PRO A 1 103 ? -0.884  18.631  23.988  1.00 120.78 ? 100 PRO A C   1 
ATOM   776  O O   . PRO A 1 103 ? -0.563  17.487  24.303  1.00 119.11 ? 100 PRO A O   1 
ATOM   777  C CB  . PRO A 1 103 ? -3.070  18.857  25.241  1.00 117.25 ? 100 PRO A CB  1 
ATOM   778  C CG  . PRO A 1 103 ? -3.608  17.465  25.193  1.00 118.32 ? 100 PRO A CG  1 
ATOM   779  C CD  . PRO A 1 103 ? -3.945  17.181  23.750  1.00 117.36 ? 100 PRO A CD  1 
ATOM   780  N N   . ARG A 1 104 ? -0.001  19.584  23.694  1.00 124.79 ? 101 ARG A N   1 
ATOM   781  C CA  . ARG A 1 104 ? 1.424   19.349  23.876  1.00 122.34 ? 101 ARG A CA  1 
ATOM   782  C C   . ARG A 1 104 ? 1.709   19.011  25.334  1.00 129.77 ? 101 ARG A C   1 
ATOM   783  O O   . ARG A 1 104 ? 1.099   19.573  26.247  1.00 136.10 ? 101 ARG A O   1 
ATOM   784  C CB  . ARG A 1 104 ? 2.227   20.577  23.444  1.00 113.02 ? 101 ARG A CB  1 
ATOM   785  N N   . ASP A 1 105 ? 2.633   18.071  25.542  1.00 127.44 ? 102 ASP A N   1 
ATOM   786  C CA  . ASP A 1 105 ? 2.949   17.459  26.831  1.00 127.27 ? 102 ASP A CA  1 
ATOM   787  C C   . ASP A 1 105 ? 1.821   16.580  27.357  1.00 124.23 ? 102 ASP A C   1 
ATOM   788  O O   . ASP A 1 105 ? 1.900   16.097  28.493  1.00 122.81 ? 102 ASP A O   1 
ATOM   789  C CB  . ASP A 1 105 ? 3.327   18.500  27.894  1.00 127.61 ? 102 ASP A CB  1 
ATOM   790  N N   . GLY A 1 106 ? 0.766   16.359  26.565  1.00 124.89 ? 103 GLY A N   1 
ATOM   791  C CA  . GLY A 1 106 ? -0.242  15.382  26.913  1.00 120.81 ? 103 GLY A CA  1 
ATOM   792  C C   . GLY A 1 106 ? 0.251   13.965  26.683  1.00 114.50 ? 103 GLY A C   1 
ATOM   793  O O   . GLY A 1 106 ? 1.338   13.740  26.158  1.00 112.47 ? 103 GLY A O   1 
ATOM   794  N N   . LYS A 1 107 ? -0.580  12.997  27.075  1.00 111.53 ? 104 LYS A N   1 
ATOM   795  C CA  . LYS A 1 107 ? -0.160  11.598  27.033  1.00 113.42 ? 104 LYS A CA  1 
ATOM   796  C C   . LYS A 1 107 ? 0.096   11.130  25.604  1.00 114.09 ? 104 LYS A C   1 
ATOM   797  O O   . LYS A 1 107 ? 1.161   10.574  25.302  1.00 113.99 ? 104 LYS A O   1 
ATOM   798  C CB  . LYS A 1 107 ? -1.213  10.717  27.707  1.00 108.21 ? 104 LYS A CB  1 
ATOM   799  N N   . ASP A 1 108 ? -0.870  11.352  24.709  1.00 115.95 ? 105 ASP A N   1 
ATOM   800  C CA  . ASP A 1 108 ? -0.752  10.843  23.345  1.00 111.22 ? 105 ASP A CA  1 
ATOM   801  C C   . ASP A 1 108 ? 0.391   11.519  22.597  1.00 107.27 ? 105 ASP A C   1 
ATOM   802  O O   . ASP A 1 108 ? 1.208   10.847  21.955  1.00 110.38 ? 105 ASP A O   1 
ATOM   803  C CB  . ASP A 1 108 ? -2.076  11.029  22.603  1.00 109.91 ? 105 ASP A CB  1 
ATOM   804  C CG  . ASP A 1 108 ? -3.133  10.030  23.037  1.00 112.03 ? 105 ASP A CG  1 
ATOM   805  O OD1 . ASP A 1 108 ? -2.759  8.961   23.567  1.00 110.62 ? 105 ASP A OD1 1 
ATOM   806  O OD2 . ASP A 1 108 ? -4.335  10.311  22.851  1.00 109.57 ? 105 ASP A OD2 1 
ATOM   807  N N   . ALA A 1 109 ? 0.465   12.851  22.666  1.00 102.95 ? 106 ALA A N   1 
ATOM   808  C CA  . ALA A 1 109 ? 1.571   13.562  22.031  1.00 107.20 ? 106 ALA A CA  1 
ATOM   809  C C   . ALA A 1 109 ? 2.910   13.133  22.621  1.00 108.19 ? 106 ALA A C   1 
ATOM   810  O O   . ALA A 1 109 ? 3.905   12.993  21.892  1.00 103.56 ? 106 ALA A O   1 
ATOM   811  C CB  . ALA A 1 109 ? 1.374   15.072  22.176  1.00 110.42 ? 106 ALA A CB  1 
ATOM   812  N N   . LEU A 1 110 ? 2.951   12.917  23.940  1.00 114.70 ? 107 LEU A N   1 
ATOM   813  C CA  . LEU A 1 110 ? 4.156   12.393  24.575  1.00 115.89 ? 107 LEU A CA  1 
ATOM   814  C C   . LEU A 1 110 ? 4.583   11.086  23.926  1.00 115.15 ? 107 LEU A C   1 
ATOM   815  O O   . LEU A 1 110 ? 5.747   10.919  23.543  1.00 116.26 ? 107 LEU A O   1 
ATOM   816  C CB  . LEU A 1 110 ? 3.927   12.194  26.075  1.00 107.38 ? 107 LEU A CB  1 
ATOM   817  N N   . LYS A 1 111 ? 3.644   10.146  23.784  1.00 110.53 ? 108 LYS A N   1 
ATOM   818  C CA  . LYS A 1 111 ? 3.958   8.892   23.104  1.00 106.27 ? 108 LYS A CA  1 
ATOM   819  C C   . LYS A 1 111 ? 4.433   9.140   21.677  1.00 106.32 ? 108 LYS A C   1 
ATOM   820  O O   . LYS A 1 111 ? 5.305   8.423   21.172  1.00 105.30 ? 108 LYS A O   1 
ATOM   821  C CB  . LYS A 1 111 ? 2.736   7.974   23.108  1.00 101.87 ? 108 LYS A CB  1 
ATOM   822  N N   . LEU A 1 112 ? 3.885   10.164  21.017  1.00 108.99 ? 109 LEU A N   1 
ATOM   823  C CA  . LEU A 1 112 ? 4.215   10.402  19.615  1.00 104.77 ? 109 LEU A CA  1 
ATOM   824  C C   . LEU A 1 112 ? 5.631   10.935  19.434  1.00 107.32 ? 109 LEU A C   1 
ATOM   825  O O   . LEU A 1 112 ? 6.274   10.634  18.422  1.00 101.76 ? 109 LEU A O   1 
ATOM   826  C CB  . LEU A 1 112 ? 3.208   11.370  18.992  1.00 103.27 ? 109 LEU A CB  1 
ATOM   827  C CG  . LEU A 1 112 ? 1.888   10.755  18.524  1.00 103.92 ? 109 LEU A CG  1 
ATOM   828  C CD1 . LEU A 1 112 ? 1.024   11.798  17.828  1.00 101.80 ? 109 LEU A CD1 1 
ATOM   829  C CD2 . LEU A 1 112 ? 2.147   9.567   17.610  1.00 97.65  ? 109 LEU A CD2 1 
ATOM   830  N N   . LEU A 1 113 ? 6.138   11.730  20.382  1.00 109.37 ? 110 LEU A N   1 
ATOM   831  C CA  . LEU A 1 113 ? 7.471   12.298  20.195  1.00 108.20 ? 110 LEU A CA  1 
ATOM   832  C C   . LEU A 1 113 ? 8.595   11.342  20.574  1.00 108.22 ? 110 LEU A C   1 
ATOM   833  O O   . LEU A 1 113 ? 9.739   11.563  20.159  1.00 97.89  ? 110 LEU A O   1 
ATOM   834  C CB  . LEU A 1 113 ? 7.621   13.600  20.983  1.00 107.54 ? 110 LEU A CB  1 
ATOM   835  C CG  . LEU A 1 113 ? 7.412   14.838  20.112  1.00 100.16 ? 110 LEU A CG  1 
ATOM   836  C CD1 . LEU A 1 113 ? 5.972   14.906  19.674  1.00 101.04 ? 110 LEU A CD1 1 
ATOM   837  C CD2 . LEU A 1 113 ? 7.823   16.113  20.830  1.00 99.47  ? 110 LEU A CD2 1 
ATOM   838  N N   . ASN A 1 114 ? 8.306   10.297  21.344  1.00 110.51 ? 111 ASN A N   1 
ATOM   839  C CA  . ASN A 1 114 ? 9.327   9.316   21.692  1.00 111.45 ? 111 ASN A CA  1 
ATOM   840  C C   . ASN A 1 114 ? 9.669   8.475   20.467  1.00 111.53 ? 111 ASN A C   1 
ATOM   841  O O   . ASN A 1 114 ? 8.798   7.806   19.901  1.00 111.55 ? 111 ASN A O   1 
ATOM   842  C CB  . ASN A 1 114 ? 8.842   8.433   22.839  1.00 109.77 ? 111 ASN A CB  1 
ATOM   843  C CG  . ASN A 1 114 ? 8.349   9.239   24.028  1.00 111.75 ? 111 ASN A CG  1 
ATOM   844  O OD1 . ASN A 1 114 ? 8.430   10.468  24.036  1.00 112.17 ? 111 ASN A OD1 1 
ATOM   845  N ND2 . ASN A 1 114 ? 7.834   8.549   25.039  1.00 105.46 ? 111 ASN A ND2 1 
ATOM   846  N N   . TYR A 1 115 ? 10.931  8.511   20.056  1.00 110.59 ? 112 TYR A N   1 
ATOM   847  C CA  . TYR A 1 115 ? 11.380  7.846   18.831  1.00 112.65 ? 112 TYR A CA  1 
ATOM   848  C C   . TYR A 1 115 ? 11.960  6.467   19.117  1.00 114.60 ? 112 TYR A C   1 
ATOM   849  O O   . TYR A 1 115 ? 13.092  6.158   18.742  1.00 112.21 ? 112 TYR A O   1 
ATOM   850  C CB  . TYR A 1 115 ? 12.394  8.721   18.102  1.00 107.22 ? 112 TYR A CB  1 
ATOM   851  N N   . ARG A 1 116 ? 11.185  5.619   19.787  1.00 111.38 ? 113 ARG A N   1 
ATOM   852  C CA  . ARG A 1 116 ? 11.611  4.247   20.022  1.00 108.21 ? 113 ARG A CA  1 
ATOM   853  C C   . ARG A 1 116 ? 11.722  3.504   18.697  1.00 107.27 ? 113 ARG A C   1 
ATOM   854  O O   . ARG A 1 116 ? 10.731  3.345   17.978  1.00 105.84 ? 113 ARG A O   1 
ATOM   855  C CB  . ARG A 1 116 ? 10.627  3.540   20.954  1.00 107.67 ? 113 ARG A CB  1 
ATOM   856  N N   . THR A 1 117 ? 12.935  3.065   18.370  1.00 111.18 ? 114 THR A N   1 
ATOM   857  C CA  . THR A 1 117 ? 13.206  2.294   17.164  1.00 106.15 ? 114 THR A CA  1 
ATOM   858  C C   . THR A 1 117 ? 13.658  0.895   17.567  1.00 108.77 ? 114 THR A C   1 
ATOM   859  O O   . THR A 1 117 ? 14.815  0.528   17.322  1.00 110.87 ? 114 THR A O   1 
ATOM   860  C CB  . THR A 1 117 ? 14.275  2.984   16.311  1.00 101.91 ? 114 THR A CB  1 
ATOM   861  O OG1 . THR A 1 117 ? 14.088  4.404   16.363  1.00 100.15 ? 114 THR A OG1 1 
ATOM   862  C CG2 . THR A 1 117 ? 14.189  2.519   14.864  1.00 98.28  ? 114 THR A CG2 1 
ATOM   863  N N   . PRO A 1 118 ? 12.768  0.077   18.162  1.00 112.89 ? 115 PRO A N   1 
ATOM   864  C CA  . PRO A 1 118 ? 13.056  -1.159  18.907  1.00 109.95 ? 115 PRO A CA  1 
ATOM   865  C C   . PRO A 1 118 ? 14.172  -2.026  18.328  1.00 105.26 ? 115 PRO A C   1 
ATOM   866  O O   . PRO A 1 118 ? 15.002  -2.508  19.101  1.00 93.28  ? 115 PRO A O   1 
ATOM   867  C CB  . PRO A 1 118 ? 11.723  -1.909  18.852  1.00 105.19 ? 115 PRO A CB  1 
ATOM   868  C CG  . PRO A 1 118 ? 10.707  -0.835  18.794  1.00 96.91  ? 115 PRO A CG  1 
ATOM   869  C CD  . PRO A 1 118 ? 11.318  0.257   17.961  1.00 102.82 ? 115 PRO A CD  1 
ATOM   870  N N   . ALA A 1 125 ? 7.885   -5.437  16.797  1.00 93.66  ? 122 ALA A N   1 
ATOM   871  C CA  . ALA A 1 125 ? 7.611   -4.589  15.643  1.00 89.61  ? 122 ALA A CA  1 
ATOM   872  C C   . ALA A 1 125 ? 6.671   -3.445  16.014  1.00 91.80  ? 122 ALA A C   1 
ATOM   873  O O   . ALA A 1 125 ? 5.687   -3.190  15.319  1.00 93.89  ? 122 ALA A O   1 
ATOM   874  C CB  . ALA A 1 125 ? 7.023   -5.413  14.506  1.00 74.28  ? 122 ALA A CB  1 
ATOM   875  N N   . GLY A 1 126 ? 6.979   -2.763  17.115  1.00 96.42  ? 123 GLY A N   1 
ATOM   876  C CA  . GLY A 1 126 ? 6.193   -1.624  17.550  1.00 93.29  ? 123 GLY A CA  1 
ATOM   877  C C   . GLY A 1 126 ? 6.727   -0.308  17.025  1.00 92.62  ? 123 GLY A C   1 
ATOM   878  O O   . GLY A 1 126 ? 7.272   0.500   17.784  1.00 91.53  ? 123 GLY A O   1 
ATOM   879  N N   . ASP A 1 127 ? 6.570   -0.081  15.722  1.00 93.15  ? 124 ASP A N   1 
ATOM   880  C CA  . ASP A 1 127 ? 7.105   1.102   15.068  1.00 82.71  ? 124 ASP A CA  1 
ATOM   881  C C   . ASP A 1 127 ? 6.156   2.288   15.237  1.00 83.22  ? 124 ASP A C   1 
ATOM   882  O O   . ASP A 1 127 ? 5.129   2.207   15.915  1.00 84.50  ? 124 ASP A O   1 
ATOM   883  C CB  . ASP A 1 127 ? 7.363   0.817   13.589  1.00 78.47  ? 124 ASP A CB  1 
ATOM   884  C CG  . ASP A 1 127 ? 6.107   0.394   12.845  1.00 72.50  ? 124 ASP A CG  1 
ATOM   885  O OD1 . ASP A 1 127 ? 5.101   0.059   13.507  1.00 75.35  ? 124 ASP A OD1 1 
ATOM   886  O OD2 . ASP A 1 127 ? 6.125   0.396   11.596  1.00 63.68  ? 124 ASP A OD2 1 
ATOM   887  N N   . PHE A 1 128 ? 6.513   3.404   14.594  1.00 79.28  ? 125 PHE A N   1 
ATOM   888  C CA  . PHE A 1 128 ? 5.702   4.618   14.662  1.00 77.50  ? 125 PHE A CA  1 
ATOM   889  C C   . PHE A 1 128 ? 4.264   4.349   14.235  1.00 77.01  ? 125 PHE A C   1 
ATOM   890  O O   . PHE A 1 128 ? 3.318   4.713   14.941  1.00 82.42  ? 125 PHE A O   1 
ATOM   891  C CB  . PHE A 1 128 ? 6.329   5.709   13.786  1.00 74.03  ? 125 PHE A CB  1 
ATOM   892  C CG  . PHE A 1 128 ? 5.616   7.043   13.843  1.00 79.58  ? 125 PHE A CG  1 
ATOM   893  C CD1 . PHE A 1 128 ? 4.391   7.233   13.216  1.00 76.94  ? 125 PHE A CD1 1 
ATOM   894  C CD2 . PHE A 1 128 ? 6.189   8.116   14.507  1.00 88.42  ? 125 PHE A CD2 1 
ATOM   895  C CE1 . PHE A 1 128 ? 3.746   8.454   13.267  1.00 78.80  ? 125 PHE A CE1 1 
ATOM   896  C CE2 . PHE A 1 128 ? 5.548   9.344   14.557  1.00 87.00  ? 125 PHE A CE2 1 
ATOM   897  C CZ  . PHE A 1 128 ? 4.325   9.511   13.937  1.00 86.08  ? 125 PHE A CZ  1 
ATOM   898  N N   . ALA A 1 129 ? 4.087   3.717   13.070  1.00 76.20  ? 126 ALA A N   1 
ATOM   899  C CA  . ALA A 1 129 ? 2.754   3.553   12.499  1.00 73.25  ? 126 ALA A CA  1 
ATOM   900  C C   . ALA A 1 129 ? 1.791   2.880   13.467  1.00 79.17  ? 126 ALA A C   1 
ATOM   901  O O   . ALA A 1 129 ? 0.594   3.190   13.468  1.00 77.74  ? 126 ALA A O   1 
ATOM   902  C CB  . ALA A 1 129 ? 2.840   2.754   11.198  1.00 61.02  ? 126 ALA A CB  1 
ATOM   903  N N   . MET A 1 130 ? 2.290   1.966   14.303  1.00 79.66  ? 127 MET A N   1 
ATOM   904  C CA  . MET A 1 130 ? 1.437   1.360   15.320  1.00 82.49  ? 127 MET A CA  1 
ATOM   905  C C   . MET A 1 130 ? 1.092   2.350   16.426  1.00 86.03  ? 127 MET A C   1 
ATOM   906  O O   . MET A 1 130 ? -0.008  2.293   16.985  1.00 86.77  ? 127 MET A O   1 
ATOM   907  C CB  . MET A 1 130 ? 2.114   0.121   15.906  1.00 90.02  ? 127 MET A CB  1 
ATOM   908  C CG  . MET A 1 130 ? 2.112   -1.086  14.981  1.00 87.40  ? 127 MET A CG  1 
ATOM   909  S SD  . MET A 1 130 ? 0.490   -1.414  14.261  1.00 98.78  ? 127 MET A SD  1 
ATOM   910  C CE  . MET A 1 130 ? -0.337  -2.231  15.623  1.00 79.74  ? 127 MET A CE  1 
ATOM   911  N N   . ILE A 1 131 ? 2.016   3.256   16.759  1.00 85.41  ? 128 ILE A N   1 
ATOM   912  C CA  . ILE A 1 131 ? 1.729   4.288   17.754  1.00 86.60  ? 128 ILE A CA  1 
ATOM   913  C C   . ILE A 1 131 ? 0.640   5.221   17.238  1.00 84.94  ? 128 ILE A C   1 
ATOM   914  O O   . ILE A 1 131 ? -0.386  5.450   17.898  1.00 91.26  ? 128 ILE A O   1 
ATOM   915  C CB  . ILE A 1 131 ? 3.010   5.071   18.103  1.00 87.47  ? 128 ILE A CB  1 
ATOM   916  C CG1 . ILE A 1 131 ? 4.221   4.138   18.244  1.00 80.13  ? 128 ILE A CG1 1 
ATOM   917  C CG2 . ILE A 1 131 ? 2.809   5.893   19.366  1.00 89.38  ? 128 ILE A CG2 1 
ATOM   918  C CD1 . ILE A 1 131 ? 4.018   2.967   19.187  1.00 81.57  ? 128 ILE A CD1 1 
ATOM   919  N N   . ALA A 1 132 ? 0.853   5.768   16.038  1.00 79.73  ? 129 ALA A N   1 
ATOM   920  C CA  . ALA A 1 132 ? -0.124  6.665   15.439  1.00 82.54  ? 129 ALA A CA  1 
ATOM   921  C C   . ALA A 1 132 ? -1.465  5.973   15.249  1.00 84.76  ? 129 ALA A C   1 
ATOM   922  O O   . ALA A 1 132 ? -2.515  6.587   15.452  1.00 88.22  ? 129 ALA A O   1 
ATOM   923  C CB  . ALA A 1 132 ? 0.401   7.198   14.106  1.00 80.49  ? 129 ALA A CB  1 
ATOM   924  N N   . TYR A 1 133 ? -1.454  4.693   14.867  1.00 85.59  ? 130 TYR A N   1 
ATOM   925  C CA  . TYR A 1 133 ? -2.711  3.965   14.731  1.00 87.15  ? 130 TYR A CA  1 
ATOM   926  C C   . TYR A 1 133 ? -3.389  3.762   16.080  1.00 92.26  ? 130 TYR A C   1 
ATOM   927  O O   . TYR A 1 133 ? -4.624  3.788   16.163  1.00 90.87  ? 130 TYR A O   1 
ATOM   928  C CB  . TYR A 1 133 ? -2.477  2.615   14.054  1.00 78.62  ? 130 TYR A CB  1 
ATOM   929  C CG  . TYR A 1 133 ? -3.736  1.788   13.906  1.00 77.60  ? 130 TYR A CG  1 
ATOM   930  C CD1 . TYR A 1 133 ? -4.872  2.320   13.307  1.00 83.31  ? 130 TYR A CD1 1 
ATOM   931  C CD2 . TYR A 1 133 ? -3.792  0.480   14.368  1.00 78.99  ? 130 TYR A CD2 1 
ATOM   932  C CE1 . TYR A 1 133 ? -6.027  1.572   13.169  1.00 81.19  ? 130 TYR A CE1 1 
ATOM   933  C CE2 . TYR A 1 133 ? -4.945  -0.277  14.234  1.00 81.30  ? 130 TYR A CE2 1 
ATOM   934  C CZ  . TYR A 1 133 ? -6.059  0.275   13.634  1.00 79.79  ? 130 TYR A CZ  1 
ATOM   935  O OH  . TYR A 1 133 ? -7.209  -0.468  13.495  1.00 79.36  ? 130 TYR A OH  1 
ATOM   936  N N   . PHE A 1 134 ? -2.604  3.558   17.140  1.00 89.85  ? 131 PHE A N   1 
ATOM   937  C CA  . PHE A 1 134 ? -3.179  3.420   18.473  1.00 89.81  ? 131 PHE A CA  1 
ATOM   938  C C   . PHE A 1 134 ? -3.870  4.706   18.907  1.00 92.86  ? 131 PHE A C   1 
ATOM   939  O O   . PHE A 1 134 ? -4.974  4.666   19.464  1.00 96.86  ? 131 PHE A O   1 
ATOM   940  C CB  . PHE A 1 134 ? -2.096  3.024   19.476  1.00 91.85  ? 131 PHE A CB  1 
ATOM   941  N N   . VAL A 1 135 ? -3.241  5.858   18.660  1.00 90.10  ? 132 VAL A N   1 
ATOM   942  C CA  . VAL A 1 135 ? -3.909  7.115   18.988  1.00 95.60  ? 132 VAL A CA  1 
ATOM   943  C C   . VAL A 1 135 ? -5.094  7.357   18.057  1.00 99.76  ? 132 VAL A C   1 
ATOM   944  O O   . VAL A 1 135 ? -6.116  7.917   18.472  1.00 104.46 ? 132 VAL A O   1 
ATOM   945  C CB  . VAL A 1 135 ? -2.902  8.281   18.948  1.00 93.66  ? 132 VAL A CB  1 
ATOM   946  C CG1 . VAL A 1 135 ? -3.616  9.621   19.061  1.00 95.55  ? 132 VAL A CG1 1 
ATOM   947  C CG2 . VAL A 1 135 ? -1.877  8.133   20.061  1.00 98.28  ? 132 VAL A CG2 1 
ATOM   948  N N   . LEU A 1 136 ? -5.001  6.907   16.807  1.00 96.68  ? 133 LEU A N   1 
ATOM   949  C CA  . LEU A 1 136 ? -5.981  7.215   15.774  1.00 95.64  ? 133 LEU A CA  1 
ATOM   950  C C   . LEU A 1 136 ? -7.173  6.270   15.759  1.00 97.43  ? 133 LEU A C   1 
ATOM   951  O O   . LEU A 1 136 ? -8.123  6.514   15.009  1.00 99.52  ? 133 LEU A O   1 
ATOM   952  C CB  . LEU A 1 136 ? -5.316  7.185   14.395  1.00 94.08  ? 133 LEU A CB  1 
ATOM   953  C CG  . LEU A 1 136 ? -4.506  8.401   13.950  1.00 87.54  ? 133 LEU A CG  1 
ATOM   954  C CD1 . LEU A 1 136 ? -3.713  8.035   12.710  1.00 80.32  ? 133 LEU A CD1 1 
ATOM   955  C CD2 . LEU A 1 136 ? -5.405  9.597   13.694  1.00 89.86  ? 133 LEU A CD2 1 
ATOM   956  N N   . LYS A 1 137 ? -7.143  5.190   16.540  1.00 99.05  ? 134 LYS A N   1 
ATOM   957  C CA  . LYS A 1 137 ? -8.301  4.291   16.563  1.00 100.47 ? 134 LYS A CA  1 
ATOM   958  C C   . LYS A 1 137 ? -9.482  4.897   17.309  1.00 103.11 ? 134 LYS A C   1 
ATOM   959  O O   . LYS A 1 137 ? -10.609 4.843   16.780  1.00 98.21  ? 134 LYS A O   1 
ATOM   960  C CB  . LYS A 1 137 ? -7.892  2.932   17.138  1.00 96.18  ? 134 LYS A CB  1 
ATOM   961  N N   . PRO A 1 138 ? -9.330  5.475   18.510  1.00 108.28 ? 135 PRO A N   1 
ATOM   962  C CA  . PRO A 1 138 ? -10.508 6.066   19.174  1.00 102.62 ? 135 PRO A CA  1 
ATOM   963  C C   . PRO A 1 138 ? -11.145 7.196   18.381  1.00 102.47 ? 135 PRO A C   1 
ATOM   964  O O   . PRO A 1 138 ? -12.364 7.189   18.166  1.00 101.46 ? 135 PRO A O   1 
ATOM   965  C CB  . PRO A 1 138 ? -9.946  6.550   20.521  1.00 98.93  ? 135 PRO A CB  1 
ATOM   966  C CG  . PRO A 1 138 ? -8.716  5.746   20.737  1.00 98.42  ? 135 PRO A CG  1 
ATOM   967  C CD  . PRO A 1 138 ? -8.137  5.533   19.379  1.00 101.73 ? 135 PRO A CD  1 
ATOM   968  N N   . ARG A 1 139 ? -10.355 8.170   17.940  1.00 104.98 ? 136 ARG A N   1 
ATOM   969  C CA  . ARG A 1 139 ? -10.854 9.275   17.129  1.00 104.00 ? 136 ARG A CA  1 
ATOM   970  C C   . ARG A 1 139 ? -10.843 8.842   15.667  1.00 112.72 ? 136 ARG A C   1 
ATOM   971  O O   . ARG A 1 139 ? -9.779  8.590   15.095  1.00 118.27 ? 136 ARG A O   1 
ATOM   972  C CB  . ARG A 1 139 ? -10.016 10.537  17.339  1.00 97.79  ? 136 ARG A CB  1 
ATOM   973  C CG  . ARG A 1 139 ? -8.531  10.294  17.568  1.00 100.10 ? 136 ARG A CG  1 
ATOM   974  C CD  . ARG A 1 139 ? -8.211  10.096  19.045  1.00 100.04 ? 136 ARG A CD  1 
ATOM   975  N NE  . ARG A 1 139 ? -7.904  11.339  19.743  1.00 104.53 ? 136 ARG A NE  1 
ATOM   976  C CZ  . ARG A 1 139 ? -6.986  11.443  20.699  1.00 102.34 ? 136 ARG A CZ  1 
ATOM   977  N NH1 . ARG A 1 139 ? -6.771  12.605  21.294  1.00 98.66  ? 136 ARG A NH1 1 
ATOM   978  N NH2 . ARG A 1 139 ? -6.284  10.378  21.063  1.00 102.84 ? 136 ARG A NH2 1 
ATOM   979  N N   . CYS A 1 140 ? -12.024 8.773   15.065  1.00 108.09 ? 137 CYS A N   1 
ATOM   980  C CA  . CYS A 1 140 ? -12.222 8.024   13.833  1.00 108.16 ? 137 CYS A CA  1 
ATOM   981  C C   . CYS A 1 140 ? -12.010 8.921   12.610  1.00 113.26 ? 137 CYS A C   1 
ATOM   982  O O   . CYS A 1 140 ? -11.383 9.980   12.691  1.00 114.46 ? 137 CYS A O   1 
ATOM   983  C CB  . CYS A 1 140 ? -13.616 7.392   13.847  1.00 110.38 ? 137 CYS A CB  1 
ATOM   984  S SG  . CYS A 1 140 ? -13.911 6.194   12.530  1.00 106.05 ? 137 CYS A SG  1 
ATOM   985  N N   . LEU A 1 141 ? -12.519 8.474   11.464  1.00 114.99 ? 138 LEU A N   1 
ATOM   986  C CA  . LEU A 1 141 ? -12.522 9.212   10.208  1.00 111.34 ? 138 LEU A CA  1 
ATOM   987  C C   . LEU A 1 141 ? -13.550 8.539   9.308   1.00 108.62 ? 138 LEU A C   1 
ATOM   988  O O   . LEU A 1 141 ? -13.947 7.395   9.545   1.00 105.14 ? 138 LEU A O   1 
ATOM   989  C CB  . LEU A 1 141 ? -11.133 9.235   9.555   1.00 100.73 ? 138 LEU A CB  1 
ATOM   990  C CG  . LEU A 1 141 ? -10.762 10.427  8.661   1.00 93.12  ? 138 LEU A CG  1 
ATOM   991  C CD1 . LEU A 1 141 ? -11.067 10.139  7.198   1.00 85.00  ? 138 LEU A CD1 1 
ATOM   992  C CD2 . LEU A 1 141 ? -11.454 11.706  9.124   1.00 95.99  ? 138 LEU A CD2 1 
ATOM   993  N N   . GLN A 1 142 ? -13.975 9.258   8.269   1.00 105.19 ? 139 GLN A N   1 
ATOM   994  C CA  . GLN A 1 142 ? -15.055 8.787   7.407   1.00 104.84 ? 139 GLN A CA  1 
ATOM   995  C C   . GLN A 1 142 ? -14.692 7.514   6.645   1.00 107.27 ? 139 GLN A C   1 
ATOM   996  O O   . GLN A 1 142 ? -14.838 7.463   5.419   1.00 100.92 ? 139 GLN A O   1 
ATOM   997  C CB  . GLN A 1 142 ? -15.457 9.885   6.420   1.00 92.94  ? 139 GLN A CB  1 
ATOM   998  N N   . LYS A 1 143 ? -14.247 6.480   7.365   1.00 99.60  ? 140 LYS A N   1 
ATOM   999  C CA  . LYS A 1 143 ? -13.845 5.184   6.797   1.00 91.06  ? 140 LYS A CA  1 
ATOM   1000 C C   . LYS A 1 143 ? -12.829 5.454   5.684   1.00 93.77  ? 140 LYS A C   1 
ATOM   1001 O O   . LYS A 1 143 ? -11.892 6.235   5.896   1.00 93.43  ? 140 LYS A O   1 
ATOM   1002 C CB  . LYS A 1 143 ? -15.086 4.410   6.379   1.00 89.73  ? 140 LYS A CB  1 
ATOM   1003 N N   . GLY A 1 144 ? -12.973 4.852   4.509   1.00 82.32  ? 141 GLY A N   1 
ATOM   1004 C CA  . GLY A 1 144 ? -12.082 5.112   3.396   1.00 75.38  ? 141 GLY A CA  1 
ATOM   1005 C C   . GLY A 1 144 ? -12.860 5.539   2.167   1.00 84.16  ? 141 GLY A C   1 
ATOM   1006 O O   . GLY A 1 144 ? -14.013 5.149   1.975   1.00 90.69  ? 141 GLY A O   1 
ATOM   1007 N N   . SER A 1 145 ? -12.219 6.360   1.338   1.00 74.50  ? 142 SER A N   1 
ATOM   1008 C CA  . SER A 1 145 ? -12.810 6.788   0.074   1.00 70.42  ? 142 SER A CA  1 
ATOM   1009 C C   . SER A 1 145 ? -11.843 6.761   -1.098  1.00 73.95  ? 142 SER A C   1 
ATOM   1010 O O   . SER A 1 145 ? -12.302 6.787   -2.245  1.00 69.62  ? 142 SER A O   1 
ATOM   1011 C CB  . SER A 1 145 ? -13.389 8.202   0.203   1.00 77.77  ? 142 SER A CB  1 
ATOM   1012 O OG  . SER A 1 145 ? -12.426 9.099   0.730   1.00 77.40  ? 142 SER A OG  1 
ATOM   1013 N N   . LEU A 1 146 ? -10.535 6.700   -0.864  1.00 68.16  ? 143 LEU A N   1 
ATOM   1014 C CA  . LEU A 1 146 ? -9.541  6.762   -1.924  1.00 56.36  ? 143 LEU A CA  1 
ATOM   1015 C C   . LEU A 1 146 ? -9.284  5.382   -2.511  1.00 53.82  ? 143 LEU A C   1 
ATOM   1016 O O   . LEU A 1 146 ? -9.377  4.362   -1.822  1.00 57.88  ? 143 LEU A O   1 
ATOM   1017 C CB  . LEU A 1 146 ? -8.232  7.348   -1.394  1.00 55.04  ? 143 LEU A CB  1 
ATOM   1018 C CG  . LEU A 1 146 ? -8.324  8.690   -0.670  1.00 60.53  ? 143 LEU A CG  1 
ATOM   1019 C CD1 . LEU A 1 146 ? -7.135  8.878   0.258   1.00 56.11  ? 143 LEU A CD1 1 
ATOM   1020 C CD2 . LEU A 1 146 ? -8.408  9.825   -1.676  1.00 59.91  ? 143 LEU A CD2 1 
ATOM   1021 N N   . THR A 1 147 ? -8.959  5.360   -3.799  1.00 47.98  ? 144 THR A N   1 
ATOM   1022 C CA  . THR A 1 147 ? -8.535  4.139   -4.465  1.00 46.15  ? 144 THR A CA  1 
ATOM   1023 C C   . THR A 1 147 ? -7.011  4.051   -4.470  1.00 46.27  ? 144 THR A C   1 
ATOM   1024 O O   . THR A 1 147 ? -6.308  4.975   -4.054  1.00 46.69  ? 144 THR A O   1 
ATOM   1025 C CB  . THR A 1 147 ? -9.075  4.079   -5.894  1.00 42.49  ? 144 THR A CB  1 
ATOM   1026 O OG1 . THR A 1 147 ? -8.369  5.017   -6.716  1.00 46.13  ? 144 THR A OG1 1 
ATOM   1027 C CG2 . THR A 1 147 ? -10.559 4.401   -5.921  1.00 41.07  ? 144 THR A CG2 1 
ATOM   1028 N N   . ILE A 1 148 ? -6.501  2.913   -4.948  1.00 42.75  ? 145 ILE A N   1 
ATOM   1029 C CA  . ILE A 1 148 ? -5.054  2.719   -5.007  1.00 40.72  ? 145 ILE A CA  1 
ATOM   1030 C C   . ILE A 1 148 ? -4.416  3.765   -5.912  1.00 39.58  ? 145 ILE A C   1 
ATOM   1031 O O   . ILE A 1 148 ? -3.346  4.306   -5.606  1.00 40.39  ? 145 ILE A O   1 
ATOM   1032 C CB  . ILE A 1 148 ? -4.723  1.288   -5.469  1.00 38.71  ? 145 ILE A CB  1 
ATOM   1033 C CG1 . ILE A 1 148 ? -4.966  0.290   -4.334  1.00 41.25  ? 145 ILE A CG1 1 
ATOM   1034 C CG2 . ILE A 1 148 ? -3.282  1.196   -5.951  1.00 36.34  ? 145 ILE A CG2 1 
ATOM   1035 C CD1 . ILE A 1 148 ? -4.537  -1.122  -4.659  1.00 35.79  ? 145 ILE A CD1 1 
ATOM   1036 N N   . GLN A 1 149 ? -5.074  4.084   -7.027  1.00 44.45  ? 146 GLN A N   1 
ATOM   1037 C CA  . GLN A 1 149 ? -4.514  5.046   -7.970  1.00 43.40  ? 146 GLN A CA  1 
ATOM   1038 C C   . GLN A 1 149 ? -4.481  6.452   -7.380  1.00 39.45  ? 146 GLN A C   1 
ATOM   1039 O O   . GLN A 1 149 ? -3.543  7.213   -7.636  1.00 36.25  ? 146 GLN A O   1 
ATOM   1040 C CB  . GLN A 1 149 ? -5.314  5.026   -9.270  1.00 38.74  ? 146 GLN A CB  1 
ATOM   1041 C CG  . GLN A 1 149 ? -4.938  6.122   -10.245 1.00 39.96  ? 146 GLN A CG  1 
ATOM   1042 C CD  . GLN A 1 149 ? -5.542  5.903   -11.612 1.00 49.66  ? 146 GLN A CD  1 
ATOM   1043 O OE1 . GLN A 1 149 ? -5.099  5.037   -12.365 1.00 51.85  ? 146 GLN A OE1 1 
ATOM   1044 N NE2 . GLN A 1 149 ? -6.564  6.684   -11.939 1.00 55.52  ? 146 GLN A NE2 1 
ATOM   1045 N N   . GLN A 1 150 ? -5.493  6.814   -6.587  1.00 39.70  ? 147 GLN A N   1 
ATOM   1046 C CA  . GLN A 1 150 ? -5.513  8.142   -5.981  1.00 42.44  ? 147 GLN A CA  1 
ATOM   1047 C C   . GLN A 1 150 ? -4.457  8.266   -4.890  1.00 40.04  ? 147 GLN A C   1 
ATOM   1048 O O   . GLN A 1 150 ? -3.806  9.312   -4.761  1.00 42.87  ? 147 GLN A O   1 
ATOM   1049 C CB  . GLN A 1 150 ? -6.904  8.444   -5.426  1.00 46.02  ? 147 GLN A CB  1 
ATOM   1050 C CG  . GLN A 1 150 ? -8.023  8.242   -6.435  1.00 47.86  ? 147 GLN A CG  1 
ATOM   1051 C CD  . GLN A 1 150 ? -9.380  8.662   -5.901  1.00 51.03  ? 147 GLN A CD  1 
ATOM   1052 O OE1 . GLN A 1 150 ? -9.898  8.073   -4.954  1.00 67.50  ? 147 GLN A OE1 1 
ATOM   1053 N NE2 . GLN A 1 150 ? -9.963  9.685   -6.513  1.00 61.97  ? 147 GLN A NE2 1 
ATOM   1054 N N   . VAL A 1 151 ? -4.276  7.209   -4.094  1.00 38.14  ? 148 VAL A N   1 
ATOM   1055 C CA  . VAL A 1 151 ? -3.191  7.193   -3.117  1.00 39.40  ? 148 VAL A CA  1 
ATOM   1056 C C   . VAL A 1 151 ? -1.846  7.307   -3.823  1.00 34.01  ? 148 VAL A C   1 
ATOM   1057 O O   . VAL A 1 151 ? -0.965  8.063   -3.396  1.00 36.66  ? 148 VAL A O   1 
ATOM   1058 C CB  . VAL A 1 151 ? -3.275  5.923   -2.249  1.00 37.14  ? 148 VAL A CB  1 
ATOM   1059 C CG1 . VAL A 1 151 ? -2.084  5.838   -1.306  1.00 39.00  ? 148 VAL A CG1 1 
ATOM   1060 C CG2 . VAL A 1 151 ? -4.578  5.901   -1.468  1.00 34.67  ? 148 VAL A CG2 1 
ATOM   1061 N N   . ASN A 1 152 ? -1.677  6.575   -4.926  1.00 34.58  ? 149 ASN A N   1 
ATOM   1062 C CA  . ASN A 1 152 ? -0.443  6.663   -5.700  1.00 33.02  ? 149 ASN A CA  1 
ATOM   1063 C C   . ASN A 1 152 ? -0.233  8.066   -6.251  1.00 35.26  ? 149 ASN A C   1 
ATOM   1064 O O   . ASN A 1 152 ? 0.903   8.542   -6.331  1.00 35.91  ? 149 ASN A O   1 
ATOM   1065 C CB  . ASN A 1 152 ? -0.464  5.646   -6.839  1.00 33.35  ? 149 ASN A CB  1 
ATOM   1066 C CG  . ASN A 1 152 ? 0.070   4.297   -6.424  1.00 35.30  ? 149 ASN A CG  1 
ATOM   1067 O OD1 . ASN A 1 152 ? 0.998   4.203   -5.622  1.00 40.51  ? 149 ASN A OD1 1 
ATOM   1068 N ND2 . ASN A 1 152 ? -0.510  3.239   -6.974  1.00 45.37  ? 149 ASN A ND2 1 
ATOM   1069 N N   . ASP A 1 153 ? -1.314  8.739   -6.646  1.00 39.84  ? 150 ASP A N   1 
ATOM   1070 C CA  . ASP A 1 153 ? -1.192  10.092  -7.177  1.00 38.78  ? 150 ASP A CA  1 
ATOM   1071 C C   . ASP A 1 153 ? -0.791  11.077  -6.086  1.00 37.73  ? 150 ASP A C   1 
ATOM   1072 O O   . ASP A 1 153 ? 0.010   11.988  -6.326  1.00 40.62  ? 150 ASP A O   1 
ATOM   1073 C CB  . ASP A 1 153 ? -2.504  10.518  -7.832  1.00 39.77  ? 150 ASP A CB  1 
ATOM   1074 C CG  . ASP A 1 153 ? -2.758  9.808   -9.149  1.00 55.49  ? 150 ASP A CG  1 
ATOM   1075 O OD1 . ASP A 1 153 ? -1.775  9.435   -9.828  1.00 54.39  ? 150 ASP A OD1 1 
ATOM   1076 O OD2 . ASP A 1 153 ? -3.943  9.622   -9.505  1.00 59.26  ? 150 ASP A OD2 1 
ATOM   1077 N N   . LEU A 1 154 ? -1.336  10.908  -4.881  1.00 36.82  ? 151 LEU A N   1 
ATOM   1078 C CA  . LEU A 1 154 ? -0.959  11.790  -3.782  1.00 39.19  ? 151 LEU A CA  1 
ATOM   1079 C C   . LEU A 1 154 ? 0.485   11.548  -3.349  1.00 38.32  ? 151 LEU A C   1 
ATOM   1080 O O   . LEU A 1 154 ? 1.205   12.497  -3.016  1.00 37.81  ? 151 LEU A O   1 
ATOM   1081 C CB  . LEU A 1 154 ? -1.928  11.606  -2.615  1.00 39.98  ? 151 LEU A CB  1 
ATOM   1082 C CG  . LEU A 1 154 ? -3.310  12.213  -2.886  1.00 46.91  ? 151 LEU A CG  1 
ATOM   1083 C CD1 . LEU A 1 154 ? -4.335  11.798  -1.843  1.00 47.03  ? 151 LEU A CD1 1 
ATOM   1084 C CD2 . LEU A 1 154 ? -3.209  13.729  -2.965  1.00 49.78  ? 151 LEU A CD2 1 
ATOM   1085 N N   . LEU A 1 155 ? 0.932   10.288  -3.358  1.00 34.36  ? 152 LEU A N   1 
ATOM   1086 C CA  . LEU A 1 155 ? 2.331   10.002  -3.048  1.00 29.43  ? 152 LEU A CA  1 
ATOM   1087 C C   . LEU A 1 155 ? 3.254   10.545  -4.131  1.00 36.04  ? 152 LEU A C   1 
ATOM   1088 O O   . LEU A 1 155 ? 4.348   11.043  -3.836  1.00 39.30  ? 152 LEU A O   1 
ATOM   1089 C CB  . LEU A 1 155 ? 2.533   8.499   -2.876  1.00 36.89  ? 152 LEU A CB  1 
ATOM   1090 C CG  . LEU A 1 155 ? 1.724   7.830   -1.765  1.00 35.36  ? 152 LEU A CG  1 
ATOM   1091 C CD1 . LEU A 1 155 ? 2.044   6.354   -1.703  1.00 37.14  ? 152 LEU A CD1 1 
ATOM   1092 C CD2 . LEU A 1 155 ? 1.997   8.496   -0.435  1.00 32.40  ? 152 LEU A CD2 1 
ATOM   1093 N N   . ASP A 1 156 ? 2.832   10.437  -5.392  1.00 38.62  ? 153 ASP A N   1 
ATOM   1094 C CA  . ASP A 1 156 ? 3.510   11.130  -6.481  1.00 38.37  ? 153 ASP A CA  1 
ATOM   1095 C C   . ASP A 1 156 ? 3.655   12.611  -6.165  1.00 36.59  ? 153 ASP A C   1 
ATOM   1096 O O   . ASP A 1 156 ? 4.721   13.202  -6.364  1.00 37.89  ? 153 ASP A O   1 
ATOM   1097 C CB  . ASP A 1 156 ? 2.732   10.950  -7.787  1.00 42.18  ? 153 ASP A CB  1 
ATOM   1098 C CG  . ASP A 1 156 ? 2.877   9.562   -8.376  1.00 44.09  ? 153 ASP A CG  1 
ATOM   1099 O OD1 . ASP A 1 156 ? 3.889   8.891   -8.093  1.00 43.75  ? 153 ASP A OD1 1 
ATOM   1100 O OD2 . ASP A 1 156 ? 1.974   9.149   -9.136  1.00 47.70  ? 153 ASP A OD2 1 
ATOM   1101 N N   . SER A 1 157 ? 2.577   13.226  -5.671  1.00 36.68  ? 154 SER A N   1 
ATOM   1102 C CA  . SER A 1 157 ? 2.609   14.652  -5.365  1.00 42.07  ? 154 SER A CA  1 
ATOM   1103 C C   . SER A 1 157 ? 3.537   14.961  -4.199  1.00 37.71  ? 154 SER A C   1 
ATOM   1104 O O   . SER A 1 157 ? 4.163   16.024  -4.176  1.00 40.12  ? 154 SER A O   1 
ATOM   1105 C CB  . SER A 1 157 ? 1.200   15.159  -5.067  1.00 38.10  ? 154 SER A CB  1 
ATOM   1106 O OG  . SER A 1 157 ? 0.435   15.253  -6.255  1.00 41.90  ? 154 SER A OG  1 
ATOM   1107 N N   . ILE A 1 158 ? 3.641   14.056  -3.226  1.00 35.85  ? 155 ILE A N   1 
ATOM   1108 C CA  . ILE A 1 158 ? 4.537   14.295  -2.100  1.00 39.22  ? 155 ILE A CA  1 
ATOM   1109 C C   . ILE A 1 158 ? 5.990   14.209  -2.550  1.00 39.19  ? 155 ILE A C   1 
ATOM   1110 O O   . ILE A 1 158 ? 6.815   15.065  -2.206  1.00 39.22  ? 155 ILE A O   1 
ATOM   1111 C CB  . ILE A 1 158 ? 4.240   13.313  -0.954  1.00 35.83  ? 155 ILE A CB  1 
ATOM   1112 C CG1 . ILE A 1 158 ? 2.808   13.498  -0.450  1.00 38.62  ? 155 ILE A CG1 1 
ATOM   1113 C CG2 . ILE A 1 158 ? 5.223   13.519  0.174   1.00 34.58  ? 155 ILE A CG2 1 
ATOM   1114 C CD1 . ILE A 1 158 ? 2.411   12.516  0.626   1.00 40.58  ? 155 ILE A CD1 1 
ATOM   1115 N N   . ALA A 1 159 ? 6.325   13.178  -3.330  1.00 42.74  ? 156 ALA A N   1 
ATOM   1116 C CA  . ALA A 1 159 ? 7.688   13.064  -3.843  1.00 40.82  ? 156 ALA A CA  1 
ATOM   1117 C C   . ALA A 1 159 ? 8.033   14.216  -4.779  1.00 41.10  ? 156 ALA A C   1 
ATOM   1118 O O   . ALA A 1 159 ? 9.182   14.677  -4.798  1.00 43.79  ? 156 ALA A O   1 
ATOM   1119 C CB  . ALA A 1 159 ? 7.874   11.723  -4.552  1.00 38.90  ? 156 ALA A CB  1 
ATOM   1120 N N   . SER A 1 160 ? 7.058   14.698  -5.554  1.00 44.36  ? 157 SER A N   1 
ATOM   1121 C CA  . SER A 1 160 ? 7.297   15.829  -6.447  1.00 41.95  ? 157 SER A CA  1 
ATOM   1122 C C   . SER A 1 160 ? 7.532   17.112  -5.660  1.00 44.67  ? 157 SER A C   1 
ATOM   1123 O O   . SER A 1 160 ? 8.505   17.834  -5.906  1.00 45.69  ? 157 SER A O   1 
ATOM   1124 C CB  . SER A 1 160 ? 6.117   15.999  -7.403  1.00 41.13  ? 157 SER A CB  1 
ATOM   1125 O OG  . SER A 1 160 ? 6.336   15.300  -8.613  1.00 51.52  ? 157 SER A OG  1 
ATOM   1126 N N   . ASN A 1 161 ? 6.640   17.417  -4.715  1.00 41.55  ? 158 ASN A N   1 
ATOM   1127 C CA  . ASN A 1 161 ? 6.810   18.609  -3.890  1.00 42.25  ? 158 ASN A CA  1 
ATOM   1128 C C   . ASN A 1 161 ? 8.121   18.557  -3.117  1.00 49.68  ? 158 ASN A C   1 
ATOM   1129 O O   . ASN A 1 161 ? 8.775   19.589  -2.918  1.00 53.28  ? 158 ASN A O   1 
ATOM   1130 C CB  . ASN A 1 161 ? 5.627   18.758  -2.934  1.00 44.10  ? 158 ASN A CB  1 
ATOM   1131 C CG  . ASN A 1 161 ? 4.326   19.032  -3.658  1.00 46.07  ? 158 ASN A CG  1 
ATOM   1132 O OD1 . ASN A 1 161 ? 4.310   19.679  -4.705  1.00 50.76  ? 158 ASN A OD1 1 
ATOM   1133 N ND2 . ASN A 1 161 ? 3.223   18.538  -3.103  1.00 46.37  ? 158 ASN A ND2 1 
ATOM   1134 N N   . ASN A 1 162 ? 8.525   17.366  -2.672  1.00 49.27  ? 159 ASN A N   1 
ATOM   1135 C CA  . ASN A 1 162 ? 9.828   17.232  -2.033  1.00 47.30  ? 159 ASN A CA  1 
ATOM   1136 C C   . ASN A 1 162 ? 10.953  17.502  -3.021  1.00 46.54  ? 159 ASN A C   1 
ATOM   1137 O O   . ASN A 1 162 ? 11.962  18.120  -2.667  1.00 54.30  ? 159 ASN A O   1 
ATOM   1138 C CB  . ASN A 1 162 ? 9.982   15.842  -1.421  1.00 48.52  ? 159 ASN A CB  1 
ATOM   1139 C CG  . ASN A 1 162 ? 11.331  15.648  -0.763  1.00 49.52  ? 159 ASN A CG  1 
ATOM   1140 O OD1 . ASN A 1 162 ? 11.580  16.163  0.327   1.00 48.09  ? 159 ASN A OD1 1 
ATOM   1141 N ND2 . ASN A 1 162 ? 12.215  14.911  -1.428  1.00 50.84  ? 159 ASN A ND2 1 
ATOM   1142 N N   . SER A 1 163 ? 10.799  17.044  -4.266  1.00 42.84  ? 160 SER A N   1 
ATOM   1143 C CA  . SER A 1 163 ? 11.814  17.314  -5.278  1.00 52.87  ? 160 SER A CA  1 
ATOM   1144 C C   . SER A 1 163 ? 11.921  18.803  -5.578  1.00 54.70  ? 160 SER A C   1 
ATOM   1145 O O   . SER A 1 163 ? 12.981  19.279  -6.002  1.00 52.76  ? 160 SER A O   1 
ATOM   1146 C CB  . SER A 1 163 ? 11.500  16.531  -6.553  1.00 50.74  ? 160 SER A CB  1 
ATOM   1147 O OG  . SER A 1 163 ? 11.639  15.136  -6.344  1.00 47.78  ? 160 SER A OG  1 
ATOM   1148 N N   . ALA A 1 164 ? 10.842  19.553  -5.361  1.00 54.88  ? 161 ALA A N   1 
ATOM   1149 C CA  . ALA A 1 164 ? 10.842  20.999  -5.522  1.00 53.77  ? 161 ALA A CA  1 
ATOM   1150 C C   . ALA A 1 164 ? 11.190  21.732  -4.232  1.00 54.36  ? 161 ALA A C   1 
ATOM   1151 O O   . ALA A 1 164 ? 11.122  22.965  -4.200  1.00 54.94  ? 161 ALA A O   1 
ATOM   1152 C CB  . ALA A 1 164 ? 9.479   21.470  -6.038  1.00 48.87  ? 161 ALA A CB  1 
ATOM   1153 N N   . LYS A 1 165 ? 11.556  21.000  -3.176  1.00 55.06  ? 162 LYS A N   1 
ATOM   1154 C CA  . LYS A 1 165 ? 11.900  21.582  -1.875  1.00 57.32  ? 162 LYS A CA  1 
ATOM   1155 C C   . LYS A 1 165 ? 10.751  22.433  -1.334  1.00 56.38  ? 162 LYS A C   1 
ATOM   1156 O O   . LYS A 1 165 ? 10.920  23.606  -0.991  1.00 60.74  ? 162 LYS A O   1 
ATOM   1157 C CB  . LYS A 1 165 ? 13.196  22.391  -1.960  1.00 48.26  ? 162 LYS A CB  1 
ATOM   1158 C CG  . LYS A 1 165 ? 14.428  21.551  -2.249  1.00 59.43  ? 162 LYS A CG  1 
ATOM   1159 C CD  . LYS A 1 165 ? 15.530  22.386  -2.876  1.00 66.09  ? 162 LYS A CD  1 
ATOM   1160 C CE  . LYS A 1 165 ? 16.893  21.998  -2.326  1.00 78.55  ? 162 LYS A CE  1 
ATOM   1161 N NZ  . LYS A 1 165 ? 17.654  23.185  -1.840  1.00 76.72  ? 162 LYS A NZ  1 
ATOM   1162 N N   . ARG A 1 166 ? 9.566   21.823  -1.254  1.00 50.18  ? 163 ARG A N   1 
ATOM   1163 C CA  . ARG A 1 166 ? 8.333   22.519  -0.881  1.00 47.58  ? 163 ARG A CA  1 
ATOM   1164 C C   . ARG A 1 166 ? 7.651   21.733  0.237   1.00 52.61  ? 163 ARG A C   1 
ATOM   1165 O O   . ARG A 1 166 ? 6.680   21.011  -0.001  1.00 50.88  ? 163 ARG A O   1 
ATOM   1166 C CB  . ARG A 1 166 ? 7.428   22.684  -2.095  1.00 44.88  ? 163 ARG A CB  1 
ATOM   1167 C CG  . ARG A 1 166 ? 8.027   23.550  -3.181  1.00 47.64  ? 163 ARG A CG  1 
ATOM   1168 C CD  . ARG A 1 166 ? 8.137   24.988  -2.712  1.00 55.85  ? 163 ARG A CD  1 
ATOM   1169 N NE  . ARG A 1 166 ? 6.856   25.482  -2.215  1.00 56.91  ? 163 ARG A NE  1 
ATOM   1170 C CZ  . ARG A 1 166 ? 5.988   26.174  -2.946  1.00 52.75  ? 163 ARG A CZ  1 
ATOM   1171 N NH1 . ARG A 1 166 ? 6.265   26.461  -4.212  1.00 44.19  ? 163 ARG A NH1 1 
ATOM   1172 N NH2 . ARG A 1 166 ? 4.844   26.580  -2.413  1.00 42.10  ? 163 ARG A NH2 1 
ATOM   1173 N N   . LYS A 1 167 ? 8.161   21.891  1.463   1.00 50.88  ? 164 LYS A N   1 
ATOM   1174 C CA  . LYS A 1 167 ? 7.570   21.196  2.602   1.00 50.63  ? 164 LYS A CA  1 
ATOM   1175 C C   . LYS A 1 167 ? 6.126   21.619  2.831   1.00 52.19  ? 164 LYS A C   1 
ATOM   1176 O O   . LYS A 1 167 ? 5.311   20.810  3.290   1.00 52.42  ? 164 LYS A O   1 
ATOM   1177 C CB  . LYS A 1 167 ? 8.405   21.442  3.857   1.00 52.52  ? 164 LYS A CB  1 
ATOM   1178 N N   . ASP A 1 168 ? 5.789   22.874  2.518   1.00 55.29  ? 165 ASP A N   1 
ATOM   1179 C CA  . ASP A 1 168 ? 4.407   23.333  2.621   1.00 52.36  ? 165 ASP A CA  1 
ATOM   1180 C C   . ASP A 1 168 ? 3.467   22.419  1.842   1.00 55.44  ? 165 ASP A C   1 
ATOM   1181 O O   . ASP A 1 168 ? 2.464   21.925  2.377   1.00 58.36  ? 165 ASP A O   1 
ATOM   1182 C CB  . ASP A 1 168 ? 4.303   24.774  2.113   1.00 49.61  ? 165 ASP A CB  1 
ATOM   1183 C CG  . ASP A 1 168 ? 5.041   24.987  0.796   1.00 59.99  ? 165 ASP A CG  1 
ATOM   1184 O OD1 . ASP A 1 168 ? 5.070   26.133  0.298   1.00 57.66  ? 165 ASP A OD1 1 
ATOM   1185 O OD2 . ASP A 1 168 ? 5.591   24.004  0.255   1.00 65.10  ? 165 ASP A OD2 1 
ATOM   1186 N N   . LEU A 1 169 ? 3.797   22.167  0.576   1.00 54.70  ? 166 LEU A N   1 
ATOM   1187 C CA  . LEU A 1 169 ? 2.952   21.322  -0.256  1.00 56.11  ? 166 LEU A CA  1 
ATOM   1188 C C   . LEU A 1 169 ? 3.052   19.858  0.145   1.00 55.81  ? 166 LEU A C   1 
ATOM   1189 O O   . LEU A 1 169 ? 2.110   19.092  -0.086  1.00 56.85  ? 166 LEU A O   1 
ATOM   1190 C CB  . LEU A 1 169 ? 3.325   21.510  -1.725  1.00 58.91  ? 166 LEU A CB  1 
ATOM   1191 C CG  . LEU A 1 169 ? 3.510   22.957  -2.185  1.00 50.90  ? 166 LEU A CG  1 
ATOM   1192 C CD1 . LEU A 1 169 ? 3.859   23.010  -3.663  1.00 47.14  ? 166 LEU A CD1 1 
ATOM   1193 C CD2 . LEU A 1 169 ? 2.259   23.769  -1.892  1.00 47.71  ? 166 LEU A CD2 1 
ATOM   1194 N N   . ILE A 1 170 ? 4.175   19.448  0.742   1.00 53.42  ? 167 ILE A N   1 
ATOM   1195 C CA  . ILE A 1 170 ? 4.274   18.092  1.275   1.00 51.21  ? 167 ILE A CA  1 
ATOM   1196 C C   . ILE A 1 170 ? 3.243   17.887  2.376   1.00 55.06  ? 167 ILE A C   1 
ATOM   1197 O O   . ILE A 1 170 ? 2.478   16.915  2.363   1.00 59.86  ? 167 ILE A O   1 
ATOM   1198 C CB  . ILE A 1 170 ? 5.698   17.807  1.785   1.00 48.53  ? 167 ILE A CB  1 
ATOM   1199 C CG1 . ILE A 1 170 ? 6.715   17.883  0.648   1.00 46.42  ? 167 ILE A CG1 1 
ATOM   1200 C CG2 . ILE A 1 170 ? 5.763   16.431  2.422   1.00 45.60  ? 167 ILE A CG2 1 
ATOM   1201 C CD1 . ILE A 1 170 ? 8.118   17.550  1.094   1.00 46.69  ? 167 ILE A CD1 1 
ATOM   1202 N N   . LYS A 1 171 ? 3.205   18.805  3.347   1.00 54.48  ? 168 LYS A N   1 
ATOM   1203 C CA  . LYS A 1 171 ? 2.199   18.713  4.399   1.00 54.71  ? 168 LYS A CA  1 
ATOM   1204 C C   . LYS A 1 171 ? 0.794   18.829  3.826   1.00 52.83  ? 168 LYS A C   1 
ATOM   1205 O O   . LYS A 1 171 ? -0.134  18.178  4.315   1.00 52.05  ? 168 LYS A O   1 
ATOM   1206 C CB  . LYS A 1 171 ? 2.431   19.788  5.463   1.00 60.30  ? 168 LYS A CB  1 
ATOM   1207 C CG  . LYS A 1 171 ? 3.889   20.024  5.820   1.00 70.77  ? 168 LYS A CG  1 
ATOM   1208 C CD  . LYS A 1 171 ? 4.129   19.989  7.321   1.00 80.98  ? 168 LYS A CD  1 
ATOM   1209 C CE  . LYS A 1 171 ? 5.599   20.226  7.643   1.00 82.82  ? 168 LYS A CE  1 
ATOM   1210 N NZ  . LYS A 1 171 ? 6.066   21.565  7.178   1.00 78.74  ? 168 LYS A NZ  1 
ATOM   1211 N N   . LYS A 1 172 ? 0.618   19.647  2.782   1.00 55.79  ? 169 LYS A N   1 
ATOM   1212 C CA  . LYS A 1 172 ? -0.708  19.812  2.187   1.00 54.40  ? 169 LYS A CA  1 
ATOM   1213 C C   . LYS A 1 172 ? -1.212  18.505  1.579   1.00 51.77  ? 169 LYS A C   1 
ATOM   1214 O O   . LYS A 1 172 ? -2.315  18.040  1.898   1.00 48.19  ? 169 LYS A O   1 
ATOM   1215 C CB  . LYS A 1 172 ? -0.674  20.922  1.136   1.00 52.30  ? 169 LYS A CB  1 
ATOM   1216 N N   . SER A 1 173 ? -0.411  17.898  0.696   1.00 51.67  ? 170 SER A N   1 
ATOM   1217 C CA  . SER A 1 173 ? -0.798  16.634  0.075   1.00 50.30  ? 170 SER A CA  1 
ATOM   1218 C C   . SER A 1 173 ? -0.945  15.528  1.111   1.00 52.21  ? 170 SER A C   1 
ATOM   1219 O O   . SER A 1 173 ? -1.863  14.698  1.028   1.00 55.25  ? 170 SER A O   1 
ATOM   1220 C CB  . SER A 1 173 ? 0.231   16.234  -0.983  1.00 48.65  ? 170 SER A CB  1 
ATOM   1221 O OG  . SER A 1 173 ? 0.606   17.344  -1.782  1.00 54.24  ? 170 SER A OG  1 
ATOM   1222 N N   . LEU A 1 174 ? -0.043  15.494  2.092   1.00 49.95  ? 171 LEU A N   1 
ATOM   1223 C CA  . LEU A 1 174 ? -0.154  14.516  3.167   1.00 49.48  ? 171 LEU A CA  1 
ATOM   1224 C C   . LEU A 1 174 ? -1.469  14.671  3.922   1.00 53.95  ? 171 LEU A C   1 
ATOM   1225 O O   . LEU A 1 174 ? -2.083  13.677  4.324   1.00 56.07  ? 171 LEU A O   1 
ATOM   1226 C CB  . LEU A 1 174 ? 1.031   14.661  4.117   1.00 53.86  ? 171 LEU A CB  1 
ATOM   1227 C CG  . LEU A 1 174 ? 1.376   13.461  4.991   1.00 50.91  ? 171 LEU A CG  1 
ATOM   1228 C CD1 . LEU A 1 174 ? 1.254   12.168  4.206   1.00 54.87  ? 171 LEU A CD1 1 
ATOM   1229 C CD2 . LEU A 1 174 ? 2.781   13.642  5.508   1.00 62.84  ? 171 LEU A CD2 1 
ATOM   1230 N N   . LEU A 1 175 ? -1.916  15.913  4.122   1.00 53.25  ? 172 LEU A N   1 
ATOM   1231 C CA  . LEU A 1 175 ? -3.193  16.141  4.788   1.00 51.64  ? 172 LEU A CA  1 
ATOM   1232 C C   . LEU A 1 175 ? -4.358  15.718  3.902   1.00 52.08  ? 172 LEU A C   1 
ATOM   1233 O O   . LEU A 1 175 ? -5.373  15.219  4.401   1.00 53.61  ? 172 LEU A O   1 
ATOM   1234 C CB  . LEU A 1 175 ? -3.325  17.609  5.191   1.00 55.13  ? 172 LEU A CB  1 
ATOM   1235 C CG  . LEU A 1 175 ? -2.481  18.078  6.381   1.00 51.54  ? 172 LEU A CG  1 
ATOM   1236 C CD1 . LEU A 1 175 ? -2.699  19.559  6.648   1.00 53.33  ? 172 LEU A CD1 1 
ATOM   1237 C CD2 . LEU A 1 175 ? -2.781  17.255  7.625   1.00 55.85  ? 172 LEU A CD2 1 
ATOM   1238 N N   . GLN A 1 176 ? -4.232  15.908  2.584   1.00 49.91  ? 173 GLN A N   1 
ATOM   1239 C CA  . GLN A 1 176 ? -5.246  15.386  1.671   1.00 48.13  ? 173 GLN A CA  1 
ATOM   1240 C C   . GLN A 1 176 ? -5.340  13.868  1.763   1.00 59.64  ? 173 GLN A C   1 
ATOM   1241 O O   . GLN A 1 176 ? -6.431  13.298  1.645   1.00 62.36  ? 173 GLN A O   1 
ATOM   1242 C CB  . GLN A 1 176 ? -4.938  15.806  0.235   1.00 47.81  ? 173 GLN A CB  1 
ATOM   1243 C CG  . GLN A 1 176 ? -5.014  17.297  -0.017  1.00 55.65  ? 173 GLN A CG  1 
ATOM   1244 C CD  . GLN A 1 176 ? -4.700  17.649  -1.456  1.00 60.92  ? 173 GLN A CD  1 
ATOM   1245 O OE1 . GLN A 1 176 ? -5.101  16.940  -2.382  1.00 58.96  ? 173 GLN A OE1 1 
ATOM   1246 N NE2 . GLN A 1 176 ? -3.974  18.743  -1.655  1.00 61.70  ? 173 GLN A NE2 1 
ATOM   1247 N N   . LEU A 1 177 ? -4.204  13.195  1.967   1.00 55.53  ? 174 LEU A N   1 
ATOM   1248 C CA  . LEU A 1 177 ? -4.226  11.749  2.160   1.00 56.88  ? 174 LEU A CA  1 
ATOM   1249 C C   . LEU A 1 177 ? -4.866  11.379  3.493   1.00 58.22  ? 174 LEU A C   1 
ATOM   1250 O O   . LEU A 1 177 ? -5.706  10.474  3.562   1.00 57.24  ? 174 LEU A O   1 
ATOM   1251 C CB  . LEU A 1 177 ? -2.805  11.191  2.085   1.00 59.90  ? 174 LEU A CB  1 
ATOM   1252 C CG  . LEU A 1 177 ? -2.389  10.459  0.812   1.00 57.96  ? 174 LEU A CG  1 
ATOM   1253 C CD1 . LEU A 1 177 ? -0.917  10.096  0.881   1.00 53.00  ? 174 LEU A CD1 1 
ATOM   1254 C CD2 . LEU A 1 177 ? -3.249  9.224   0.583   1.00 46.52  ? 174 LEU A CD2 1 
ATOM   1255 N N   . ILE A 1 178 ? -4.476  12.071  4.563   1.00 57.27  ? 175 ILE A N   1 
ATOM   1256 C CA  . ILE A 1 178 ? -4.894  11.681  5.906   1.00 63.83  ? 175 ILE A CA  1 
ATOM   1257 C C   . ILE A 1 178 ? -6.386  11.922  6.106   1.00 62.57  ? 175 ILE A C   1 
ATOM   1258 O O   . ILE A 1 178 ? -7.091  11.082  6.677   1.00 65.54  ? 175 ILE A O   1 
ATOM   1259 C CB  . ILE A 1 178 ? -4.053  12.435  6.954   1.00 65.42  ? 175 ILE A CB  1 
ATOM   1260 C CG1 . ILE A 1 178 ? -2.652  11.827  7.048   1.00 58.76  ? 175 ILE A CG1 1 
ATOM   1261 C CG2 . ILE A 1 178 ? -4.741  12.418  8.311   1.00 61.36  ? 175 ILE A CG2 1 
ATOM   1262 C CD1 . ILE A 1 178 ? -1.691  12.641  7.883   1.00 59.66  ? 175 ILE A CD1 1 
ATOM   1263 N N   . THR A 1 179 ? -6.893  13.063  5.638   1.00 61.47  ? 176 THR A N   1 
ATOM   1264 C CA  . THR A 1 179 ? -8.283  13.422  5.904   1.00 64.19  ? 176 THR A CA  1 
ATOM   1265 C C   . THR A 1 179 ? -9.283  12.574  5.128   1.00 65.69  ? 176 THR A C   1 
ATOM   1266 O O   . THR A 1 179 ? -10.487 12.689  5.380   1.00 66.74  ? 176 THR A O   1 
ATOM   1267 C CB  . THR A 1 179 ? -8.514  14.902  5.591   1.00 65.76  ? 176 THR A CB  1 
ATOM   1268 O OG1 . THR A 1 179 ? -8.122  15.174  4.240   1.00 61.73  ? 176 THR A OG1 1 
ATOM   1269 C CG2 . THR A 1 179 ? -7.708  15.777  6.543   1.00 67.49  ? 176 THR A CG2 1 
ATOM   1270 N N   . GLN A 1 180 ? -8.826  11.737  4.196   1.00 61.75  ? 177 GLN A N   1 
ATOM   1271 C CA  . GLN A 1 180 ? -9.708  10.836  3.464   1.00 65.58  ? 177 GLN A CA  1 
ATOM   1272 C C   . GLN A 1 180 ? -9.374  9.371   3.707   1.00 68.01  ? 177 GLN A C   1 
ATOM   1273 O O   . GLN A 1 180 ? -9.865  8.502   2.974   1.00 71.34  ? 177 GLN A O   1 
ATOM   1274 C CB  . GLN A 1 180 ? -9.656  11.137  1.964   1.00 60.31  ? 177 GLN A CB  1 
ATOM   1275 C CG  . GLN A 1 180 ? -9.668  12.613  1.623   1.00 56.20  ? 177 GLN A CG  1 
ATOM   1276 C CD  . GLN A 1 180 ? -9.441  12.862  0.146   1.00 58.75  ? 177 GLN A CD  1 
ATOM   1277 O OE1 . GLN A 1 180 ? -10.289 12.542  -0.686  1.00 62.68  ? 177 GLN A OE1 1 
ATOM   1278 N NE2 . GLN A 1 180 ? -8.289  13.431  -0.187  1.00 51.20  ? 177 GLN A NE2 1 
ATOM   1279 N N   . SER A 1 181 ? -8.560  9.071   4.715   1.00 61.16  ? 178 SER A N   1 
ATOM   1280 C CA  . SER A 1 181 ? -8.128  7.713   5.003   1.00 64.61  ? 178 SER A CA  1 
ATOM   1281 C C   . SER A 1 181 ? -8.546  7.324   6.414   1.00 68.86  ? 178 SER A C   1 
ATOM   1282 O O   . SER A 1 181 ? -8.448  8.130   7.345   1.00 70.87  ? 178 SER A O   1 
ATOM   1283 C CB  . SER A 1 181 ? -6.609  7.574   4.854   1.00 63.67  ? 178 SER A CB  1 
ATOM   1284 O OG  . SER A 1 181 ? -6.182  7.967   3.562   1.00 65.34  ? 178 SER A OG  1 
ATOM   1285 N N   . SER A 1 182 ? -9.007  6.085   6.565   1.00 68.78  ? 179 SER A N   1 
ATOM   1286 C CA  . SER A 1 182 ? -9.343  5.564   7.879   1.00 65.90  ? 179 SER A CA  1 
ATOM   1287 C C   . SER A 1 182 ? -8.077  5.394   8.716   1.00 62.97  ? 179 SER A C   1 
ATOM   1288 O O   . SER A 1 182 ? -6.952  5.521   8.226   1.00 64.23  ? 179 SER A O   1 
ATOM   1289 C CB  . SER A 1 182 ? -10.085 4.234   7.755   1.00 73.18  ? 179 SER A CB  1 
ATOM   1290 O OG  . SER A 1 182 ? -9.348  3.309   6.978   1.00 65.05  ? 179 SER A OG  1 
ATOM   1291 N N   . ALA A 1 183 ? -8.275  5.102   10.004  1.00 63.84  ? 180 ALA A N   1 
ATOM   1292 C CA  . ALA A 1 183 ? -7.138  4.922   10.901  1.00 66.90  ? 180 ALA A CA  1 
ATOM   1293 C C   . ALA A 1 183 ? -6.232  3.792   10.424  1.00 65.34  ? 180 ALA A C   1 
ATOM   1294 O O   . ALA A 1 183 ? -5.003  3.915   10.459  1.00 60.82  ? 180 ALA A O   1 
ATOM   1295 C CB  . ALA A 1 183 ? -7.628  4.657   12.324  1.00 70.91  ? 180 ALA A CB  1 
ATOM   1296 N N   . LEU A 1 184 ? -6.825  2.685   9.971   1.00 64.11  ? 181 LEU A N   1 
ATOM   1297 C CA  . LEU A 1 184 ? -6.045  1.588   9.406   1.00 61.52  ? 181 LEU A CA  1 
ATOM   1298 C C   . LEU A 1 184 ? -5.283  2.043   8.166   1.00 59.81  ? 181 LEU A C   1 
ATOM   1299 O O   . LEU A 1 184 ? -4.067  1.829   8.047   1.00 55.61  ? 181 LEU A O   1 
ATOM   1300 C CB  . LEU A 1 184 ? -6.981  0.425   9.071   1.00 63.51  ? 181 LEU A CB  1 
ATOM   1301 C CG  . LEU A 1 184 ? -6.405  -0.963  8.802   1.00 54.67  ? 181 LEU A CG  1 
ATOM   1302 C CD1 . LEU A 1 184 ? -5.714  -1.500  10.041  1.00 59.28  ? 181 LEU A CD1 1 
ATOM   1303 C CD2 . LEU A 1 184 ? -7.512  -1.901  8.353   1.00 46.45  ? 181 LEU A CD2 1 
ATOM   1304 N N   . GLU A 1 185 ? -5.995  2.679   7.229   1.00 57.29  ? 182 GLU A N   1 
ATOM   1305 C CA  . GLU A 1 185 ? -5.367  3.177   6.011   1.00 55.77  ? 182 GLU A CA  1 
ATOM   1306 C C   . GLU A 1 185 ? -4.222  4.129   6.318   1.00 53.40  ? 182 GLU A C   1 
ATOM   1307 O O   . GLU A 1 185 ? -3.222  4.147   5.596   1.00 52.38  ? 182 GLU A O   1 
ATOM   1308 C CB  . GLU A 1 185 ? -6.405  3.871   5.129   1.00 58.37  ? 182 GLU A CB  1 
ATOM   1309 C CG  . GLU A 1 185 ? -7.354  2.927   4.417   1.00 53.91  ? 182 GLU A CG  1 
ATOM   1310 C CD  . GLU A 1 185 ? -8.365  3.664   3.559   1.00 60.33  ? 182 GLU A CD  1 
ATOM   1311 O OE1 . GLU A 1 185 ? -8.801  4.763   3.963   1.00 72.20  ? 182 GLU A OE1 1 
ATOM   1312 O OE2 . GLU A 1 185 ? -8.724  3.150   2.481   1.00 57.66  ? 182 GLU A OE2 1 
ATOM   1313 N N   . GLN A 1 186 ? -4.347  4.929   7.378   1.00 54.78  ? 183 GLN A N   1 
ATOM   1314 C CA  . GLN A 1 186 ? -3.247  5.807   7.755   1.00 56.25  ? 183 GLN A CA  1 
ATOM   1315 C C   . GLN A 1 186 ? -2.106  5.015   8.381   1.00 53.44  ? 183 GLN A C   1 
ATOM   1316 O O   . GLN A 1 186 ? -0.930  5.335   8.167   1.00 50.89  ? 183 GLN A O   1 
ATOM   1317 C CB  . GLN A 1 186 ? -3.752  6.896   8.702   1.00 59.13  ? 183 GLN A CB  1 
ATOM   1318 C CG  . GLN A 1 186 ? -4.796  7.800   8.063   1.00 65.99  ? 183 GLN A CG  1 
ATOM   1319 C CD  . GLN A 1 186 ? -5.363  8.826   9.022   1.00 69.57  ? 183 GLN A CD  1 
ATOM   1320 O OE1 . GLN A 1 186 ? -4.704  9.229   9.976   1.00 69.71  ? 183 GLN A OE1 1 
ATOM   1321 N NE2 . GLN A 1 186 ? -6.598  9.250   8.773   1.00 71.50  ? 183 GLN A NE2 1 
ATOM   1322 N N   . LYS A 1 187 ? -2.433  3.969   9.144   1.00 59.65  ? 184 LYS A N   1 
ATOM   1323 C CA  . LYS A 1 187 ? -1.397  3.105   9.698   1.00 59.59  ? 184 LYS A CA  1 
ATOM   1324 C C   . LYS A 1 187 ? -0.518  2.531   8.598   1.00 58.41  ? 184 LYS A C   1 
ATOM   1325 O O   . LYS A 1 187 ? 0.713   2.513   8.718   1.00 58.06  ? 184 LYS A O   1 
ATOM   1326 C CB  . LYS A 1 187 ? -2.021  1.971   10.513  1.00 58.15  ? 184 LYS A CB  1 
ATOM   1327 C CG  . LYS A 1 187 ? -1.019  0.893   10.911  1.00 61.17  ? 184 LYS A CG  1 
ATOM   1328 C CD  . LYS A 1 187 ? -1.687  -0.448  11.163  1.00 66.11  ? 184 LYS A CD  1 
ATOM   1329 C CE  . LYS A 1 187 ? -0.730  -1.595  10.865  1.00 64.97  ? 184 LYS A CE  1 
ATOM   1330 N NZ  . LYS A 1 187 ? -0.978  -2.783  11.732  1.00 68.59  ? 184 LYS A NZ  1 
ATOM   1331 N N   . TRP A 1 188 ? -1.129  2.062   7.509   1.00 60.96  ? 185 TRP A N   1 
ATOM   1332 C CA  . TRP A 1 188 ? -0.324  1.483   6.439   1.00 51.73  ? 185 TRP A CA  1 
ATOM   1333 C C   . TRP A 1 188 ? 0.264   2.545   5.518   1.00 51.42  ? 185 TRP A C   1 
ATOM   1334 O O   . TRP A 1 188 ? 1.319   2.318   4.912   1.00 52.72  ? 185 TRP A O   1 
ATOM   1335 C CB  . TRP A 1 188 ? -1.157  0.473   5.652   1.00 48.30  ? 185 TRP A CB  1 
ATOM   1336 C CG  . TRP A 1 188 ? -1.405  -0.760  6.453   1.00 54.90  ? 185 TRP A CG  1 
ATOM   1337 C CD1 . TRP A 1 188 ? -2.551  -1.094  7.115   1.00 54.56  ? 185 TRP A CD1 1 
ATOM   1338 C CD2 . TRP A 1 188 ? -0.468  -1.810  6.714   1.00 56.85  ? 185 TRP A CD2 1 
ATOM   1339 N NE1 . TRP A 1 188 ? -2.390  -2.297  7.758   1.00 53.48  ? 185 TRP A NE1 1 
ATOM   1340 C CE2 . TRP A 1 188 ? -1.120  -2.758  7.527   1.00 58.23  ? 185 TRP A CE2 1 
ATOM   1341 C CE3 . TRP A 1 188 ? 0.857   -2.047  6.330   1.00 51.95  ? 185 TRP A CE3 1 
ATOM   1342 C CZ2 . TRP A 1 188 ? -0.492  -3.922  7.965   1.00 58.15  ? 185 TRP A CZ2 1 
ATOM   1343 C CZ3 . TRP A 1 188 ? 1.478   -3.203  6.766   1.00 51.70  ? 185 TRP A CZ3 1 
ATOM   1344 C CH2 . TRP A 1 188 ? 0.803   -4.126  7.574   1.00 55.19  ? 185 TRP A CH2 1 
ATOM   1345 N N   . LEU A 1 189 ? -0.389  3.705   5.411   1.00 51.59  ? 186 LEU A N   1 
ATOM   1346 C CA  . LEU A 1 189 ? 0.186   4.815   4.659   1.00 47.14  ? 186 LEU A CA  1 
ATOM   1347 C C   . LEU A 1 189 ? 1.505   5.261   5.272   1.00 48.14  ? 186 LEU A C   1 
ATOM   1348 O O   . LEU A 1 189 ? 2.485   5.499   4.554   1.00 47.14  ? 186 LEU A O   1 
ATOM   1349 C CB  . LEU A 1 189 ? -0.797  5.983   4.615   1.00 49.82  ? 186 LEU A CB  1 
ATOM   1350 C CG  . LEU A 1 189 ? -1.744  6.041   3.418   1.00 54.83  ? 186 LEU A CG  1 
ATOM   1351 C CD1 . LEU A 1 189 ? -2.709  7.207   3.562   1.00 58.28  ? 186 LEU A CD1 1 
ATOM   1352 C CD2 . LEU A 1 189 ? -0.956  6.143   2.125   1.00 52.45  ? 186 LEU A CD2 1 
ATOM   1353 N N   . ILE A 1 190 ? 1.548   5.373   6.602   1.00 49.76  ? 187 ILE A N   1 
ATOM   1354 C CA  . ILE A 1 190 ? 2.784   5.748   7.280   1.00 49.34  ? 187 ILE A CA  1 
ATOM   1355 C C   . ILE A 1 190 ? 3.894   4.757   6.952   1.00 52.71  ? 187 ILE A C   1 
ATOM   1356 O O   . ILE A 1 190 ? 5.038   5.146   6.694   1.00 50.54  ? 187 ILE A O   1 
ATOM   1357 C CB  . ILE A 1 190 ? 2.548   5.858   8.798   1.00 50.85  ? 187 ILE A CB  1 
ATOM   1358 C CG1 . ILE A 1 190 ? 1.586   7.006   9.105   1.00 55.61  ? 187 ILE A CG1 1 
ATOM   1359 C CG2 . ILE A 1 190 ? 3.865   6.057   9.531   1.00 57.34  ? 187 ILE A CG2 1 
ATOM   1360 C CD1 . ILE A 1 190 ? 1.062   7.002   10.522  1.00 51.27  ? 187 ILE A CD1 1 
ATOM   1361 N N   . ARG A 1 191 ? 3.571   3.461   6.937   1.00 51.16  ? 188 ARG A N   1 
ATOM   1362 C CA  . ARG A 1 191 ? 4.583   2.460   6.624   1.00 48.34  ? 188 ARG A CA  1 
ATOM   1363 C C   . ARG A 1 191 ? 4.998   2.515   5.160   1.00 48.73  ? 188 ARG A C   1 
ATOM   1364 O O   . ARG A 1 191 ? 6.135   2.160   4.827   1.00 48.82  ? 188 ARG A O   1 
ATOM   1365 C CB  . ARG A 1 191 ? 4.074   1.068   6.988   1.00 48.92  ? 188 ARG A CB  1 
ATOM   1366 C CG  . ARG A 1 191 ? 4.083   0.810   8.480   1.00 55.48  ? 188 ARG A CG  1 
ATOM   1367 C CD  . ARG A 1 191 ? 3.531   -0.555  8.830   1.00 58.01  ? 188 ARG A CD  1 
ATOM   1368 N NE  . ARG A 1 191 ? 3.664   -0.829  10.257  1.00 57.13  ? 188 ARG A NE  1 
ATOM   1369 C CZ  . ARG A 1 191 ? 3.350   -1.986  10.829  1.00 64.38  ? 188 ARG A CZ  1 
ATOM   1370 N NH1 . ARG A 1 191 ? 2.881   -2.984  10.093  1.00 64.55  ? 188 ARG A NH1 1 
ATOM   1371 N NH2 . ARG A 1 191 ? 3.504   -2.144  12.136  1.00 76.18  ? 188 ARG A NH2 1 
ATOM   1372 N N   . MET A 1 192 ? 4.102   2.953   4.273   1.00 47.49  ? 189 MET A N   1 
ATOM   1373 C CA  . MET A 1 192 ? 4.493   3.128   2.878   1.00 48.56  ? 189 MET A CA  1 
ATOM   1374 C C   . MET A 1 192 ? 5.392   4.345   2.696   1.00 47.18  ? 189 MET A C   1 
ATOM   1375 O O   . MET A 1 192 ? 6.232   4.362   1.790   1.00 40.21  ? 189 MET A O   1 
ATOM   1376 C CB  . MET A 1 192 ? 3.252   3.233   1.995   1.00 45.85  ? 189 MET A CB  1 
ATOM   1377 C CG  . MET A 1 192 ? 2.537   1.909   1.816   1.00 50.12  ? 189 MET A CG  1 
ATOM   1378 S SD  . MET A 1 192 ? 0.807   2.083   1.350   1.00 54.97  ? 189 MET A SD  1 
ATOM   1379 C CE  . MET A 1 192 ? 0.187   0.461   1.791   1.00 35.57  ? 189 MET A CE  1 
ATOM   1380 N N   . ILE A 1 193 ? 5.239   5.363   3.545   1.00 52.40  ? 190 ILE A N   1 
ATOM   1381 C CA  . ILE A 1 193 ? 6.130   6.519   3.487   1.00 55.44  ? 190 ILE A CA  1 
ATOM   1382 C C   . ILE A 1 193 ? 7.493   6.180   4.079   1.00 52.28  ? 190 ILE A C   1 
ATOM   1383 O O   . ILE A 1 193 ? 8.536   6.462   3.478   1.00 53.65  ? 190 ILE A O   1 
ATOM   1384 C CB  . ILE A 1 193 ? 5.495   7.726   4.200   1.00 55.16  ? 190 ILE A CB  1 
ATOM   1385 C CG1 . ILE A 1 193 ? 4.113   8.038   3.619   1.00 42.49  ? 190 ILE A CG1 1 
ATOM   1386 C CG2 . ILE A 1 193 ? 6.412   8.933   4.100   1.00 48.96  ? 190 ILE A CG2 1 
ATOM   1387 C CD1 . ILE A 1 193 ? 4.151   8.882   2.374   1.00 46.86  ? 190 ILE A CD1 1 
ATOM   1388 N N   . ILE A 1 194 ? 7.505   5.581   5.274   1.00 45.95  ? 191 ILE A N   1 
ATOM   1389 C CA  . ILE A 1 194 ? 8.757   5.201   5.923   1.00 52.41  ? 191 ILE A CA  1 
ATOM   1390 C C   . ILE A 1 194 ? 9.449   4.068   5.174   1.00 53.15  ? 191 ILE A C   1 
ATOM   1391 O O   . ILE A 1 194 ? 10.665  3.884   5.317   1.00 54.97  ? 191 ILE A O   1 
ATOM   1392 C CB  . ILE A 1 194 ? 8.492   4.827   7.396   1.00 58.12  ? 191 ILE A CB  1 
ATOM   1393 C CG1 . ILE A 1 194 ? 7.755   5.963   8.110   1.00 63.07  ? 191 ILE A CG1 1 
ATOM   1394 C CG2 . ILE A 1 194 ? 9.788   4.536   8.136   1.00 58.50  ? 191 ILE A CG2 1 
ATOM   1395 C CD1 . ILE A 1 194 ? 8.530   7.264   8.150   1.00 65.77  ? 191 ILE A CD1 1 
ATOM   1396 N N   . LYS A 1 195 ? 8.698   3.307   4.371   1.00 54.17  ? 192 LYS A N   1 
ATOM   1397 C CA  . LYS A 1 195 ? 9.231   2.257   3.496   1.00 53.38  ? 192 LYS A CA  1 
ATOM   1398 C C   . LYS A 1 195 ? 9.704   1.040   4.298   1.00 55.42  ? 192 LYS A C   1 
ATOM   1399 O O   . LYS A 1 195 ? 10.796  0.511   4.082   1.00 54.57  ? 192 LYS A O   1 
ATOM   1400 C CB  . LYS A 1 195 ? 10.345  2.790   2.588   1.00 45.22  ? 192 LYS A CB  1 
ATOM   1401 C CG  . LYS A 1 195 ? 9.891   3.876   1.626   1.00 43.84  ? 192 LYS A CG  1 
ATOM   1402 C CD  . LYS A 1 195 ? 10.942  4.143   0.565   1.00 48.79  ? 192 LYS A CD  1 
ATOM   1403 C CE  . LYS A 1 195 ? 10.473  5.186   -0.435  1.00 50.82  ? 192 LYS A CE  1 
ATOM   1404 N NZ  . LYS A 1 195 ? 11.484  5.396   -1.509  1.00 53.74  ? 192 LYS A NZ  1 
ATOM   1405 N N   . ASP A 1 196 ? 8.862   0.600   5.234   1.00 53.40  ? 193 ASP A N   1 
ATOM   1406 C CA  . ASP A 1 196 ? 9.024   -0.707  5.869   1.00 55.73  ? 193 ASP A CA  1 
ATOM   1407 C C   . ASP A 1 196 ? 7.659   -1.119  6.400   1.00 51.80  ? 193 ASP A C   1 
ATOM   1408 O O   . ASP A 1 196 ? 7.143   -0.495  7.332   1.00 48.02  ? 193 ASP A O   1 
ATOM   1409 C CB  . ASP A 1 196 ? 10.064  -0.672  6.983   1.00 61.52  ? 193 ASP A CB  1 
ATOM   1410 C CG  . ASP A 1 196 ? 10.498  -2.067  7.416   1.00 73.91  ? 193 ASP A CG  1 
ATOM   1411 O OD1 . ASP A 1 196 ? 9.618   -2.917  7.679   1.00 71.67  ? 193 ASP A OD1 1 
ATOM   1412 O OD2 . ASP A 1 196 ? 11.721  -2.320  7.484   1.00 83.71  ? 193 ASP A OD2 1 
ATOM   1413 N N   . LEU A 1 197 ? 7.084   -2.166  5.812   1.00 52.31  ? 194 LEU A N   1 
ATOM   1414 C CA  . LEU A 1 197 ? 5.729   -2.584  6.146   1.00 50.73  ? 194 LEU A CA  1 
ATOM   1415 C C   . LEU A 1 197 ? 5.666   -3.535  7.331   1.00 54.76  ? 194 LEU A C   1 
ATOM   1416 O O   . LEU A 1 197 ? 4.603   -3.651  7.951   1.00 53.85  ? 194 LEU A O   1 
ATOM   1417 C CB  . LEU A 1 197 ? 5.069   -3.242  4.931   1.00 46.01  ? 194 LEU A CB  1 
ATOM   1418 C CG  . LEU A 1 197 ? 4.171   -2.348  4.069   1.00 49.00  ? 194 LEU A CG  1 
ATOM   1419 C CD1 . LEU A 1 197 ? 4.823   -1.003  3.799   1.00 46.13  ? 194 LEU A CD1 1 
ATOM   1420 C CD2 . LEU A 1 197 ? 3.813   -3.041  2.763   1.00 48.21  ? 194 LEU A CD2 1 
ATOM   1421 N N   . LYS A 1 198 ? 6.770   -4.210  7.659   1.00 57.63  ? 195 LYS A N   1 
ATOM   1422 C CA  . LYS A 1 198 ? 6.818   -5.162  8.769   1.00 59.40  ? 195 LYS A CA  1 
ATOM   1423 C C   . LYS A 1 198 ? 5.748   -6.243  8.606   1.00 59.96  ? 195 LYS A C   1 
ATOM   1424 O O   . LYS A 1 198 ? 4.952   -6.509  9.509   1.00 58.31  ? 195 LYS A O   1 
ATOM   1425 C CB  . LYS A 1 198 ? 6.682   -4.445  10.116  1.00 57.59  ? 195 LYS A CB  1 
ATOM   1426 C CG  . LYS A 1 198 ? 7.651   -3.286  10.295  1.00 59.19  ? 195 LYS A CG  1 
ATOM   1427 C CD  . LYS A 1 198 ? 7.927   -3.007  11.762  1.00 61.50  ? 195 LYS A CD  1 
ATOM   1428 C CE  . LYS A 1 198 ? 9.421   -2.985  12.041  1.00 56.66  ? 195 LYS A CE  1 
ATOM   1429 N NZ  . LYS A 1 198 ? 10.157  -2.120  11.081  1.00 56.27  ? 195 LYS A NZ  1 
ATOM   1430 N N   . LEU A 1 199 ? 5.734   -6.868  7.428   1.00 56.42  ? 196 LEU A N   1 
ATOM   1431 C CA  . LEU A 1 199 ? 4.722   -7.868  7.115   1.00 57.27  ? 196 LEU A CA  1 
ATOM   1432 C C   . LEU A 1 199 ? 5.073   -9.251  7.650   1.00 60.93  ? 196 LEU A C   1 
ATOM   1433 O O   . LEU A 1 199 ? 4.197   -10.121 7.699   1.00 55.81  ? 196 LEU A O   1 
ATOM   1434 C CB  . LEU A 1 199 ? 4.509   -7.948  5.602   1.00 51.49  ? 196 LEU A CB  1 
ATOM   1435 C CG  . LEU A 1 199 ? 3.739   -6.798  4.948   1.00 46.73  ? 196 LEU A CG  1 
ATOM   1436 C CD1 . LEU A 1 199 ? 3.657   -6.997  3.443   1.00 40.16  ? 196 LEU A CD1 1 
ATOM   1437 C CD2 . LEU A 1 199 ? 2.350   -6.662  5.553   1.00 39.95  ? 196 LEU A CD2 1 
ATOM   1438 N N   . GLY A 1 200 ? 6.322   -9.469  8.057   1.00 59.07  ? 197 GLY A N   1 
ATOM   1439 C CA  . GLY A 1 200 ? 6.749   -10.807 8.403   1.00 56.41  ? 197 GLY A CA  1 
ATOM   1440 C C   . GLY A 1 200 ? 6.917   -11.727 7.219   1.00 53.99  ? 197 GLY A C   1 
ATOM   1441 O O   . GLY A 1 200 ? 7.067   -12.938 7.403   1.00 59.82  ? 197 GLY A O   1 
ATOM   1442 N N   . VAL A 1 201 ? 6.889   -11.185 6.008   1.00 57.48  ? 198 VAL A N   1 
ATOM   1443 C CA  . VAL A 1 201 ? 7.067   -11.960 4.789   1.00 59.68  ? 198 VAL A CA  1 
ATOM   1444 C C   . VAL A 1 201 ? 8.142   -11.276 3.953   1.00 57.95  ? 198 VAL A C   1 
ATOM   1445 O O   . VAL A 1 201 ? 8.223   -10.044 3.906   1.00 55.46  ? 198 VAL A O   1 
ATOM   1446 C CB  . VAL A 1 201 ? 5.737   -12.115 4.016   1.00 51.06  ? 198 VAL A CB  1 
ATOM   1447 C CG1 . VAL A 1 201 ? 5.471   -10.937 3.092   1.00 51.80  ? 198 VAL A CG1 1 
ATOM   1448 C CG2 . VAL A 1 201 ? 5.723   -13.418 3.251   1.00 50.71  ? 198 VAL A CG2 1 
ATOM   1449 N N   . SER A 1 202 ? 8.994   -12.081 3.331   1.00 52.03  ? 199 SER A N   1 
ATOM   1450 C CA  . SER A 1 202 ? 10.163  -11.545 2.660   1.00 55.32  ? 199 SER A CA  1 
ATOM   1451 C C   . SER A 1 202 ? 9.804   -11.059 1.256   1.00 59.09  ? 199 SER A C   1 
ATOM   1452 O O   . SER A 1 202 ? 8.831   -11.506 0.644   1.00 53.48  ? 199 SER A O   1 
ATOM   1453 C CB  . SER A 1 202 ? 11.264  -12.603 2.613   1.00 61.53  ? 199 SER A CB  1 
ATOM   1454 O OG  . SER A 1 202 ? 11.233  -13.341 1.401   1.00 63.05  ? 199 SER A OG  1 
ATOM   1455 N N   . GLN A 1 203 ? 10.613  -10.126 0.747   1.00 61.51  ? 200 GLN A N   1 
ATOM   1456 C CA  . GLN A 1 203 ? 10.320  -9.522  -0.552  1.00 58.69  ? 200 GLN A CA  1 
ATOM   1457 C C   . GLN A 1 203 ? 10.328  -10.563 -1.665  1.00 60.65  ? 200 GLN A C   1 
ATOM   1458 O O   . GLN A 1 203 ? 9.438   -10.571 -2.525  1.00 59.03  ? 200 GLN A O   1 
ATOM   1459 C CB  . GLN A 1 203 ? 11.322  -8.403  -0.847  1.00 53.29  ? 200 GLN A CB  1 
ATOM   1460 C CG  . GLN A 1 203 ? 11.661  -8.230  -2.324  1.00 54.38  ? 200 GLN A CG  1 
ATOM   1461 C CD  . GLN A 1 203 ? 12.923  -7.411  -2.546  1.00 55.28  ? 200 GLN A CD  1 
ATOM   1462 O OE1 . GLN A 1 203 ? 13.204  -6.468  -1.805  1.00 56.83  ? 200 GLN A OE1 1 
ATOM   1463 N NE2 . GLN A 1 203 ? 13.691  -7.773  -3.569  1.00 50.28  ? 200 GLN A NE2 1 
ATOM   1464 N N   . GLN A 1 204 ? 11.315  -11.461 -1.663  1.00 56.77  ? 201 GLN A N   1 
ATOM   1465 C CA  . GLN A 1 204 ? 11.356  -12.495 -2.691  1.00 60.62  ? 201 GLN A CA  1 
ATOM   1466 C C   . GLN A 1 204 ? 10.345  -13.606 -2.443  1.00 57.69  ? 201 GLN A C   1 
ATOM   1467 O O   . GLN A 1 204 ? 10.094  -14.408 -3.350  1.00 47.21  ? 201 GLN A O   1 
ATOM   1468 C CB  . GLN A 1 204 ? 12.760  -13.086 -2.815  1.00 68.07  ? 201 GLN A CB  1 
ATOM   1469 C CG  . GLN A 1 204 ? 13.373  -13.599 -1.522  1.00 80.36  ? 201 GLN A CG  1 
ATOM   1470 C CD  . GLN A 1 204 ? 13.956  -12.494 -0.666  1.00 81.33  ? 201 GLN A CD  1 
ATOM   1471 O OE1 . GLN A 1 204 ? 14.971  -11.887 -1.013  1.00 81.27  ? 201 GLN A OE1 1 
ATOM   1472 N NE2 . GLN A 1 204 ? 13.315  -12.227 0.458   1.00 73.36  ? 201 GLN A NE2 1 
ATOM   1473 N N   . THR A 1 205 ? 9.760   -13.677 -1.244  1.00 51.14  ? 202 THR A N   1 
ATOM   1474 C CA  . THR A 1 205 ? 8.582   -14.518 -1.063  1.00 52.69  ? 202 THR A CA  1 
ATOM   1475 C C   . THR A 1 205 ? 7.387   -13.917 -1.789  1.00 52.01  ? 202 THR A C   1 
ATOM   1476 O O   . THR A 1 205 ? 6.637   -14.628 -2.470  1.00 47.08  ? 202 THR A O   1 
ATOM   1477 C CB  . THR A 1 205 ? 8.263   -14.698 0.422   1.00 53.31  ? 202 THR A CB  1 
ATOM   1478 O OG1 . THR A 1 205 ? 9.285   -15.484 1.046   1.00 57.12  ? 202 THR A OG1 1 
ATOM   1479 C CG2 . THR A 1 205 ? 6.923   -15.411 0.589   1.00 53.92  ? 202 THR A CG2 1 
ATOM   1480 N N   . ILE A 1 206 ? 7.204   -12.599 -1.664  1.00 46.46  ? 203 ILE A N   1 
ATOM   1481 C CA  . ILE A 1 206 ? 6.148   -11.910 -2.399  1.00 45.84  ? 203 ILE A CA  1 
ATOM   1482 C C   . ILE A 1 206 ? 6.365   -12.056 -3.900  1.00 45.25  ? 203 ILE A C   1 
ATOM   1483 O O   . ILE A 1 206 ? 5.414   -12.267 -4.664  1.00 40.01  ? 203 ILE A O   1 
ATOM   1484 C CB  . ILE A 1 206 ? 6.084   -10.431 -1.979  1.00 46.95  ? 203 ILE A CB  1 
ATOM   1485 C CG1 . ILE A 1 206 ? 6.171   -10.303 -0.458  1.00 46.07  ? 203 ILE A CG1 1 
ATOM   1486 C CG2 . ILE A 1 206 ? 4.815   -9.782  -2.495  1.00 50.55  ? 203 ILE A CG2 1 
ATOM   1487 C CD1 . ILE A 1 206 ? 5.843   -8.923  0.060   1.00 42.08  ? 203 ILE A CD1 1 
ATOM   1488 N N   . PHE A 1 207 ? 7.618   -11.943 -4.346  1.00 44.38  ? 204 PHE A N   1 
ATOM   1489 C CA  . PHE A 1 207 ? 7.915   -12.160 -5.757  1.00 47.87  ? 204 PHE A CA  1 
ATOM   1490 C C   . PHE A 1 207 ? 7.621   -13.597 -6.165  1.00 46.19  ? 204 PHE A C   1 
ATOM   1491 O O   . PHE A 1 207 ? 7.108   -13.848 -7.263  1.00 50.49  ? 204 PHE A O   1 
ATOM   1492 C CB  . PHE A 1 207 ? 9.375   -11.811 -6.041  1.00 53.06  ? 204 PHE A CB  1 
ATOM   1493 C CG  . PHE A 1 207 ? 9.618   -10.344 -6.243  1.00 61.42  ? 204 PHE A CG  1 
ATOM   1494 C CD1 . PHE A 1 207 ? 8.624   -9.527  -6.756  1.00 60.33  ? 204 PHE A CD1 1 
ATOM   1495 C CD2 . PHE A 1 207 ? 10.843  -9.782  -5.918  1.00 62.04  ? 204 PHE A CD2 1 
ATOM   1496 C CE1 . PHE A 1 207 ? 8.846   -8.177  -6.943  1.00 60.84  ? 204 PHE A CE1 1 
ATOM   1497 C CE2 . PHE A 1 207 ? 11.071  -8.433  -6.102  1.00 59.54  ? 204 PHE A CE2 1 
ATOM   1498 C CZ  . PHE A 1 207 ? 10.072  -7.629  -6.615  1.00 62.81  ? 204 PHE A CZ  1 
ATOM   1499 N N   . SER A 1 208 ? 7.932   -14.552 -5.288  1.00 49.79  ? 205 SER A N   1 
ATOM   1500 C CA  . SER A 1 208 ? 7.702   -15.957 -5.603  1.00 48.35  ? 205 SER A CA  1 
ATOM   1501 C C   . SER A 1 208 ? 6.217   -16.248 -5.753  1.00 44.17  ? 205 SER A C   1 
ATOM   1502 O O   . SER A 1 208 ? 5.797   -16.914 -6.702  1.00 45.12  ? 205 SER A O   1 
ATOM   1503 C CB  . SER A 1 208 ? 8.318   -16.847 -4.524  1.00 50.23  ? 205 SER A CB  1 
ATOM   1504 O OG  . SER A 1 208 ? 9.642   -16.441 -4.227  1.00 54.06  ? 205 SER A OG  1 
ATOM   1505 N N   . VAL A 1 209 ? 5.403   -15.759 -4.819  1.00 42.05  ? 206 VAL A N   1 
ATOM   1506 C CA  . VAL A 1 209 ? 3.964   -15.984 -4.905  1.00 45.21  ? 206 VAL A CA  1 
ATOM   1507 C C   . VAL A 1 209 ? 3.379   -15.242 -6.101  1.00 47.65  ? 206 VAL A C   1 
ATOM   1508 O O   . VAL A 1 209 ? 2.463   -15.738 -6.769  1.00 50.54  ? 206 VAL A O   1 
ATOM   1509 C CB  . VAL A 1 209 ? 3.285   -15.574 -3.585  1.00 40.92  ? 206 VAL A CB  1 
ATOM   1510 C CG1 . VAL A 1 209 ? 1.784   -15.794 -3.662  1.00 39.68  ? 206 VAL A CG1 1 
ATOM   1511 C CG2 . VAL A 1 209 ? 3.886   -16.348 -2.425  1.00 40.21  ? 206 VAL A CG2 1 
ATOM   1512 N N   . PHE A 1 210 ? 3.904   -14.052 -6.399  1.00 45.35  ? 207 PHE A N   1 
ATOM   1513 C CA  . PHE A 1 210 ? 3.399   -13.281 -7.532  1.00 44.10  ? 207 PHE A CA  1 
ATOM   1514 C C   . PHE A 1 210 ? 3.670   -13.990 -8.854  1.00 44.55  ? 207 PHE A C   1 
ATOM   1515 O O   . PHE A 1 210 ? 2.798   -14.034 -9.731  1.00 44.92  ? 207 PHE A O   1 
ATOM   1516 C CB  . PHE A 1 210 ? 4.018   -11.883 -7.529  1.00 51.26  ? 207 PHE A CB  1 
ATOM   1517 C CG  . PHE A 1 210 ? 3.512   -10.992 -8.627  1.00 50.41  ? 207 PHE A CG  1 
ATOM   1518 C CD1 . PHE A 1 210 ? 2.256   -10.416 -8.547  1.00 43.13  ? 207 PHE A CD1 1 
ATOM   1519 C CD2 . PHE A 1 210 ? 4.297   -10.725 -9.738  1.00 57.49  ? 207 PHE A CD2 1 
ATOM   1520 C CE1 . PHE A 1 210 ? 1.789   -9.596  -9.558  1.00 50.90  ? 207 PHE A CE1 1 
ATOM   1521 C CE2 . PHE A 1 210 ? 3.837   -9.905  -10.751 1.00 58.06  ? 207 PHE A CE2 1 
ATOM   1522 C CZ  . PHE A 1 210 ? 2.582   -9.339  -10.660 1.00 56.06  ? 207 PHE A CZ  1 
ATOM   1523 N N   . HIS A 1 211 ? 4.868   -14.555 -9.019  1.00 44.17  ? 208 HIS A N   1 
ATOM   1524 C CA  . HIS A 1 211 ? 5.173   -15.273 -10.253 1.00 54.79  ? 208 HIS A CA  1 
ATOM   1525 C C   . HIS A 1 211 ? 4.471   -16.626 -10.298 1.00 56.04  ? 208 HIS A C   1 
ATOM   1526 O O   . HIS A 1 211 ? 3.945   -17.028 -11.344 1.00 53.52  ? 208 HIS A O   1 
ATOM   1527 C CB  . HIS A 1 211 ? 6.683   -15.454 -10.398 1.00 59.30  ? 208 HIS A CB  1 
ATOM   1528 C CG  . HIS A 1 211 ? 7.070   -16.461 -11.437 1.00 64.96  ? 208 HIS A CG  1 
ATOM   1529 N ND1 . HIS A 1 211 ? 7.282   -17.791 -11.142 1.00 65.22  ? 208 HIS A ND1 1 
ATOM   1530 C CD2 . HIS A 1 211 ? 7.281   -16.332 -12.768 1.00 66.82  ? 208 HIS A CD2 1 
ATOM   1531 C CE1 . HIS A 1 211 ? 7.606   -18.437 -12.248 1.00 73.21  ? 208 HIS A CE1 1 
ATOM   1532 N NE2 . HIS A 1 211 ? 7.614   -17.575 -13.248 1.00 77.88  ? 208 HIS A NE2 1 
ATOM   1533 N N   . ASN A 1 212 ? 4.457   -17.342 -9.170  1.00 50.58  ? 209 ASN A N   1 
ATOM   1534 C CA  . ASN A 1 212 ? 3.860   -18.671 -9.129  1.00 49.53  ? 209 ASN A CA  1 
ATOM   1535 C C   . ASN A 1 212 ? 2.355   -18.620 -9.326  1.00 45.39  ? 209 ASN A C   1 
ATOM   1536 O O   . ASN A 1 212 ? 1.772   -19.573 -9.850  1.00 46.86  ? 209 ASN A O   1 
ATOM   1537 C CB  . ASN A 1 212 ? 4.192   -19.364 -7.807  1.00 48.67  ? 209 ASN A CB  1 
ATOM   1538 C CG  . ASN A 1 212 ? 5.669   -19.682 -7.667  1.00 52.17  ? 209 ASN A CG  1 
ATOM   1539 O OD1 . ASN A 1 212 ? 6.429   -19.610 -8.633  1.00 55.18  ? 209 ASN A OD1 1 
ATOM   1540 N ND2 . ASN A 1 212 ? 6.082   -20.036 -6.455  1.00 50.63  ? 209 ASN A ND2 1 
ATOM   1541 N N   . ASP A 1 213 ? 1.706   -17.536 -8.903  1.00 43.05  ? 210 ASP A N   1 
ATOM   1542 C CA  . ASP A 1 213 ? 0.282   -17.383 -9.173  1.00 46.33  ? 210 ASP A CA  1 
ATOM   1543 C C   . ASP A 1 213 ? 0.026   -17.359 -10.673 1.00 53.13  ? 210 ASP A C   1 
ATOM   1544 O O   . ASP A 1 213 ? -0.623  -18.256 -11.223 1.00 58.14  ? 210 ASP A O   1 
ATOM   1545 C CB  . ASP A 1 213 ? -0.245  -16.113 -8.501  1.00 47.39  ? 210 ASP A CB  1 
ATOM   1546 C CG  . ASP A 1 213 ? -1.653  -16.281 -7.969  1.00 58.52  ? 210 ASP A CG  1 
ATOM   1547 O OD1 . ASP A 1 213 ? -1.950  -17.362 -7.419  1.00 66.29  ? 210 ASP A OD1 1 
ATOM   1548 O OD2 . ASP A 1 213 ? -2.460  -15.333 -8.090  1.00 60.99  ? 210 ASP A OD2 1 
ATOM   1549 N N   . ALA A 1 214 ? 0.574   -16.355 -11.359 1.00 58.88  ? 211 ALA A N   1 
ATOM   1550 C CA  . ALA A 1 214 ? 0.410   -16.243 -12.804 1.00 58.98  ? 211 ALA A CA  1 
ATOM   1551 C C   . ALA A 1 214 ? 0.792   -17.537 -13.513 1.00 59.76  ? 211 ALA A C   1 
ATOM   1552 O O   . ALA A 1 214 ? 0.081   -18.001 -14.413 1.00 62.38  ? 211 ALA A O   1 
ATOM   1553 C CB  . ALA A 1 214 ? 1.247   -15.075 -13.328 1.00 64.24  ? 211 ALA A CB  1 
ATOM   1554 N N   . ALA A 1 215 ? 1.911   -18.144 -13.106 1.00 55.73  ? 212 ALA A N   1 
ATOM   1555 C CA  . ALA A 1 215 ? 2.371   -19.368 -13.758 1.00 56.54  ? 212 ALA A CA  1 
ATOM   1556 C C   . ALA A 1 215 ? 1.387   -20.516 -13.554 1.00 57.79  ? 212 ALA A C   1 
ATOM   1557 O O   . ALA A 1 215 ? 1.125   -21.292 -14.480 1.00 59.71  ? 212 ALA A O   1 
ATOM   1558 C CB  . ALA A 1 215 ? 3.757   -19.747 -13.238 1.00 58.37  ? 212 ALA A CB  1 
ATOM   1559 N N   . GLU A 1 216 ? 0.834   -20.640 -12.345 1.00 56.38  ? 213 GLU A N   1 
ATOM   1560 C CA  . GLU A 1 216 ? -0.114  -21.713 -12.063 1.00 58.04  ? 213 GLU A CA  1 
ATOM   1561 C C   . GLU A 1 216 ? -1.407  -21.524 -12.844 1.00 68.27  ? 213 GLU A C   1 
ATOM   1562 O O   . GLU A 1 216 ? -1.940  -22.476 -13.425 1.00 78.96  ? 213 GLU A O   1 
ATOM   1563 C CB  . GLU A 1 216 ? -0.408  -21.778 -10.563 1.00 50.24  ? 213 GLU A CB  1 
ATOM   1564 C CG  . GLU A 1 216 ? 0.658   -22.476 -9.733  1.00 52.10  ? 213 GLU A CG  1 
ATOM   1565 C CD  . GLU A 1 216 ? 0.549   -22.140 -8.255  1.00 51.47  ? 213 GLU A CD  1 
ATOM   1566 O OE1 . GLU A 1 216 ? -0.454  -21.507 -7.856  1.00 50.27  ? 213 GLU A OE1 1 
ATOM   1567 O OE2 . GLU A 1 216 ? 1.472   -22.501 -7.493  1.00 44.99  ? 213 GLU A OE2 1 
ATOM   1568 N N   . LEU A 1 217 ? -1.932  -20.300 -12.864 1.00 65.73  ? 214 LEU A N   1 
ATOM   1569 C CA  . LEU A 1 217 ? -3.211  -20.041 -13.511 1.00 66.33  ? 214 LEU A CA  1 
ATOM   1570 C C   . LEU A 1 217 ? -3.120  -19.900 -15.022 1.00 71.64  ? 214 LEU A C   1 
ATOM   1571 O O   . LEU A 1 217 ? -4.158  -19.750 -15.676 1.00 81.77  ? 214 LEU A O   1 
ATOM   1572 C CB  . LEU A 1 217 ? -3.843  -18.780 -12.931 1.00 67.14  ? 214 LEU A CB  1 
ATOM   1573 C CG  . LEU A 1 217 ? -4.225  -18.847 -11.459 1.00 64.71  ? 214 LEU A CG  1 
ATOM   1574 C CD1 . LEU A 1 217 ? -3.491  -17.831 -10.600 1.00 65.22  ? 214 LEU A CD1 1 
ATOM   1575 C CD2 . LEU A 1 217 ? -5.701  -18.633 -11.396 1.00 66.27  ? 214 LEU A CD2 1 
ATOM   1576 N N   . HIS A 1 218 ? -1.917  -19.958 -15.592 1.00 74.64  ? 215 HIS A N   1 
ATOM   1577 C CA  . HIS A 1 218 ? -1.764  -19.672 -17.012 1.00 80.40  ? 215 HIS A CA  1 
ATOM   1578 C C   . HIS A 1 218 ? -2.315  -20.790 -17.889 1.00 92.08  ? 215 HIS A C   1 
ATOM   1579 O O   . HIS A 1 218 ? -2.764  -20.521 -19.010 1.00 101.45 ? 215 HIS A O   1 
ATOM   1580 C CB  . HIS A 1 218 ? -0.291  -19.426 -17.336 1.00 82.57  ? 215 HIS A CB  1 
ATOM   1581 C CG  . HIS A 1 218 ? -0.026  -19.191 -18.789 1.00 99.47  ? 215 HIS A CG  1 
ATOM   1582 N ND1 . HIS A 1 218 ? 0.976   -19.841 -19.478 1.00 99.69  ? 215 HIS A ND1 1 
ATOM   1583 C CD2 . HIS A 1 218 ? -0.636  -18.382 -19.688 1.00 99.65  ? 215 HIS A CD2 1 
ATOM   1584 C CE1 . HIS A 1 218 ? 0.974   -19.439 -20.736 1.00 101.78 ? 215 HIS A CE1 1 
ATOM   1585 N NE2 . HIS A 1 218 ? 0.006   -18.554 -20.890 1.00 101.39 ? 215 HIS A NE2 1 
ATOM   1586 N N   . ASN A 1 219 ? -2.321  -22.030 -17.389 1.00 87.15  ? 216 ASN A N   1 
ATOM   1587 C CA  . ASN A 1 219 ? -2.568  -23.245 -18.168 1.00 100.31 ? 216 ASN A CA  1 
ATOM   1588 C C   . ASN A 1 219 ? -2.034  -23.150 -19.593 1.00 108.83 ? 216 ASN A C   1 
ATOM   1589 O O   . ASN A 1 219 ? -2.782  -22.833 -20.522 1.00 109.77 ? 216 ASN A O   1 
ATOM   1590 C CB  . ASN A 1 219 ? -4.066  -23.623 -18.190 1.00 100.25 ? 216 ASN A CB  1 
ATOM   1591 C CG  . ASN A 1 219 ? -4.990  -22.491 -18.651 1.00 97.63  ? 216 ASN A CG  1 
ATOM   1592 O OD1 . ASN A 1 219 ? -6.095  -22.340 -18.132 1.00 92.07  ? 216 ASN A OD1 1 
ATOM   1593 N ND2 . ASN A 1 219 ? -4.565  -21.729 -19.653 1.00 98.92  ? 216 ASN A ND2 1 
ATOM   1594 N N   . VAL A 1 220 ? -0.745  -23.419 -19.781 1.00 108.17 ? 217 VAL A N   1 
ATOM   1595 C CA  . VAL A 1 220 ? -0.194  -23.464 -21.129 1.00 114.55 ? 217 VAL A CA  1 
ATOM   1596 C C   . VAL A 1 220 ? -0.912  -24.563 -21.897 1.00 122.35 ? 217 VAL A C   1 
ATOM   1597 O O   . VAL A 1 220 ? -0.613  -25.755 -21.737 1.00 121.41 ? 217 VAL A O   1 
ATOM   1598 C CB  . VAL A 1 220 ? 1.321   -23.713 -21.136 1.00 119.97 ? 217 VAL A CB  1 
ATOM   1599 C CG1 . VAL A 1 220 ? 1.888   -23.453 -22.528 1.00 114.25 ? 217 VAL A CG1 1 
ATOM   1600 C CG2 . VAL A 1 220 ? 2.018   -22.851 -20.085 1.00 113.04 ? 217 VAL A CG2 1 
ATOM   1601 N N   . THR A 1 221 ? -1.886  -24.169 -22.713 1.00 123.03 ? 218 THR A N   1 
ATOM   1602 C CA  . THR A 1 221 ? -2.592  -25.124 -23.559 1.00 121.59 ? 218 THR A CA  1 
ATOM   1603 C C   . THR A 1 221 ? -1.613  -25.783 -24.515 1.00 122.56 ? 218 THR A C   1 
ATOM   1604 O O   . THR A 1 221 ? -0.855  -25.101 -25.205 1.00 120.02 ? 218 THR A O   1 
ATOM   1605 C CB  . THR A 1 221 ? -3.713  -24.431 -24.359 1.00 112.04 ? 218 THR A CB  1 
ATOM   1606 N N   . THR A 1 222 ? -1.593  -27.111 -24.522 1.00 119.12 ? 219 THR A N   1 
ATOM   1607 C CA  . THR A 1 222 ? -0.761  -27.807 -25.485 1.00 118.63 ? 219 THR A CA  1 
ATOM   1608 C C   . THR A 1 222 ? -1.183  -27.433 -26.903 1.00 114.28 ? 219 THR A C   1 
ATOM   1609 O O   . THR A 1 222 ? -2.374  -27.450 -27.242 1.00 113.74 ? 219 THR A O   1 
ATOM   1610 C CB  . THR A 1 222 ? -0.898  -29.307 -25.297 1.00 123.25 ? 219 THR A CB  1 
ATOM   1611 O OG1 . THR A 1 222 ? -2.294  -29.631 -25.247 1.00 120.19 ? 219 THR A OG1 1 
ATOM   1612 C CG2 . THR A 1 222 ? -0.277  -29.758 -23.984 1.00 120.79 ? 219 THR A CG2 1 
ATOM   1613 N N   . ASP A 1 223 ? -0.197  -27.117 -27.736 1.00 110.16 ? 220 ASP A N   1 
ATOM   1614 C CA  . ASP A 1 223 ? -0.394  -26.788 -29.142 1.00 97.33  ? 220 ASP A CA  1 
ATOM   1615 C C   . ASP A 1 223 ? 0.627   -27.632 -29.896 1.00 92.71  ? 220 ASP A C   1 
ATOM   1616 O O   . ASP A 1 223 ? 1.773   -27.212 -30.048 1.00 92.56  ? 220 ASP A O   1 
ATOM   1617 C CB  . ASP A 1 223 ? -0.225  -25.291 -29.381 1.00 100.30 ? 220 ASP A CB  1 
ATOM   1618 C CG  . ASP A 1 223 ? -0.577  -24.879 -30.808 1.00 103.08 ? 220 ASP A CG  1 
ATOM   1619 O OD1 . ASP A 1 223 ? -0.889  -25.755 -31.647 1.00 93.77  ? 220 ASP A OD1 1 
ATOM   1620 O OD2 . ASP A 1 223 ? -0.543  -23.661 -31.100 1.00 108.49 ? 220 ASP A OD2 1 
ATOM   1621 N N   . LEU A 1 224 ? 0.199   -28.803 -30.380 1.00 86.58  ? 221 LEU A N   1 
ATOM   1622 C CA  . LEU A 1 224 ? 1.150   -29.790 -30.885 1.00 76.27  ? 221 LEU A CA  1 
ATOM   1623 C C   . LEU A 1 224 ? 1.956   -29.251 -32.061 1.00 76.36  ? 221 LEU A C   1 
ATOM   1624 O O   . LEU A 1 224 ? 3.149   -29.543 -32.187 1.00 77.60  ? 221 LEU A O   1 
ATOM   1625 C CB  . LEU A 1 224 ? 0.413   -31.069 -31.273 1.00 75.13  ? 221 LEU A CB  1 
ATOM   1626 C CG  . LEU A 1 224 ? 1.257   -32.241 -31.774 1.00 76.30  ? 221 LEU A CG  1 
ATOM   1627 C CD1 . LEU A 1 224 ? 2.500   -32.448 -30.917 1.00 79.53  ? 221 LEU A CD1 1 
ATOM   1628 C CD2 . LEU A 1 224 ? 0.417   -33.504 -31.806 1.00 71.70  ? 221 LEU A CD2 1 
ATOM   1629 N N   . GLU A 1 225 ? 1.325   -28.469 -32.939 1.00 76.27  ? 222 GLU A N   1 
ATOM   1630 C CA  . GLU A 1 225 ? 2.060   -27.880 -34.054 1.00 77.54  ? 222 GLU A CA  1 
ATOM   1631 C C   . GLU A 1 225 ? 3.108   -26.893 -33.556 1.00 86.30  ? 222 GLU A C   1 
ATOM   1632 O O   . GLU A 1 225 ? 4.268   -26.919 -33.995 1.00 91.89  ? 222 GLU A O   1 
ATOM   1633 C CB  . GLU A 1 225 ? 1.091   -27.201 -35.020 1.00 78.22  ? 222 GLU A CB  1 
ATOM   1634 C CG  . GLU A 1 225 ? 1.755   -26.640 -36.262 1.00 79.67  ? 222 GLU A CG  1 
ATOM   1635 C CD  . GLU A 1 225 ? 0.758   -26.301 -37.352 1.00 77.53  ? 222 GLU A CD  1 
ATOM   1636 O OE1 . GLU A 1 225 ? -0.431  -26.093 -37.029 1.00 76.64  ? 222 GLU A OE1 1 
ATOM   1637 O OE2 . GLU A 1 225 ? 1.165   -26.246 -38.532 1.00 81.72  ? 222 GLU A OE2 1 
ATOM   1638 N N   . LYS A 1 226 ? 2.715   -26.012 -32.633 1.00 89.62  ? 223 LYS A N   1 
ATOM   1639 C CA  . LYS A 1 226 ? 3.673   -25.107 -32.010 1.00 90.58  ? 223 LYS A CA  1 
ATOM   1640 C C   . LYS A 1 226 ? 4.813   -25.886 -31.371 1.00 92.51  ? 223 LYS A C   1 
ATOM   1641 O O   . LYS A 1 226 ? 5.987   -25.577 -31.593 1.00 92.51  ? 223 LYS A O   1 
ATOM   1642 C CB  . LYS A 1 226 ? 2.974   -24.229 -30.972 1.00 86.57  ? 223 LYS A CB  1 
ATOM   1643 N N   . VAL A 1 227 ? 4.483   -26.924 -30.596 1.00 92.51  ? 224 VAL A N   1 
ATOM   1644 C CA  . VAL A 1 227 ? 5.508   -27.724 -29.927 1.00 92.51  ? 224 VAL A CA  1 
ATOM   1645 C C   . VAL A 1 227 ? 6.467   -28.329 -30.943 1.00 80.87  ? 224 VAL A C   1 
ATOM   1646 O O   . VAL A 1 227 ? 7.684   -28.365 -30.724 1.00 83.39  ? 224 VAL A O   1 
ATOM   1647 C CB  . VAL A 1 227 ? 4.853   -28.809 -29.050 1.00 92.51  ? 224 VAL A CB  1 
ATOM   1648 C CG1 . VAL A 1 227 ? 5.916   -29.669 -28.390 1.00 92.51  ? 224 VAL A CG1 1 
ATOM   1649 C CG2 . VAL A 1 227 ? 3.962   -28.175 -27.999 1.00 92.51  ? 224 VAL A CG2 1 
ATOM   1650 N N   . CYS A 1 228 ? 5.939   -28.813 -32.071 1.00 82.90  ? 225 CYS A N   1 
ATOM   1651 C CA  . CYS A 1 228 ? 6.798   -29.335 -33.129 1.00 75.78  ? 225 CYS A CA  1 
ATOM   1652 C C   . CYS A 1 228 ? 7.758   -28.263 -33.626 1.00 75.63  ? 225 CYS A C   1 
ATOM   1653 O O   . CYS A 1 228 ? 8.971   -28.489 -33.714 1.00 80.14  ? 225 CYS A O   1 
ATOM   1654 C CB  . CYS A 1 228 ? 5.948   -29.872 -34.280 1.00 70.30  ? 225 CYS A CB  1 
ATOM   1655 S SG  . CYS A 1 228 ? 5.291   -31.530 -34.011 1.00 52.64  ? 225 CYS A SG  1 
ATOM   1656 N N   . ARG A 1 229 ? 7.228   -27.077 -33.944 1.00 82.30  ? 226 ARG A N   1 
ATOM   1657 C CA  . ARG A 1 229 ? 8.085   -25.982 -34.388 1.00 83.27  ? 226 ARG A CA  1 
ATOM   1658 C C   . ARG A 1 229 ? 9.081   -25.554 -33.316 1.00 85.41  ? 226 ARG A C   1 
ATOM   1659 O O   . ARG A 1 229 ? 10.107  -24.947 -33.648 1.00 86.96  ? 226 ARG A O   1 
ATOM   1660 C CB  . ARG A 1 229 ? 7.230   -24.788 -34.816 1.00 74.93  ? 226 ARG A CB  1 
ATOM   1661 N N   . GLN A 1 230 ? 8.810   -25.859 -32.044 1.00 86.77  ? 227 GLN A N   1 
ATOM   1662 C CA  . GLN A 1 230 ? 9.703   -25.464 -30.960 1.00 84.24  ? 227 GLN A CA  1 
ATOM   1663 C C   . GLN A 1 230 ? 10.842  -26.462 -30.786 1.00 90.06  ? 227 GLN A C   1 
ATOM   1664 O O   . GLN A 1 230 ? 12.017  -26.078 -30.780 1.00 93.60  ? 227 GLN A O   1 
ATOM   1665 C CB  . GLN A 1 230 ? 8.915   -25.319 -29.655 1.00 88.70  ? 227 GLN A CB  1 
ATOM   1666 C CG  . GLN A 1 230 ? 7.872   -24.214 -29.676 1.00 93.88  ? 227 GLN A CG  1 
ATOM   1667 C CD  . GLN A 1 230 ? 7.605   -23.626 -28.305 1.00 94.20  ? 227 GLN A CD  1 
ATOM   1668 O OE1 . GLN A 1 230 ? 7.021   -24.280 -27.440 1.00 88.60  ? 227 GLN A OE1 1 
ATOM   1669 N NE2 . GLN A 1 230 ? 8.019   -22.380 -28.104 1.00 93.43  ? 227 GLN A NE2 1 
ATOM   1670 N N   . LEU A 1 231 ? 10.512  -27.748 -30.636 1.00 91.76  ? 228 LEU A N   1 
ATOM   1671 C CA  . LEU A 1 231 ? 11.551  -28.764 -30.504 1.00 88.08  ? 228 LEU A CA  1 
ATOM   1672 C C   . LEU A 1 231 ? 12.388  -28.877 -31.771 1.00 83.65  ? 228 LEU A C   1 
ATOM   1673 O O   . LEU A 1 231 ? 13.567  -29.244 -31.703 1.00 83.22  ? 228 LEU A O   1 
ATOM   1674 C CB  . LEU A 1 231 ? 10.929  -30.117 -30.157 1.00 92.47  ? 228 LEU A CB  1 
ATOM   1675 C CG  . LEU A 1 231 ? 9.852   -30.127 -29.072 1.00 90.56  ? 228 LEU A CG  1 
ATOM   1676 C CD1 . LEU A 1 231 ? 9.184   -31.488 -29.003 1.00 91.53  ? 228 LEU A CD1 1 
ATOM   1677 C CD2 . LEU A 1 231 ? 10.438  -29.745 -27.723 1.00 85.74  ? 228 LEU A CD2 1 
ATOM   1678 N N   . HIS A 1 232 ? 11.804  -28.567 -32.931 1.00 81.01  ? 229 HIS A N   1 
ATOM   1679 C CA  . HIS A 1 232 ? 12.578  -28.574 -34.167 1.00 79.86  ? 229 HIS A CA  1 
ATOM   1680 C C   . HIS A 1 232 ? 13.565  -27.414 -34.238 1.00 85.73  ? 229 HIS A C   1 
ATOM   1681 O O   . HIS A 1 232 ? 14.563  -27.511 -34.962 1.00 87.19  ? 229 HIS A O   1 
ATOM   1682 C CB  . HIS A 1 232 ? 11.640  -28.545 -35.375 1.00 80.93  ? 229 HIS A CB  1 
ATOM   1683 C CG  . HIS A 1 232 ? 12.337  -28.734 -36.687 1.00 82.36  ? 229 HIS A CG  1 
ATOM   1684 N ND1 . HIS A 1 232 ? 12.933  -29.923 -37.049 1.00 76.17  ? 229 HIS A ND1 1 
ATOM   1685 C CD2 . HIS A 1 232 ? 12.530  -27.886 -37.725 1.00 84.53  ? 229 HIS A CD2 1 
ATOM   1686 C CE1 . HIS A 1 232 ? 13.466  -29.797 -38.251 1.00 81.55  ? 229 HIS A CE1 1 
ATOM   1687 N NE2 . HIS A 1 232 ? 13.235  -28.571 -38.684 1.00 87.28  ? 229 HIS A NE2 1 
ATOM   1688 N N   . ASP A 1 233 ? 13.318  -26.330 -33.507 1.00 88.55  ? 230 ASP A N   1 
ATOM   1689 C CA  . ASP A 1 233 ? 14.216  -25.179 -33.511 1.00 94.83  ? 230 ASP A CA  1 
ATOM   1690 C C   . ASP A 1 233 ? 14.432  -24.638 -32.099 1.00 87.02  ? 230 ASP A C   1 
ATOM   1691 O O   . ASP A 1 233 ? 14.138  -23.475 -31.815 1.00 81.30  ? 230 ASP A O   1 
ATOM   1692 C CB  . ASP A 1 233 ? 13.669  -24.075 -34.419 1.00 91.76  ? 230 ASP A CB  1 
HETATM 1693 O O   . HOH B 2 .   ? -10.013 3.287   0.625   1.00 48.91  ? 301 HOH A O   1 
HETATM 1694 O O   . HOH B 2 .   ? 4.824   7.921   -10.292 1.00 47.01  ? 302 HOH A O   1 
HETATM 1695 O O   . HOH B 2 .   ? 12.010  14.069  -3.697  1.00 45.16  ? 303 HOH A O   1 
HETATM 1696 O O   . HOH B 2 .   ? 1.182   19.230  -4.314  1.00 52.90  ? 304 HOH A O   1 
HETATM 1697 O O   . HOH B 2 .   ? 6.662   4.163   -0.652  1.00 43.30  ? 305 HOH A O   1 
HETATM 1698 O O   . HOH B 2 .   ? 9.482   4.533   15.984  1.00 66.55  ? 306 HOH A O   1 
HETATM 1699 O O   . HOH B 2 .   ? -3.608  -1.532  -12.796 1.00 35.37  ? 307 HOH A O   1 
HETATM 1700 O O   . HOH B 2 .   ? 5.901   3.251   -3.131  1.00 35.61  ? 308 HOH A O   1 
HETATM 1701 O O   . HOH B 2 .   ? 7.529   -6.634  5.394   1.00 61.37  ? 309 HOH A O   1 
HETATM 1702 O O   . HOH B 2 .   ? -3.211  3.058   -11.907 1.00 27.54  ? 310 HOH A O   1 
HETATM 1703 O O   . HOH B 2 .   ? 8.481   3.583   12.326  1.00 47.94  ? 311 HOH A O   1 
HETATM 1704 O O   . HOH B 2 .   ? -0.486  -20.384 8.496   1.00 52.12  ? 312 HOH A O   1 
HETATM 1705 O O   . HOH B 2 .   ? 9.597   1.572   -9.335  1.00 54.83  ? 313 HOH A O   1 
HETATM 1706 O O   . HOH B 2 .   ? 11.633  8.153   0.489   1.00 45.28  ? 314 HOH A O   1 
HETATM 1707 O O   . HOH B 2 .   ? -5.655  11.694  -6.132  1.00 50.83  ? 315 HOH A O   1 
HETATM 1708 O O   . HOH B 2 .   ? -7.768  14.378  -3.370  1.00 58.13  ? 316 HOH A O   1 
HETATM 1709 O O   . HOH B 2 .   ? -3.525  23.396  14.062  1.00 67.70  ? 317 HOH A O   1 
HETATM 1710 O O   . HOH B 2 .   ? -7.366  -11.186 -15.394 1.00 49.78  ? 318 HOH A O   1 
HETATM 1711 O O   . HOH B 2 .   ? -3.081  -13.390 -13.102 1.00 62.98  ? 319 HOH A O   1 
HETATM 1712 O O   . HOH B 2 .   ? 13.578  10.344  2.209   1.00 34.52  ? 320 HOH A O   1 
HETATM 1713 O O   . HOH B 2 .   ? -10.041 -14.766 5.807   1.00 48.42  ? 321 HOH A O   1 
# 
loop_
_pdbx_poly_seq_scheme.asym_id 
_pdbx_poly_seq_scheme.entity_id 
_pdbx_poly_seq_scheme.seq_id 
_pdbx_poly_seq_scheme.mon_id 
_pdbx_poly_seq_scheme.ndb_seq_num 
_pdbx_poly_seq_scheme.pdb_seq_num 
_pdbx_poly_seq_scheme.auth_seq_num 
_pdbx_poly_seq_scheme.pdb_mon_id 
_pdbx_poly_seq_scheme.auth_mon_id 
_pdbx_poly_seq_scheme.pdb_strand_id 
_pdbx_poly_seq_scheme.pdb_ins_code 
_pdbx_poly_seq_scheme.hetero 
A 1 1   GLY 1   -2  ?   ?   ?   A . n 
A 1 2   SER 2   -1  ?   ?   ?   A . n 
A 1 3   HIS 3   0   ?   ?   ?   A . n 
A 1 4   MET 4   1   ?   ?   ?   A . n 
A 1 5   ALA 5   2   ?   ?   ?   A . n 
A 1 6   ALA 6   3   ?   ?   ?   A . n 
A 1 7   SER 7   4   ?   ?   ?   A . n 
A 1 8   GLN 8   5   ?   ?   ?   A . n 
A 1 9   THR 9   6   ?   ?   ?   A . n 
A 1 10  SER 10  7   7   SER SER A . n 
A 1 11  GLN 11  8   8   GLN GLN A . n 
A 1 12  THR 12  9   9   THR THR A . n 
A 1 13  VAL 13  10  10  VAL VAL A . n 
A 1 14  ALA 14  11  11  ALA ALA A . n 
A 1 15  SER 15  12  12  SER SER A . n 
A 1 16  HIS 16  13  13  HIS HIS A . n 
A 1 17  VAL 17  14  14  VAL VAL A . n 
A 1 18  PRO 18  15  15  PRO PRO A . n 
A 1 19  PHE 19  16  16  PHE PHE A . n 
A 1 20  ALA 20  17  17  ALA ALA A . n 
A 1 21  ASP 21  18  18  ASP ASP A . n 
A 1 22  LEU 22  19  19  LEU LEU A . n 
A 1 23  CYS 23  20  20  CYS CYS A . n 
A 1 24  SER 24  21  21  SER SER A . n 
A 1 25  THR 25  22  22  THR THR A . n 
A 1 26  LEU 26  23  23  LEU LEU A . n 
A 1 27  GLU 27  24  24  GLU GLU A . n 
A 1 28  ARG 28  25  25  ARG ARG A . n 
A 1 29  ILE 29  26  26  ILE ILE A . n 
A 1 30  GLN 30  27  27  GLN GLN A . n 
A 1 31  LYS 31  28  28  LYS LYS A . n 
A 1 32  SER 32  29  29  SER SER A . n 
A 1 33  LYS 33  30  30  LYS LYS A . n 
A 1 34  GLY 34  31  31  GLY GLY A . n 
A 1 35  ARG 35  32  32  ARG ARG A . n 
A 1 36  ALA 36  33  33  ALA ALA A . n 
A 1 37  GLU 37  34  34  GLU GLU A . n 
A 1 38  LYS 38  35  35  LYS LYS A . n 
A 1 39  ILE 39  36  36  ILE ILE A . n 
A 1 40  ARG 40  37  37  ARG ARG A . n 
A 1 41  HIS 41  38  38  HIS HIS A . n 
A 1 42  PHE 42  39  39  PHE PHE A . n 
A 1 43  ARG 43  40  40  ARG ARG A . n 
A 1 44  GLU 44  41  41  GLU GLU A . n 
A 1 45  PHE 45  42  42  PHE PHE A . n 
A 1 46  LEU 46  43  43  LEU LEU A . n 
A 1 47  ASP 47  44  44  ASP ASP A . n 
A 1 48  SER 48  45  45  SER SER A . n 
A 1 49  TRP 49  46  46  TRP TRP A . n 
A 1 50  ARG 50  47  47  ARG ARG A . n 
A 1 51  LYS 51  48  48  LYS LYS A . n 
A 1 52  PHE 52  49  49  PHE PHE A . n 
A 1 53  HIS 53  50  50  HIS HIS A . n 
A 1 54  ASP 54  51  51  ASP ASP A . n 
A 1 55  ALA 55  52  52  ALA ALA A . n 
A 1 56  LEU 56  53  53  LEU LEU A . n 
A 1 57  HIS 57  54  54  HIS HIS A . n 
A 1 58  LYS 58  55  55  LYS LYS A . n 
A 1 59  ASN 59  56  56  ASN ASN A . n 
A 1 60  HIS 60  57  57  HIS HIS A . n 
A 1 61  LYS 61  58  58  LYS LYS A . n 
A 1 62  ASP 62  59  59  ASP ASP A . n 
A 1 63  VAL 63  60  60  VAL VAL A . n 
A 1 64  THR 64  61  61  THR THR A . n 
A 1 65  ASP 65  62  62  ASP ASP A . n 
A 1 66  SER 66  63  63  SER SER A . n 
A 1 67  PHE 67  64  64  PHE PHE A . n 
A 1 68  TYR 68  65  65  TYR TYR A . n 
A 1 69  PRO 69  66  66  PRO PRO A . n 
A 1 70  ALA 70  67  67  ALA ALA A . n 
A 1 71  MET 71  68  68  MET MET A . n 
A 1 72  ARG 72  69  69  ARG ARG A . n 
A 1 73  LEU 73  70  70  LEU LEU A . n 
A 1 74  ILE 74  71  71  ILE ILE A . n 
A 1 75  LEU 75  72  72  LEU LEU A . n 
A 1 76  PRO 76  73  73  PRO PRO A . n 
A 1 77  GLN 77  74  74  GLN GLN A . n 
A 1 78  LEU 78  75  75  LEU LEU A . n 
A 1 79  GLU 79  76  76  GLU GLU A . n 
A 1 80  ARG 80  77  77  ARG ARG A . n 
A 1 81  GLU 81  78  78  GLU GLU A . n 
A 1 82  ARG 82  79  79  ARG ARG A . n 
A 1 83  MET 83  80  80  MET MET A . n 
A 1 84  ALA 84  81  81  ALA ALA A . n 
A 1 85  TYR 85  82  82  TYR TYR A . n 
A 1 86  GLY 86  83  83  GLY GLY A . n 
A 1 87  ILE 87  84  84  ILE ILE A . n 
A 1 88  LYS 88  85  85  LYS LYS A . n 
A 1 89  GLU 89  86  86  GLU GLU A . n 
A 1 90  THR 90  87  87  THR THR A . n 
A 1 91  MET 91  88  88  MET MET A . n 
A 1 92  LEU 92  89  89  LEU LEU A . n 
A 1 93  ALA 93  90  90  ALA ALA A . n 
A 1 94  LYS 94  91  91  LYS LYS A . n 
A 1 95  LEU 95  92  92  LEU LEU A . n 
A 1 96  TYR 96  93  93  TYR TYR A . n 
A 1 97  ILE 97  94  94  ILE ILE A . n 
A 1 98  GLU 98  95  95  GLU GLU A . n 
A 1 99  LEU 99  96  96  LEU LEU A . n 
A 1 100 LEU 100 97  97  LEU LEU A . n 
A 1 101 ASN 101 98  98  ASN ASN A . n 
A 1 102 LEU 102 99  99  LEU LEU A . n 
A 1 103 PRO 103 100 100 PRO PRO A . n 
A 1 104 ARG 104 101 101 ARG ARG A . n 
A 1 105 ASP 105 102 102 ASP ASP A . n 
A 1 106 GLY 106 103 103 GLY GLY A . n 
A 1 107 LYS 107 104 104 LYS LYS A . n 
A 1 108 ASP 108 105 105 ASP ASP A . n 
A 1 109 ALA 109 106 106 ALA ALA A . n 
A 1 110 LEU 110 107 107 LEU LEU A . n 
A 1 111 LYS 111 108 108 LYS LYS A . n 
A 1 112 LEU 112 109 109 LEU LEU A . n 
A 1 113 LEU 113 110 110 LEU LEU A . n 
A 1 114 ASN 114 111 111 ASN ASN A . n 
A 1 115 TYR 115 112 112 TYR TYR A . n 
A 1 116 ARG 116 113 113 ARG ARG A . n 
A 1 117 THR 117 114 114 THR THR A . n 
A 1 118 PRO 118 115 115 PRO PRO A . n 
A 1 119 THR 119 116 ?   ?   ?   A . n 
A 1 120 GLY 120 117 ?   ?   ?   A . n 
A 1 121 THR 121 118 ?   ?   ?   A . n 
A 1 122 HIS 122 119 ?   ?   ?   A . n 
A 1 123 GLY 123 120 ?   ?   ?   A . n 
A 1 124 ASP 124 121 ?   ?   ?   A . n 
A 1 125 ALA 125 122 122 ALA ALA A . n 
A 1 126 GLY 126 123 123 GLY GLY A . n 
A 1 127 ASP 127 124 124 ASP ASP A . n 
A 1 128 PHE 128 125 125 PHE PHE A . n 
A 1 129 ALA 129 126 126 ALA ALA A . n 
A 1 130 MET 130 127 127 MET MET A . n 
A 1 131 ILE 131 128 128 ILE ILE A . n 
A 1 132 ALA 132 129 129 ALA ALA A . n 
A 1 133 TYR 133 130 130 TYR TYR A . n 
A 1 134 PHE 134 131 131 PHE PHE A . n 
A 1 135 VAL 135 132 132 VAL VAL A . n 
A 1 136 LEU 136 133 133 LEU LEU A . n 
A 1 137 LYS 137 134 134 LYS LYS A . n 
A 1 138 PRO 138 135 135 PRO PRO A . n 
A 1 139 ARG 139 136 136 ARG ARG A . n 
A 1 140 CYS 140 137 137 CYS CYS A . n 
A 1 141 LEU 141 138 138 LEU LEU A . n 
A 1 142 GLN 142 139 139 GLN GLN A . n 
A 1 143 LYS 143 140 140 LYS LYS A . n 
A 1 144 GLY 144 141 141 GLY GLY A . n 
A 1 145 SER 145 142 142 SER SER A . n 
A 1 146 LEU 146 143 143 LEU LEU A . n 
A 1 147 THR 147 144 144 THR THR A . n 
A 1 148 ILE 148 145 145 ILE ILE A . n 
A 1 149 GLN 149 146 146 GLN GLN A . n 
A 1 150 GLN 150 147 147 GLN GLN A . n 
A 1 151 VAL 151 148 148 VAL VAL A . n 
A 1 152 ASN 152 149 149 ASN ASN A . n 
A 1 153 ASP 153 150 150 ASP ASP A . n 
A 1 154 LEU 154 151 151 LEU LEU A . n 
A 1 155 LEU 155 152 152 LEU LEU A . n 
A 1 156 ASP 156 153 153 ASP ASP A . n 
A 1 157 SER 157 154 154 SER SER A . n 
A 1 158 ILE 158 155 155 ILE ILE A . n 
A 1 159 ALA 159 156 156 ALA ALA A . n 
A 1 160 SER 160 157 157 SER SER A . n 
A 1 161 ASN 161 158 158 ASN ASN A . n 
A 1 162 ASN 162 159 159 ASN ASN A . n 
A 1 163 SER 163 160 160 SER SER A . n 
A 1 164 ALA 164 161 161 ALA ALA A . n 
A 1 165 LYS 165 162 162 LYS LYS A . n 
A 1 166 ARG 166 163 163 ARG ARG A . n 
A 1 167 LYS 167 164 164 LYS LYS A . n 
A 1 168 ASP 168 165 165 ASP ASP A . n 
A 1 169 LEU 169 166 166 LEU LEU A . n 
A 1 170 ILE 170 167 167 ILE ILE A . n 
A 1 171 LYS 171 168 168 LYS LYS A . n 
A 1 172 LYS 172 169 169 LYS LYS A . n 
A 1 173 SER 173 170 170 SER SER A . n 
A 1 174 LEU 174 171 171 LEU LEU A . n 
A 1 175 LEU 175 172 172 LEU LEU A . n 
A 1 176 GLN 176 173 173 GLN GLN A . n 
A 1 177 LEU 177 174 174 LEU LEU A . n 
A 1 178 ILE 178 175 175 ILE ILE A . n 
A 1 179 THR 179 176 176 THR THR A . n 
A 1 180 GLN 180 177 177 GLN GLN A . n 
A 1 181 SER 181 178 178 SER SER A . n 
A 1 182 SER 182 179 179 SER SER A . n 
A 1 183 ALA 183 180 180 ALA ALA A . n 
A 1 184 LEU 184 181 181 LEU LEU A . n 
A 1 185 GLU 185 182 182 GLU GLU A . n 
A 1 186 GLN 186 183 183 GLN GLN A . n 
A 1 187 LYS 187 184 184 LYS LYS A . n 
A 1 188 TRP 188 185 185 TRP TRP A . n 
A 1 189 LEU 189 186 186 LEU LEU A . n 
A 1 190 ILE 190 187 187 ILE ILE A . n 
A 1 191 ARG 191 188 188 ARG ARG A . n 
A 1 192 MET 192 189 189 MET MET A . n 
A 1 193 ILE 193 190 190 ILE ILE A . n 
A 1 194 ILE 194 191 191 ILE ILE A . n 
A 1 195 LYS 195 192 192 LYS LYS A . n 
A 1 196 ASP 196 193 193 ASP ASP A . n 
A 1 197 LEU 197 194 194 LEU LEU A . n 
A 1 198 LYS 198 195 195 LYS LYS A . n 
A 1 199 LEU 199 196 196 LEU LEU A . n 
A 1 200 GLY 200 197 197 GLY GLY A . n 
A 1 201 VAL 201 198 198 VAL VAL A . n 
A 1 202 SER 202 199 199 SER SER A . n 
A 1 203 GLN 203 200 200 GLN GLN A . n 
A 1 204 GLN 204 201 201 GLN GLN A . n 
A 1 205 THR 205 202 202 THR THR A . n 
A 1 206 ILE 206 203 203 ILE ILE A . n 
A 1 207 PHE 207 204 204 PHE PHE A . n 
A 1 208 SER 208 205 205 SER SER A . n 
A 1 209 VAL 209 206 206 VAL VAL A . n 
A 1 210 PHE 210 207 207 PHE PHE A . n 
A 1 211 HIS 211 208 208 HIS HIS A . n 
A 1 212 ASN 212 209 209 ASN ASN A . n 
A 1 213 ASP 213 210 210 ASP ASP A . n 
A 1 214 ALA 214 211 211 ALA ALA A . n 
A 1 215 ALA 215 212 212 ALA ALA A . n 
A 1 216 GLU 216 213 213 GLU GLU A . n 
A 1 217 LEU 217 214 214 LEU LEU A . n 
A 1 218 HIS 218 215 215 HIS HIS A . n 
A 1 219 ASN 219 216 216 ASN ASN A . n 
A 1 220 VAL 220 217 217 VAL VAL A . n 
A 1 221 THR 221 218 218 THR THR A . n 
A 1 222 THR 222 219 219 THR THR A . n 
A 1 223 ASP 223 220 220 ASP ASP A . n 
A 1 224 LEU 224 221 221 LEU LEU A . n 
A 1 225 GLU 225 222 222 GLU GLU A . n 
A 1 226 LYS 226 223 223 LYS LYS A . n 
A 1 227 VAL 227 224 224 VAL VAL A . n 
A 1 228 CYS 228 225 225 CYS CYS A . n 
A 1 229 ARG 229 226 226 ARG ARG A . n 
A 1 230 GLN 230 227 227 GLN GLN A . n 
A 1 231 LEU 231 228 228 LEU LEU A . n 
A 1 232 HIS 232 229 229 HIS HIS A . n 
A 1 233 ASP 233 230 230 ASP ASP A . n 
A 1 234 PRO 234 231 ?   ?   ?   A . n 
A 1 235 SER 235 232 ?   ?   ?   A . n 
A 1 236 VAL 236 233 ?   ?   ?   A . n 
A 1 237 GLY 237 234 ?   ?   ?   A . n 
A 1 238 LEU 238 235 ?   ?   ?   A . n 
A 1 239 SER 239 236 ?   ?   ?   A . n 
A 1 240 ASP 240 237 ?   ?   ?   A . n 
A 1 241 ILE 241 238 ?   ?   ?   A . n 
A 1 242 SER 242 239 ?   ?   ?   A . n 
A 1 243 ILE 243 240 ?   ?   ?   A . n 
# 
loop_
_pdbx_nonpoly_scheme.asym_id 
_pdbx_nonpoly_scheme.entity_id 
_pdbx_nonpoly_scheme.mon_id 
_pdbx_nonpoly_scheme.ndb_seq_num 
_pdbx_nonpoly_scheme.pdb_seq_num 
_pdbx_nonpoly_scheme.auth_seq_num 
_pdbx_nonpoly_scheme.pdb_mon_id 
_pdbx_nonpoly_scheme.auth_mon_id 
_pdbx_nonpoly_scheme.pdb_strand_id 
_pdbx_nonpoly_scheme.pdb_ins_code 
B 2 HOH 1  301 3  HOH HOH A . 
B 2 HOH 2  302 6  HOH HOH A . 
B 2 HOH 3  303 7  HOH HOH A . 
B 2 HOH 4  304 13 HOH HOH A . 
B 2 HOH 5  305 21 HOH HOH A . 
B 2 HOH 6  306 9  HOH HOH A . 
B 2 HOH 7  307 14 HOH HOH A . 
B 2 HOH 8  308 20 HOH HOH A . 
B 2 HOH 9  309 22 HOH HOH A . 
B 2 HOH 10 310 2  HOH HOH A . 
B 2 HOH 11 311 10 HOH HOH A . 
B 2 HOH 12 312 15 HOH HOH A . 
B 2 HOH 13 313 5  HOH HOH A . 
B 2 HOH 14 314 18 HOH HOH A . 
B 2 HOH 15 315 11 HOH HOH A . 
B 2 HOH 16 316 12 HOH HOH A . 
B 2 HOH 17 317 19 HOH HOH A . 
B 2 HOH 18 318 17 HOH HOH A . 
B 2 HOH 19 319 4  HOH HOH A . 
B 2 HOH 20 320 8  HOH HOH A . 
B 2 HOH 21 321 16 HOH HOH A . 
# 
_pdbx_struct_assembly.id                   1 
_pdbx_struct_assembly.details              author_defined_assembly 
_pdbx_struct_assembly.method_details       ? 
_pdbx_struct_assembly.oligomeric_details   monomeric 
_pdbx_struct_assembly.oligomeric_count     1 
# 
_pdbx_struct_assembly_gen.assembly_id       1 
_pdbx_struct_assembly_gen.oper_expression   1 
_pdbx_struct_assembly_gen.asym_id_list      A,B 
# 
loop_
_pdbx_struct_assembly_prop.biol_id 
_pdbx_struct_assembly_prop.type 
_pdbx_struct_assembly_prop.value 
_pdbx_struct_assembly_prop.details 
1 'ABSA (A^2)' 0     ? 
1 MORE         0     ? 
1 'SSA (A^2)'  12100 ? 
# 
_pdbx_struct_oper_list.id                   1 
_pdbx_struct_oper_list.type                 'identity operation' 
_pdbx_struct_oper_list.name                 1_555 
_pdbx_struct_oper_list.symmetry_operation   x,y,z 
_pdbx_struct_oper_list.matrix[1][1]         1.0000000000 
_pdbx_struct_oper_list.matrix[1][2]         0.0000000000 
_pdbx_struct_oper_list.matrix[1][3]         0.0000000000 
_pdbx_struct_oper_list.vector[1]            0.0000000000 
_pdbx_struct_oper_list.matrix[2][1]         0.0000000000 
_pdbx_struct_oper_list.matrix[2][2]         1.0000000000 
_pdbx_struct_oper_list.matrix[2][3]         0.0000000000 
_pdbx_struct_oper_list.vector[2]            0.0000000000 
_pdbx_struct_oper_list.matrix[3][1]         0.0000000000 
_pdbx_struct_oper_list.matrix[3][2]         0.0000000000 
_pdbx_struct_oper_list.matrix[3][3]         1.0000000000 
_pdbx_struct_oper_list.vector[3]            0.0000000000 
# 
loop_
_pdbx_audit_revision_history.ordinal 
_pdbx_audit_revision_history.data_content_type 
_pdbx_audit_revision_history.major_revision 
_pdbx_audit_revision_history.minor_revision 
_pdbx_audit_revision_history.revision_date 
1 'Structure model' 1 0 2021-02-24 
2 'Structure model' 1 1 2023-11-29 
# 
_pdbx_audit_revision_details.ordinal             1 
_pdbx_audit_revision_details.revision_ordinal    1 
_pdbx_audit_revision_details.data_content_type   'Structure model' 
_pdbx_audit_revision_details.provider            repository 
_pdbx_audit_revision_details.type                'Initial release' 
_pdbx_audit_revision_details.description         ? 
_pdbx_audit_revision_details.details             ? 
# 
loop_
_pdbx_audit_revision_group.ordinal 
_pdbx_audit_revision_group.revision_ordinal 
_pdbx_audit_revision_group.data_content_type 
_pdbx_audit_revision_group.group 
1 2 'Structure model' 'Data collection'        
2 2 'Structure model' 'Database references'    
3 2 'Structure model' 'Refinement description' 
# 
loop_
_pdbx_audit_revision_category.ordinal 
_pdbx_audit_revision_category.revision_ordinal 
_pdbx_audit_revision_category.data_content_type 
_pdbx_audit_revision_category.category 
1 2 'Structure model' chem_comp_atom                
2 2 'Structure model' chem_comp_bond                
3 2 'Structure model' database_2                    
4 2 'Structure model' pdbx_initial_refinement_model 
# 
loop_
_pdbx_audit_revision_item.ordinal 
_pdbx_audit_revision_item.revision_ordinal 
_pdbx_audit_revision_item.data_content_type 
_pdbx_audit_revision_item.item 
1 2 'Structure model' '_database_2.pdbx_DOI'                
2 2 'Structure model' '_database_2.pdbx_database_accession' 
# 
_phasing.method   MR 
# 
loop_
_software.citation_id 
_software.classification 
_software.compiler_name 
_software.compiler_version 
_software.contact_author 
_software.contact_author_email 
_software.date 
_software.description 
_software.dependencies 
_software.hardware 
_software.language 
_software.location 
_software.mods 
_software.name 
_software.os 
_software.os_version 
_software.type 
_software.version 
_software.pdbx_ordinal 
? 'data scaling'    ? ? ? ? ? ? ? ? ? ? ? Aimless     ? ? ? 0.7.2       1 
? phasing           ? ? ? ? ? ? ? ? ? ? ? MOLREP      ? ? ? 11.6.04     2 
? refinement        ? ? ? ? ? ? ? ? ? ? ? PHENIX      ? ? ? 1.11.1_2575 3 
? 'data extraction' ? ? ? ? ? ? ? ? ? ? ? PDB_EXTRACT ? ? ? 3.25        4 
? 'data reduction'  ? ? ? ? ? ? ? ? ? ? ? MOSFLM      ? ? ? 7.2.2       5 
# 
loop_
_pdbx_validate_symm_contact.id 
_pdbx_validate_symm_contact.PDB_model_num 
_pdbx_validate_symm_contact.auth_atom_id_1 
_pdbx_validate_symm_contact.auth_asym_id_1 
_pdbx_validate_symm_contact.auth_comp_id_1 
_pdbx_validate_symm_contact.auth_seq_id_1 
_pdbx_validate_symm_contact.PDB_ins_code_1 
_pdbx_validate_symm_contact.label_alt_id_1 
_pdbx_validate_symm_contact.site_symmetry_1 
_pdbx_validate_symm_contact.auth_atom_id_2 
_pdbx_validate_symm_contact.auth_asym_id_2 
_pdbx_validate_symm_contact.auth_comp_id_2 
_pdbx_validate_symm_contact.auth_seq_id_2 
_pdbx_validate_symm_contact.PDB_ins_code_2 
_pdbx_validate_symm_contact.label_alt_id_2 
_pdbx_validate_symm_contact.site_symmetry_2 
_pdbx_validate_symm_contact.dist 
1 1 NH1 A ARG 77 ? ? 1_555 N   A THR 219 ? ? 8_545 2.05 
2 1 NH1 A ARG 77 ? ? 1_555 OG1 A THR 219 ? ? 8_545 2.08 
# 
loop_
_pdbx_validate_torsion.id 
_pdbx_validate_torsion.PDB_model_num 
_pdbx_validate_torsion.auth_comp_id 
_pdbx_validate_torsion.auth_asym_id 
_pdbx_validate_torsion.auth_seq_id 
_pdbx_validate_torsion.PDB_ins_code 
_pdbx_validate_torsion.label_alt_id 
_pdbx_validate_torsion.phi 
_pdbx_validate_torsion.psi 
1 1 TYR A 112 ? ? -95.84  54.84   
2 1 THR A 114 ? ? -114.80 67.31   
3 1 GLN A 139 ? ? -64.48  53.26   
4 1 LYS A 140 ? ? 52.25   -132.54 
5 1 LYS A 192 ? ? 71.63   46.89   
6 1 ASN A 216 ? ? 33.72   83.18   
7 1 VAL A 217 ? ? -61.16  99.79   
# 
loop_
_pdbx_unobs_or_zero_occ_atoms.id 
_pdbx_unobs_or_zero_occ_atoms.PDB_model_num 
_pdbx_unobs_or_zero_occ_atoms.polymer_flag 
_pdbx_unobs_or_zero_occ_atoms.occupancy_flag 
_pdbx_unobs_or_zero_occ_atoms.auth_asym_id 
_pdbx_unobs_or_zero_occ_atoms.auth_comp_id 
_pdbx_unobs_or_zero_occ_atoms.auth_seq_id 
_pdbx_unobs_or_zero_occ_atoms.PDB_ins_code 
_pdbx_unobs_or_zero_occ_atoms.auth_atom_id 
_pdbx_unobs_or_zero_occ_atoms.label_alt_id 
_pdbx_unobs_or_zero_occ_atoms.label_asym_id 
_pdbx_unobs_or_zero_occ_atoms.label_comp_id 
_pdbx_unobs_or_zero_occ_atoms.label_seq_id 
_pdbx_unobs_or_zero_occ_atoms.label_atom_id 
1  1 Y 1 A SER 7   ? OG  ? A SER 10  OG  
2  1 Y 1 A ASN 98  ? CG  ? A ASN 101 CG  
3  1 Y 1 A ASN 98  ? OD1 ? A ASN 101 OD1 
4  1 Y 1 A ASN 98  ? ND2 ? A ASN 101 ND2 
5  1 Y 1 A ARG 101 ? CG  ? A ARG 104 CG  
6  1 Y 1 A ARG 101 ? CD  ? A ARG 104 CD  
7  1 Y 1 A ARG 101 ? NE  ? A ARG 104 NE  
8  1 Y 1 A ARG 101 ? CZ  ? A ARG 104 CZ  
9  1 Y 1 A ARG 101 ? NH1 ? A ARG 104 NH1 
10 1 Y 1 A ARG 101 ? NH2 ? A ARG 104 NH2 
11 1 Y 1 A ASP 102 ? CG  ? A ASP 105 CG  
12 1 Y 1 A ASP 102 ? OD1 ? A ASP 105 OD1 
13 1 Y 1 A ASP 102 ? OD2 ? A ASP 105 OD2 
14 1 Y 1 A LYS 104 ? CG  ? A LYS 107 CG  
15 1 Y 1 A LYS 104 ? CD  ? A LYS 107 CD  
16 1 Y 1 A LYS 104 ? CE  ? A LYS 107 CE  
17 1 Y 1 A LYS 104 ? NZ  ? A LYS 107 NZ  
18 1 Y 1 A LEU 107 ? CG  ? A LEU 110 CG  
19 1 Y 1 A LEU 107 ? CD1 ? A LEU 110 CD1 
20 1 Y 1 A LEU 107 ? CD2 ? A LEU 110 CD2 
21 1 Y 1 A LYS 108 ? CG  ? A LYS 111 CG  
22 1 Y 1 A LYS 108 ? CD  ? A LYS 111 CD  
23 1 Y 1 A LYS 108 ? CE  ? A LYS 111 CE  
24 1 Y 1 A LYS 108 ? NZ  ? A LYS 111 NZ  
25 1 Y 1 A TYR 112 ? CG  ? A TYR 115 CG  
26 1 Y 1 A TYR 112 ? CD1 ? A TYR 115 CD1 
27 1 Y 1 A TYR 112 ? CD2 ? A TYR 115 CD2 
28 1 Y 1 A TYR 112 ? CE1 ? A TYR 115 CE1 
29 1 Y 1 A TYR 112 ? CE2 ? A TYR 115 CE2 
30 1 Y 1 A TYR 112 ? CZ  ? A TYR 115 CZ  
31 1 Y 1 A TYR 112 ? OH  ? A TYR 115 OH  
32 1 Y 1 A ARG 113 ? CG  ? A ARG 116 CG  
33 1 Y 1 A ARG 113 ? CD  ? A ARG 116 CD  
34 1 Y 1 A ARG 113 ? NE  ? A ARG 116 NE  
35 1 Y 1 A ARG 113 ? CZ  ? A ARG 116 CZ  
36 1 Y 1 A ARG 113 ? NH1 ? A ARG 116 NH1 
37 1 Y 1 A ARG 113 ? NH2 ? A ARG 116 NH2 
38 1 Y 1 A PHE 131 ? CG  ? A PHE 134 CG  
39 1 Y 1 A PHE 131 ? CD1 ? A PHE 134 CD1 
40 1 Y 1 A PHE 131 ? CD2 ? A PHE 134 CD2 
41 1 Y 1 A PHE 131 ? CE1 ? A PHE 134 CE1 
42 1 Y 1 A PHE 131 ? CE2 ? A PHE 134 CE2 
43 1 Y 1 A PHE 131 ? CZ  ? A PHE 134 CZ  
44 1 Y 1 A LYS 134 ? CG  ? A LYS 137 CG  
45 1 Y 1 A LYS 134 ? CD  ? A LYS 137 CD  
46 1 Y 1 A LYS 134 ? CE  ? A LYS 137 CE  
47 1 Y 1 A LYS 134 ? NZ  ? A LYS 137 NZ  
48 1 Y 1 A GLN 139 ? CG  ? A GLN 142 CG  
49 1 Y 1 A GLN 139 ? CD  ? A GLN 142 CD  
50 1 Y 1 A GLN 139 ? OE1 ? A GLN 142 OE1 
51 1 Y 1 A GLN 139 ? NE2 ? A GLN 142 NE2 
52 1 Y 1 A LYS 140 ? CG  ? A LYS 143 CG  
53 1 Y 1 A LYS 140 ? CD  ? A LYS 143 CD  
54 1 Y 1 A LYS 140 ? CE  ? A LYS 143 CE  
55 1 Y 1 A LYS 140 ? NZ  ? A LYS 143 NZ  
56 1 Y 1 A LYS 164 ? CG  ? A LYS 167 CG  
57 1 Y 1 A LYS 164 ? CD  ? A LYS 167 CD  
58 1 Y 1 A LYS 164 ? CE  ? A LYS 167 CE  
59 1 Y 1 A LYS 164 ? NZ  ? A LYS 167 NZ  
60 1 Y 1 A LYS 169 ? CG  ? A LYS 172 CG  
61 1 Y 1 A LYS 169 ? CD  ? A LYS 172 CD  
62 1 Y 1 A LYS 169 ? CE  ? A LYS 172 CE  
63 1 Y 1 A LYS 169 ? NZ  ? A LYS 172 NZ  
64 1 Y 1 A THR 218 ? OG1 ? A THR 221 OG1 
65 1 Y 1 A THR 218 ? CG2 ? A THR 221 CG2 
66 1 Y 1 A LYS 223 ? CG  ? A LYS 226 CG  
67 1 Y 1 A LYS 223 ? CD  ? A LYS 226 CD  
68 1 Y 1 A LYS 223 ? CE  ? A LYS 226 CE  
69 1 Y 1 A LYS 223 ? NZ  ? A LYS 226 NZ  
70 1 Y 1 A ARG 226 ? CG  ? A ARG 229 CG  
71 1 Y 1 A ARG 226 ? CD  ? A ARG 229 CD  
72 1 Y 1 A ARG 226 ? NE  ? A ARG 229 NE  
73 1 Y 1 A ARG 226 ? CZ  ? A ARG 229 CZ  
74 1 Y 1 A ARG 226 ? NH1 ? A ARG 229 NH1 
75 1 Y 1 A ARG 226 ? NH2 ? A ARG 229 NH2 
76 1 Y 1 A ASP 230 ? CG  ? A ASP 233 CG  
77 1 Y 1 A ASP 230 ? OD1 ? A ASP 233 OD1 
78 1 Y 1 A ASP 230 ? OD2 ? A ASP 233 OD2 
# 
loop_
_pdbx_unobs_or_zero_occ_residues.id 
_pdbx_unobs_or_zero_occ_residues.PDB_model_num 
_pdbx_unobs_or_zero_occ_residues.polymer_flag 
_pdbx_unobs_or_zero_occ_residues.occupancy_flag 
_pdbx_unobs_or_zero_occ_residues.auth_asym_id 
_pdbx_unobs_or_zero_occ_residues.auth_comp_id 
_pdbx_unobs_or_zero_occ_residues.auth_seq_id 
_pdbx_unobs_or_zero_occ_residues.PDB_ins_code 
_pdbx_unobs_or_zero_occ_residues.label_asym_id 
_pdbx_unobs_or_zero_occ_residues.label_comp_id 
_pdbx_unobs_or_zero_occ_residues.label_seq_id 
1  1 Y 1 A GLY -2  ? A GLY 1   
2  1 Y 1 A SER -1  ? A SER 2   
3  1 Y 1 A HIS 0   ? A HIS 3   
4  1 Y 1 A MET 1   ? A MET 4   
5  1 Y 1 A ALA 2   ? A ALA 5   
6  1 Y 1 A ALA 3   ? A ALA 6   
7  1 Y 1 A SER 4   ? A SER 7   
8  1 Y 1 A GLN 5   ? A GLN 8   
9  1 Y 1 A THR 6   ? A THR 9   
10 1 Y 1 A THR 116 ? A THR 119 
11 1 Y 1 A GLY 117 ? A GLY 120 
12 1 Y 1 A THR 118 ? A THR 121 
13 1 Y 1 A HIS 119 ? A HIS 122 
14 1 Y 1 A GLY 120 ? A GLY 123 
15 1 Y 1 A ASP 121 ? A ASP 124 
16 1 Y 1 A PRO 231 ? A PRO 234 
17 1 Y 1 A SER 232 ? A SER 235 
18 1 Y 1 A VAL 233 ? A VAL 236 
19 1 Y 1 A GLY 234 ? A GLY 237 
20 1 Y 1 A LEU 235 ? A LEU 238 
21 1 Y 1 A SER 236 ? A SER 239 
22 1 Y 1 A ASP 237 ? A ASP 240 
23 1 Y 1 A ILE 238 ? A ILE 241 
24 1 Y 1 A SER 239 ? A SER 242 
25 1 Y 1 A ILE 240 ? A ILE 243 
# 
loop_
_chem_comp_atom.comp_id 
_chem_comp_atom.atom_id 
_chem_comp_atom.type_symbol 
_chem_comp_atom.pdbx_aromatic_flag 
_chem_comp_atom.pdbx_stereo_config 
_chem_comp_atom.pdbx_ordinal 
ALA N    N N N 1   
ALA CA   C N S 2   
ALA C    C N N 3   
ALA O    O N N 4   
ALA CB   C N N 5   
ALA OXT  O N N 6   
ALA H    H N N 7   
ALA H2   H N N 8   
ALA HA   H N N 9   
ALA HB1  H N N 10  
ALA HB2  H N N 11  
ALA HB3  H N N 12  
ALA HXT  H N N 13  
ARG N    N N N 14  
ARG CA   C N S 15  
ARG C    C N N 16  
ARG O    O N N 17  
ARG CB   C N N 18  
ARG CG   C N N 19  
ARG CD   C N N 20  
ARG NE   N N N 21  
ARG CZ   C N N 22  
ARG NH1  N N N 23  
ARG NH2  N N N 24  
ARG OXT  O N N 25  
ARG H    H N N 26  
ARG H2   H N N 27  
ARG HA   H N N 28  
ARG HB2  H N N 29  
ARG HB3  H N N 30  
ARG HG2  H N N 31  
ARG HG3  H N N 32  
ARG HD2  H N N 33  
ARG HD3  H N N 34  
ARG HE   H N N 35  
ARG HH11 H N N 36  
ARG HH12 H N N 37  
ARG HH21 H N N 38  
ARG HH22 H N N 39  
ARG HXT  H N N 40  
ASN N    N N N 41  
ASN CA   C N S 42  
ASN C    C N N 43  
ASN O    O N N 44  
ASN CB   C N N 45  
ASN CG   C N N 46  
ASN OD1  O N N 47  
ASN ND2  N N N 48  
ASN OXT  O N N 49  
ASN H    H N N 50  
ASN H2   H N N 51  
ASN HA   H N N 52  
ASN HB2  H N N 53  
ASN HB3  H N N 54  
ASN HD21 H N N 55  
ASN HD22 H N N 56  
ASN HXT  H N N 57  
ASP N    N N N 58  
ASP CA   C N S 59  
ASP C    C N N 60  
ASP O    O N N 61  
ASP CB   C N N 62  
ASP CG   C N N 63  
ASP OD1  O N N 64  
ASP OD2  O N N 65  
ASP OXT  O N N 66  
ASP H    H N N 67  
ASP H2   H N N 68  
ASP HA   H N N 69  
ASP HB2  H N N 70  
ASP HB3  H N N 71  
ASP HD2  H N N 72  
ASP HXT  H N N 73  
CYS N    N N N 74  
CYS CA   C N R 75  
CYS C    C N N 76  
CYS O    O N N 77  
CYS CB   C N N 78  
CYS SG   S N N 79  
CYS OXT  O N N 80  
CYS H    H N N 81  
CYS H2   H N N 82  
CYS HA   H N N 83  
CYS HB2  H N N 84  
CYS HB3  H N N 85  
CYS HG   H N N 86  
CYS HXT  H N N 87  
GLN N    N N N 88  
GLN CA   C N S 89  
GLN C    C N N 90  
GLN O    O N N 91  
GLN CB   C N N 92  
GLN CG   C N N 93  
GLN CD   C N N 94  
GLN OE1  O N N 95  
GLN NE2  N N N 96  
GLN OXT  O N N 97  
GLN H    H N N 98  
GLN H2   H N N 99  
GLN HA   H N N 100 
GLN HB2  H N N 101 
GLN HB3  H N N 102 
GLN HG2  H N N 103 
GLN HG3  H N N 104 
GLN HE21 H N N 105 
GLN HE22 H N N 106 
GLN HXT  H N N 107 
GLU N    N N N 108 
GLU CA   C N S 109 
GLU C    C N N 110 
GLU O    O N N 111 
GLU CB   C N N 112 
GLU CG   C N N 113 
GLU CD   C N N 114 
GLU OE1  O N N 115 
GLU OE2  O N N 116 
GLU OXT  O N N 117 
GLU H    H N N 118 
GLU H2   H N N 119 
GLU HA   H N N 120 
GLU HB2  H N N 121 
GLU HB3  H N N 122 
GLU HG2  H N N 123 
GLU HG3  H N N 124 
GLU HE2  H N N 125 
GLU HXT  H N N 126 
GLY N    N N N 127 
GLY CA   C N N 128 
GLY C    C N N 129 
GLY O    O N N 130 
GLY OXT  O N N 131 
GLY H    H N N 132 
GLY H2   H N N 133 
GLY HA2  H N N 134 
GLY HA3  H N N 135 
GLY HXT  H N N 136 
HIS N    N N N 137 
HIS CA   C N S 138 
HIS C    C N N 139 
HIS O    O N N 140 
HIS CB   C N N 141 
HIS CG   C Y N 142 
HIS ND1  N Y N 143 
HIS CD2  C Y N 144 
HIS CE1  C Y N 145 
HIS NE2  N Y N 146 
HIS OXT  O N N 147 
HIS H    H N N 148 
HIS H2   H N N 149 
HIS HA   H N N 150 
HIS HB2  H N N 151 
HIS HB3  H N N 152 
HIS HD1  H N N 153 
HIS HD2  H N N 154 
HIS HE1  H N N 155 
HIS HE2  H N N 156 
HIS HXT  H N N 157 
HOH O    O N N 158 
HOH H1   H N N 159 
HOH H2   H N N 160 
ILE N    N N N 161 
ILE CA   C N S 162 
ILE C    C N N 163 
ILE O    O N N 164 
ILE CB   C N S 165 
ILE CG1  C N N 166 
ILE CG2  C N N 167 
ILE CD1  C N N 168 
ILE OXT  O N N 169 
ILE H    H N N 170 
ILE H2   H N N 171 
ILE HA   H N N 172 
ILE HB   H N N 173 
ILE HG12 H N N 174 
ILE HG13 H N N 175 
ILE HG21 H N N 176 
ILE HG22 H N N 177 
ILE HG23 H N N 178 
ILE HD11 H N N 179 
ILE HD12 H N N 180 
ILE HD13 H N N 181 
ILE HXT  H N N 182 
LEU N    N N N 183 
LEU CA   C N S 184 
LEU C    C N N 185 
LEU O    O N N 186 
LEU CB   C N N 187 
LEU CG   C N N 188 
LEU CD1  C N N 189 
LEU CD2  C N N 190 
LEU OXT  O N N 191 
LEU H    H N N 192 
LEU H2   H N N 193 
LEU HA   H N N 194 
LEU HB2  H N N 195 
LEU HB3  H N N 196 
LEU HG   H N N 197 
LEU HD11 H N N 198 
LEU HD12 H N N 199 
LEU HD13 H N N 200 
LEU HD21 H N N 201 
LEU HD22 H N N 202 
LEU HD23 H N N 203 
LEU HXT  H N N 204 
LYS N    N N N 205 
LYS CA   C N S 206 
LYS C    C N N 207 
LYS O    O N N 208 
LYS CB   C N N 209 
LYS CG   C N N 210 
LYS CD   C N N 211 
LYS CE   C N N 212 
LYS NZ   N N N 213 
LYS OXT  O N N 214 
LYS H    H N N 215 
LYS H2   H N N 216 
LYS HA   H N N 217 
LYS HB2  H N N 218 
LYS HB3  H N N 219 
LYS HG2  H N N 220 
LYS HG3  H N N 221 
LYS HD2  H N N 222 
LYS HD3  H N N 223 
LYS HE2  H N N 224 
LYS HE3  H N N 225 
LYS HZ1  H N N 226 
LYS HZ2  H N N 227 
LYS HZ3  H N N 228 
LYS HXT  H N N 229 
MET N    N N N 230 
MET CA   C N S 231 
MET C    C N N 232 
MET O    O N N 233 
MET CB   C N N 234 
MET CG   C N N 235 
MET SD   S N N 236 
MET CE   C N N 237 
MET OXT  O N N 238 
MET H    H N N 239 
MET H2   H N N 240 
MET HA   H N N 241 
MET HB2  H N N 242 
MET HB3  H N N 243 
MET HG2  H N N 244 
MET HG3  H N N 245 
MET HE1  H N N 246 
MET HE2  H N N 247 
MET HE3  H N N 248 
MET HXT  H N N 249 
PHE N    N N N 250 
PHE CA   C N S 251 
PHE C    C N N 252 
PHE O    O N N 253 
PHE CB   C N N 254 
PHE CG   C Y N 255 
PHE CD1  C Y N 256 
PHE CD2  C Y N 257 
PHE CE1  C Y N 258 
PHE CE2  C Y N 259 
PHE CZ   C Y N 260 
PHE OXT  O N N 261 
PHE H    H N N 262 
PHE H2   H N N 263 
PHE HA   H N N 264 
PHE HB2  H N N 265 
PHE HB3  H N N 266 
PHE HD1  H N N 267 
PHE HD2  H N N 268 
PHE HE1  H N N 269 
PHE HE2  H N N 270 
PHE HZ   H N N 271 
PHE HXT  H N N 272 
PRO N    N N N 273 
PRO CA   C N S 274 
PRO C    C N N 275 
PRO O    O N N 276 
PRO CB   C N N 277 
PRO CG   C N N 278 
PRO CD   C N N 279 
PRO OXT  O N N 280 
PRO H    H N N 281 
PRO HA   H N N 282 
PRO HB2  H N N 283 
PRO HB3  H N N 284 
PRO HG2  H N N 285 
PRO HG3  H N N 286 
PRO HD2  H N N 287 
PRO HD3  H N N 288 
PRO HXT  H N N 289 
SER N    N N N 290 
SER CA   C N S 291 
SER C    C N N 292 
SER O    O N N 293 
SER CB   C N N 294 
SER OG   O N N 295 
SER OXT  O N N 296 
SER H    H N N 297 
SER H2   H N N 298 
SER HA   H N N 299 
SER HB2  H N N 300 
SER HB3  H N N 301 
SER HG   H N N 302 
SER HXT  H N N 303 
THR N    N N N 304 
THR CA   C N S 305 
THR C    C N N 306 
THR O    O N N 307 
THR CB   C N R 308 
THR OG1  O N N 309 
THR CG2  C N N 310 
THR OXT  O N N 311 
THR H    H N N 312 
THR H2   H N N 313 
THR HA   H N N 314 
THR HB   H N N 315 
THR HG1  H N N 316 
THR HG21 H N N 317 
THR HG22 H N N 318 
THR HG23 H N N 319 
THR HXT  H N N 320 
TRP N    N N N 321 
TRP CA   C N S 322 
TRP C    C N N 323 
TRP O    O N N 324 
TRP CB   C N N 325 
TRP CG   C Y N 326 
TRP CD1  C Y N 327 
TRP CD2  C Y N 328 
TRP NE1  N Y N 329 
TRP CE2  C Y N 330 
TRP CE3  C Y N 331 
TRP CZ2  C Y N 332 
TRP CZ3  C Y N 333 
TRP CH2  C Y N 334 
TRP OXT  O N N 335 
TRP H    H N N 336 
TRP H2   H N N 337 
TRP HA   H N N 338 
TRP HB2  H N N 339 
TRP HB3  H N N 340 
TRP HD1  H N N 341 
TRP HE1  H N N 342 
TRP HE3  H N N 343 
TRP HZ2  H N N 344 
TRP HZ3  H N N 345 
TRP HH2  H N N 346 
TRP HXT  H N N 347 
TYR N    N N N 348 
TYR CA   C N S 349 
TYR C    C N N 350 
TYR O    O N N 351 
TYR CB   C N N 352 
TYR CG   C Y N 353 
TYR CD1  C Y N 354 
TYR CD2  C Y N 355 
TYR CE1  C Y N 356 
TYR CE2  C Y N 357 
TYR CZ   C Y N 358 
TYR OH   O N N 359 
TYR OXT  O N N 360 
TYR H    H N N 361 
TYR H2   H N N 362 
TYR HA   H N N 363 
TYR HB2  H N N 364 
TYR HB3  H N N 365 
TYR HD1  H N N 366 
TYR HD2  H N N 367 
TYR HE1  H N N 368 
TYR HE2  H N N 369 
TYR HH   H N N 370 
TYR HXT  H N N 371 
VAL N    N N N 372 
VAL CA   C N S 373 
VAL C    C N N 374 
VAL O    O N N 375 
VAL CB   C N N 376 
VAL CG1  C N N 377 
VAL CG2  C N N 378 
VAL OXT  O N N 379 
VAL H    H N N 380 
VAL H2   H N N 381 
VAL HA   H N N 382 
VAL HB   H N N 383 
VAL HG11 H N N 384 
VAL HG12 H N N 385 
VAL HG13 H N N 386 
VAL HG21 H N N 387 
VAL HG22 H N N 388 
VAL HG23 H N N 389 
VAL HXT  H N N 390 
# 
loop_
_chem_comp_bond.comp_id 
_chem_comp_bond.atom_id_1 
_chem_comp_bond.atom_id_2 
_chem_comp_bond.value_order 
_chem_comp_bond.pdbx_aromatic_flag 
_chem_comp_bond.pdbx_stereo_config 
_chem_comp_bond.pdbx_ordinal 
ALA N   CA   sing N N 1   
ALA N   H    sing N N 2   
ALA N   H2   sing N N 3   
ALA CA  C    sing N N 4   
ALA CA  CB   sing N N 5   
ALA CA  HA   sing N N 6   
ALA C   O    doub N N 7   
ALA C   OXT  sing N N 8   
ALA CB  HB1  sing N N 9   
ALA CB  HB2  sing N N 10  
ALA CB  HB3  sing N N 11  
ALA OXT HXT  sing N N 12  
ARG N   CA   sing N N 13  
ARG N   H    sing N N 14  
ARG N   H2   sing N N 15  
ARG CA  C    sing N N 16  
ARG CA  CB   sing N N 17  
ARG CA  HA   sing N N 18  
ARG C   O    doub N N 19  
ARG C   OXT  sing N N 20  
ARG CB  CG   sing N N 21  
ARG CB  HB2  sing N N 22  
ARG CB  HB3  sing N N 23  
ARG CG  CD   sing N N 24  
ARG CG  HG2  sing N N 25  
ARG CG  HG3  sing N N 26  
ARG CD  NE   sing N N 27  
ARG CD  HD2  sing N N 28  
ARG CD  HD3  sing N N 29  
ARG NE  CZ   sing N N 30  
ARG NE  HE   sing N N 31  
ARG CZ  NH1  sing N N 32  
ARG CZ  NH2  doub N N 33  
ARG NH1 HH11 sing N N 34  
ARG NH1 HH12 sing N N 35  
ARG NH2 HH21 sing N N 36  
ARG NH2 HH22 sing N N 37  
ARG OXT HXT  sing N N 38  
ASN N   CA   sing N N 39  
ASN N   H    sing N N 40  
ASN N   H2   sing N N 41  
ASN CA  C    sing N N 42  
ASN CA  CB   sing N N 43  
ASN CA  HA   sing N N 44  
ASN C   O    doub N N 45  
ASN C   OXT  sing N N 46  
ASN CB  CG   sing N N 47  
ASN CB  HB2  sing N N 48  
ASN CB  HB3  sing N N 49  
ASN CG  OD1  doub N N 50  
ASN CG  ND2  sing N N 51  
ASN ND2 HD21 sing N N 52  
ASN ND2 HD22 sing N N 53  
ASN OXT HXT  sing N N 54  
ASP N   CA   sing N N 55  
ASP N   H    sing N N 56  
ASP N   H2   sing N N 57  
ASP CA  C    sing N N 58  
ASP CA  CB   sing N N 59  
ASP CA  HA   sing N N 60  
ASP C   O    doub N N 61  
ASP C   OXT  sing N N 62  
ASP CB  CG   sing N N 63  
ASP CB  HB2  sing N N 64  
ASP CB  HB3  sing N N 65  
ASP CG  OD1  doub N N 66  
ASP CG  OD2  sing N N 67  
ASP OD2 HD2  sing N N 68  
ASP OXT HXT  sing N N 69  
CYS N   CA   sing N N 70  
CYS N   H    sing N N 71  
CYS N   H2   sing N N 72  
CYS CA  C    sing N N 73  
CYS CA  CB   sing N N 74  
CYS CA  HA   sing N N 75  
CYS C   O    doub N N 76  
CYS C   OXT  sing N N 77  
CYS CB  SG   sing N N 78  
CYS CB  HB2  sing N N 79  
CYS CB  HB3  sing N N 80  
CYS SG  HG   sing N N 81  
CYS OXT HXT  sing N N 82  
GLN N   CA   sing N N 83  
GLN N   H    sing N N 84  
GLN N   H2   sing N N 85  
GLN CA  C    sing N N 86  
GLN CA  CB   sing N N 87  
GLN CA  HA   sing N N 88  
GLN C   O    doub N N 89  
GLN C   OXT  sing N N 90  
GLN CB  CG   sing N N 91  
GLN CB  HB2  sing N N 92  
GLN CB  HB3  sing N N 93  
GLN CG  CD   sing N N 94  
GLN CG  HG2  sing N N 95  
GLN CG  HG3  sing N N 96  
GLN CD  OE1  doub N N 97  
GLN CD  NE2  sing N N 98  
GLN NE2 HE21 sing N N 99  
GLN NE2 HE22 sing N N 100 
GLN OXT HXT  sing N N 101 
GLU N   CA   sing N N 102 
GLU N   H    sing N N 103 
GLU N   H2   sing N N 104 
GLU CA  C    sing N N 105 
GLU CA  CB   sing N N 106 
GLU CA  HA   sing N N 107 
GLU C   O    doub N N 108 
GLU C   OXT  sing N N 109 
GLU CB  CG   sing N N 110 
GLU CB  HB2  sing N N 111 
GLU CB  HB3  sing N N 112 
GLU CG  CD   sing N N 113 
GLU CG  HG2  sing N N 114 
GLU CG  HG3  sing N N 115 
GLU CD  OE1  doub N N 116 
GLU CD  OE2  sing N N 117 
GLU OE2 HE2  sing N N 118 
GLU OXT HXT  sing N N 119 
GLY N   CA   sing N N 120 
GLY N   H    sing N N 121 
GLY N   H2   sing N N 122 
GLY CA  C    sing N N 123 
GLY CA  HA2  sing N N 124 
GLY CA  HA3  sing N N 125 
GLY C   O    doub N N 126 
GLY C   OXT  sing N N 127 
GLY OXT HXT  sing N N 128 
HIS N   CA   sing N N 129 
HIS N   H    sing N N 130 
HIS N   H2   sing N N 131 
HIS CA  C    sing N N 132 
HIS CA  CB   sing N N 133 
HIS CA  HA   sing N N 134 
HIS C   O    doub N N 135 
HIS C   OXT  sing N N 136 
HIS CB  CG   sing N N 137 
HIS CB  HB2  sing N N 138 
HIS CB  HB3  sing N N 139 
HIS CG  ND1  sing Y N 140 
HIS CG  CD2  doub Y N 141 
HIS ND1 CE1  doub Y N 142 
HIS ND1 HD1  sing N N 143 
HIS CD2 NE2  sing Y N 144 
HIS CD2 HD2  sing N N 145 
HIS CE1 NE2  sing Y N 146 
HIS CE1 HE1  sing N N 147 
HIS NE2 HE2  sing N N 148 
HIS OXT HXT  sing N N 149 
HOH O   H1   sing N N 150 
HOH O   H2   sing N N 151 
ILE N   CA   sing N N 152 
ILE N   H    sing N N 153 
ILE N   H2   sing N N 154 
ILE CA  C    sing N N 155 
ILE CA  CB   sing N N 156 
ILE CA  HA   sing N N 157 
ILE C   O    doub N N 158 
ILE C   OXT  sing N N 159 
ILE CB  CG1  sing N N 160 
ILE CB  CG2  sing N N 161 
ILE CB  HB   sing N N 162 
ILE CG1 CD1  sing N N 163 
ILE CG1 HG12 sing N N 164 
ILE CG1 HG13 sing N N 165 
ILE CG2 HG21 sing N N 166 
ILE CG2 HG22 sing N N 167 
ILE CG2 HG23 sing N N 168 
ILE CD1 HD11 sing N N 169 
ILE CD1 HD12 sing N N 170 
ILE CD1 HD13 sing N N 171 
ILE OXT HXT  sing N N 172 
LEU N   CA   sing N N 173 
LEU N   H    sing N N 174 
LEU N   H2   sing N N 175 
LEU CA  C    sing N N 176 
LEU CA  CB   sing N N 177 
LEU CA  HA   sing N N 178 
LEU C   O    doub N N 179 
LEU C   OXT  sing N N 180 
LEU CB  CG   sing N N 181 
LEU CB  HB2  sing N N 182 
LEU CB  HB3  sing N N 183 
LEU CG  CD1  sing N N 184 
LEU CG  CD2  sing N N 185 
LEU CG  HG   sing N N 186 
LEU CD1 HD11 sing N N 187 
LEU CD1 HD12 sing N N 188 
LEU CD1 HD13 sing N N 189 
LEU CD2 HD21 sing N N 190 
LEU CD2 HD22 sing N N 191 
LEU CD2 HD23 sing N N 192 
LEU OXT HXT  sing N N 193 
LYS N   CA   sing N N 194 
LYS N   H    sing N N 195 
LYS N   H2   sing N N 196 
LYS CA  C    sing N N 197 
LYS CA  CB   sing N N 198 
LYS CA  HA   sing N N 199 
LYS C   O    doub N N 200 
LYS C   OXT  sing N N 201 
LYS CB  CG   sing N N 202 
LYS CB  HB2  sing N N 203 
LYS CB  HB3  sing N N 204 
LYS CG  CD   sing N N 205 
LYS CG  HG2  sing N N 206 
LYS CG  HG3  sing N N 207 
LYS CD  CE   sing N N 208 
LYS CD  HD2  sing N N 209 
LYS CD  HD3  sing N N 210 
LYS CE  NZ   sing N N 211 
LYS CE  HE2  sing N N 212 
LYS CE  HE3  sing N N 213 
LYS NZ  HZ1  sing N N 214 
LYS NZ  HZ2  sing N N 215 
LYS NZ  HZ3  sing N N 216 
LYS OXT HXT  sing N N 217 
MET N   CA   sing N N 218 
MET N   H    sing N N 219 
MET N   H2   sing N N 220 
MET CA  C    sing N N 221 
MET CA  CB   sing N N 222 
MET CA  HA   sing N N 223 
MET C   O    doub N N 224 
MET C   OXT  sing N N 225 
MET CB  CG   sing N N 226 
MET CB  HB2  sing N N 227 
MET CB  HB3  sing N N 228 
MET CG  SD   sing N N 229 
MET CG  HG2  sing N N 230 
MET CG  HG3  sing N N 231 
MET SD  CE   sing N N 232 
MET CE  HE1  sing N N 233 
MET CE  HE2  sing N N 234 
MET CE  HE3  sing N N 235 
MET OXT HXT  sing N N 236 
PHE N   CA   sing N N 237 
PHE N   H    sing N N 238 
PHE N   H2   sing N N 239 
PHE CA  C    sing N N 240 
PHE CA  CB   sing N N 241 
PHE CA  HA   sing N N 242 
PHE C   O    doub N N 243 
PHE C   OXT  sing N N 244 
PHE CB  CG   sing N N 245 
PHE CB  HB2  sing N N 246 
PHE CB  HB3  sing N N 247 
PHE CG  CD1  doub Y N 248 
PHE CG  CD2  sing Y N 249 
PHE CD1 CE1  sing Y N 250 
PHE CD1 HD1  sing N N 251 
PHE CD2 CE2  doub Y N 252 
PHE CD2 HD2  sing N N 253 
PHE CE1 CZ   doub Y N 254 
PHE CE1 HE1  sing N N 255 
PHE CE2 CZ   sing Y N 256 
PHE CE2 HE2  sing N N 257 
PHE CZ  HZ   sing N N 258 
PHE OXT HXT  sing N N 259 
PRO N   CA   sing N N 260 
PRO N   CD   sing N N 261 
PRO N   H    sing N N 262 
PRO CA  C    sing N N 263 
PRO CA  CB   sing N N 264 
PRO CA  HA   sing N N 265 
PRO C   O    doub N N 266 
PRO C   OXT  sing N N 267 
PRO CB  CG   sing N N 268 
PRO CB  HB2  sing N N 269 
PRO CB  HB3  sing N N 270 
PRO CG  CD   sing N N 271 
PRO CG  HG2  sing N N 272 
PRO CG  HG3  sing N N 273 
PRO CD  HD2  sing N N 274 
PRO CD  HD3  sing N N 275 
PRO OXT HXT  sing N N 276 
SER N   CA   sing N N 277 
SER N   H    sing N N 278 
SER N   H2   sing N N 279 
SER CA  C    sing N N 280 
SER CA  CB   sing N N 281 
SER CA  HA   sing N N 282 
SER C   O    doub N N 283 
SER C   OXT  sing N N 284 
SER CB  OG   sing N N 285 
SER CB  HB2  sing N N 286 
SER CB  HB3  sing N N 287 
SER OG  HG   sing N N 288 
SER OXT HXT  sing N N 289 
THR N   CA   sing N N 290 
THR N   H    sing N N 291 
THR N   H2   sing N N 292 
THR CA  C    sing N N 293 
THR CA  CB   sing N N 294 
THR CA  HA   sing N N 295 
THR C   O    doub N N 296 
THR C   OXT  sing N N 297 
THR CB  OG1  sing N N 298 
THR CB  CG2  sing N N 299 
THR CB  HB   sing N N 300 
THR OG1 HG1  sing N N 301 
THR CG2 HG21 sing N N 302 
THR CG2 HG22 sing N N 303 
THR CG2 HG23 sing N N 304 
THR OXT HXT  sing N N 305 
TRP N   CA   sing N N 306 
TRP N   H    sing N N 307 
TRP N   H2   sing N N 308 
TRP CA  C    sing N N 309 
TRP CA  CB   sing N N 310 
TRP CA  HA   sing N N 311 
TRP C   O    doub N N 312 
TRP C   OXT  sing N N 313 
TRP CB  CG   sing N N 314 
TRP CB  HB2  sing N N 315 
TRP CB  HB3  sing N N 316 
TRP CG  CD1  doub Y N 317 
TRP CG  CD2  sing Y N 318 
TRP CD1 NE1  sing Y N 319 
TRP CD1 HD1  sing N N 320 
TRP CD2 CE2  doub Y N 321 
TRP CD2 CE3  sing Y N 322 
TRP NE1 CE2  sing Y N 323 
TRP NE1 HE1  sing N N 324 
TRP CE2 CZ2  sing Y N 325 
TRP CE3 CZ3  doub Y N 326 
TRP CE3 HE3  sing N N 327 
TRP CZ2 CH2  doub Y N 328 
TRP CZ2 HZ2  sing N N 329 
TRP CZ3 CH2  sing Y N 330 
TRP CZ3 HZ3  sing N N 331 
TRP CH2 HH2  sing N N 332 
TRP OXT HXT  sing N N 333 
TYR N   CA   sing N N 334 
TYR N   H    sing N N 335 
TYR N   H2   sing N N 336 
TYR CA  C    sing N N 337 
TYR CA  CB   sing N N 338 
TYR CA  HA   sing N N 339 
TYR C   O    doub N N 340 
TYR C   OXT  sing N N 341 
TYR CB  CG   sing N N 342 
TYR CB  HB2  sing N N 343 
TYR CB  HB3  sing N N 344 
TYR CG  CD1  doub Y N 345 
TYR CG  CD2  sing Y N 346 
TYR CD1 CE1  sing Y N 347 
TYR CD1 HD1  sing N N 348 
TYR CD2 CE2  doub Y N 349 
TYR CD2 HD2  sing N N 350 
TYR CE1 CZ   doub Y N 351 
TYR CE1 HE1  sing N N 352 
TYR CE2 CZ   sing Y N 353 
TYR CE2 HE2  sing N N 354 
TYR CZ  OH   sing N N 355 
TYR OH  HH   sing N N 356 
TYR OXT HXT  sing N N 357 
VAL N   CA   sing N N 358 
VAL N   H    sing N N 359 
VAL N   H2   sing N N 360 
VAL CA  C    sing N N 361 
VAL CA  CB   sing N N 362 
VAL CA  HA   sing N N 363 
VAL C   O    doub N N 364 
VAL C   OXT  sing N N 365 
VAL CB  CG1  sing N N 366 
VAL CB  CG2  sing N N 367 
VAL CB  HB   sing N N 368 
VAL CG1 HG11 sing N N 369 
VAL CG1 HG12 sing N N 370 
VAL CG1 HG13 sing N N 371 
VAL CG2 HG21 sing N N 372 
VAL CG2 HG22 sing N N 373 
VAL CG2 HG23 sing N N 374 
VAL OXT HXT  sing N N 375 
# 
_pdbx_audit_support.funding_organization   'Department of Biotechnology (DBT, India)' 
_pdbx_audit_support.country                India 
_pdbx_audit_support.grant_number           BT/HRD/35/02/19/2009 
_pdbx_audit_support.ordinal                1 
# 
_pdbx_entity_nonpoly.entity_id   2 
_pdbx_entity_nonpoly.name        water 
_pdbx_entity_nonpoly.comp_id     HOH 
# 
_pdbx_initial_refinement_model.id               1 
_pdbx_initial_refinement_model.entity_id_list   ? 
_pdbx_initial_refinement_model.type             'experimental model' 
_pdbx_initial_refinement_model.source_name      PDB 
_pdbx_initial_refinement_model.accession_code   4HTO 
_pdbx_initial_refinement_model.details          ? 
# 
_pdbx_struct_assembly_auth_evidence.id                     1 
_pdbx_struct_assembly_auth_evidence.assembly_id            1 
_pdbx_struct_assembly_auth_evidence.experimental_support   none 
_pdbx_struct_assembly_auth_evidence.details                ? 
# 
